data_6L9O
# 
_entry.id   6L9O 
# 
_audit_conform.dict_name       mmcif_pdbx.dic 
_audit_conform.dict_version    5.380 
_audit_conform.dict_location   http://mmcif.pdb.org/dictionaries/ascii/mmcif_pdbx.dic 
# 
loop_
_database_2.database_id 
_database_2.database_code 
_database_2.pdbx_database_accession 
_database_2.pdbx_DOI 
PDB   6L9O         pdb_00006l9o 10.2210/pdb6l9o/pdb 
WWPDB D_1300014430 ?            ?                   
# 
_pdbx_database_status.status_code                     REL 
_pdbx_database_status.status_code_sf                  REL 
_pdbx_database_status.status_code_mr                  ? 
_pdbx_database_status.entry_id                        6L9O 
_pdbx_database_status.recvd_initial_deposition_date   2019-11-10 
_pdbx_database_status.SG_entry                        N 
_pdbx_database_status.deposit_site                    PDBJ 
_pdbx_database_status.process_site                    PDBJ 
_pdbx_database_status.status_code_cs                  ? 
_pdbx_database_status.methods_development_category    ? 
_pdbx_database_status.pdb_format_compatible           Y 
_pdbx_database_status.status_code_nmr_data            ? 
# 
loop_
_audit_author.name 
_audit_author.pdbx_ordinal 
_audit_author.identifier_ORCID 
'Wei, P.C.' 1 ? 
'Yin, L.'   2 ? 
# 
_citation.abstract                  ? 
_citation.abstract_id_CAS           ? 
_citation.book_id_ISBN              ? 
_citation.book_publisher            ? 
_citation.book_publisher_city       ? 
_citation.book_title                ? 
_citation.coordinate_linkage        ? 
_citation.country                   ? 
_citation.database_id_Medline       ? 
_citation.details                   ? 
_citation.id                        primary 
_citation.journal_abbrev            'To Be Published' 
_citation.journal_id_ASTM           ? 
_citation.journal_id_CSD            0353 
_citation.journal_id_ISSN           ? 
_citation.journal_full              ? 
_citation.journal_issue             ? 
_citation.journal_volume            ? 
_citation.language                  ? 
_citation.page_first                ? 
_citation.page_last                 ? 
_citation.title                     'Crystal structure of FABP7 apo' 
_citation.year                      ? 
_citation.database_id_CSD           ? 
_citation.pdbx_database_id_DOI      ? 
_citation.pdbx_database_id_PubMed   ? 
_citation.unpublished_flag          ? 
# 
loop_
_citation_author.citation_id 
_citation_author.name 
_citation_author.ordinal 
_citation_author.identifier_ORCID 
primary 'Wei, P.C.' 1 ? 
primary 'Zhao, K.'  2 ? 
primary 'Yin, L.'   3 ? 
# 
_cell.angle_alpha                  90.000 
_cell.angle_alpha_esd              ? 
_cell.angle_beta                   90.000 
_cell.angle_beta_esd               ? 
_cell.angle_gamma                  90.000 
_cell.angle_gamma_esd              ? 
_cell.entry_id                     6L9O 
_cell.details                      ? 
_cell.formula_units_Z              ? 
_cell.length_a                     34.710 
_cell.length_a_esd                 ? 
_cell.length_b                     56.760 
_cell.length_b_esd                 ? 
_cell.length_c                     71.230 
_cell.length_c_esd                 ? 
_cell.volume                       ? 
_cell.volume_esd                   ? 
_cell.Z_PDB                        4 
_cell.reciprocal_angle_alpha       ? 
_cell.reciprocal_angle_beta        ? 
_cell.reciprocal_angle_gamma       ? 
_cell.reciprocal_angle_alpha_esd   ? 
_cell.reciprocal_angle_beta_esd    ? 
_cell.reciprocal_angle_gamma_esd   ? 
_cell.reciprocal_length_a          ? 
_cell.reciprocal_length_b          ? 
_cell.reciprocal_length_c          ? 
_cell.reciprocal_length_a_esd      ? 
_cell.reciprocal_length_b_esd      ? 
_cell.reciprocal_length_c_esd      ? 
_cell.pdbx_unique_axis             ? 
# 
_symmetry.entry_id                         6L9O 
_symmetry.cell_setting                     ? 
_symmetry.Int_Tables_number                19 
_symmetry.space_group_name_Hall            ? 
_symmetry.space_group_name_H-M             'P 21 21 21' 
_symmetry.pdbx_full_space_group_name_H-M   ? 
# 
loop_
_entity.id 
_entity.type 
_entity.src_method 
_entity.pdbx_description 
_entity.formula_weight 
_entity.pdbx_number_of_molecules 
_entity.pdbx_ec 
_entity.pdbx_mutation 
_entity.pdbx_fragment 
_entity.details 
1 polymer man 'Fatty acid-binding protein, brain' 15050.055 1   ? ? ? ? 
2 water   nat water                               18.015    191 ? ? ? ? 
# 
_entity_name_com.entity_id   1 
_entity_name_com.name        
;Brain lipid-binding protein,BLBP,Brain-type fatty acid-binding protein,B-FABP,Fatty acid-binding protein 7,Mammary-derived growth inhibitor related
;
# 
_entity_poly.entity_id                      1 
_entity_poly.type                           'polypeptide(L)' 
_entity_poly.nstd_linkage                   no 
_entity_poly.nstd_monomer                   no 
_entity_poly.pdbx_seq_one_letter_code       
;MVEAFCATWKLTNSQNFDEYMKALGVGFATRQVGNVTKPTVIISQEGDKVVIRTLSTFKNTEISFQLGEEFDETTADDRN
CKSVVSLDGDKLVHIQKWDGKETNFVREIKDGKMVMTLTFGDVVAVRHYEKAAA
;
_entity_poly.pdbx_seq_one_letter_code_can   
;MVEAFCATWKLTNSQNFDEYMKALGVGFATRQVGNVTKPTVIISQEGDKVVIRTLSTFKNTEISFQLGEEFDETTADDRN
CKSVVSLDGDKLVHIQKWDGKETNFVREIKDGKMVMTLTFGDVVAVRHYEKAAA
;
_entity_poly.pdbx_strand_id                 A 
_entity_poly.pdbx_target_identifier         ? 
# 
loop_
_entity_poly_seq.entity_id 
_entity_poly_seq.num 
_entity_poly_seq.mon_id 
_entity_poly_seq.hetero 
1 1   MET n 
1 2   VAL n 
1 3   GLU n 
1 4   ALA n 
1 5   PHE n 
1 6   CYS n 
1 7   ALA n 
1 8   THR n 
1 9   TRP n 
1 10  LYS n 
1 11  LEU n 
1 12  THR n 
1 13  ASN n 
1 14  SER n 
1 15  GLN n 
1 16  ASN n 
1 17  PHE n 
1 18  ASP n 
1 19  GLU n 
1 20  TYR n 
1 21  MET n 
1 22  LYS n 
1 23  ALA n 
1 24  LEU n 
1 25  GLY n 
1 26  VAL n 
1 27  GLY n 
1 28  PHE n 
1 29  ALA n 
1 30  THR n 
1 31  ARG n 
1 32  GLN n 
1 33  VAL n 
1 34  GLY n 
1 35  ASN n 
1 36  VAL n 
1 37  THR n 
1 38  LYS n 
1 39  PRO n 
1 40  THR n 
1 41  VAL n 
1 42  ILE n 
1 43  ILE n 
1 44  SER n 
1 45  GLN n 
1 46  GLU n 
1 47  GLY n 
1 48  ASP n 
1 49  LYS n 
1 50  VAL n 
1 51  VAL n 
1 52  ILE n 
1 53  ARG n 
1 54  THR n 
1 55  LEU n 
1 56  SER n 
1 57  THR n 
1 58  PHE n 
1 59  LYS n 
1 60  ASN n 
1 61  THR n 
1 62  GLU n 
1 63  ILE n 
1 64  SER n 
1 65  PHE n 
1 66  GLN n 
1 67  LEU n 
1 68  GLY n 
1 69  GLU n 
1 70  GLU n 
1 71  PHE n 
1 72  ASP n 
1 73  GLU n 
1 74  THR n 
1 75  THR n 
1 76  ALA n 
1 77  ASP n 
1 78  ASP n 
1 79  ARG n 
1 80  ASN n 
1 81  CYS n 
1 82  LYS n 
1 83  SER n 
1 84  VAL n 
1 85  VAL n 
1 86  SER n 
1 87  LEU n 
1 88  ASP n 
1 89  GLY n 
1 90  ASP n 
1 91  LYS n 
1 92  LEU n 
1 93  VAL n 
1 94  HIS n 
1 95  ILE n 
1 96  GLN n 
1 97  LYS n 
1 98  TRP n 
1 99  ASP n 
1 100 GLY n 
1 101 LYS n 
1 102 GLU n 
1 103 THR n 
1 104 ASN n 
1 105 PHE n 
1 106 VAL n 
1 107 ARG n 
1 108 GLU n 
1 109 ILE n 
1 110 LYS n 
1 111 ASP n 
1 112 GLY n 
1 113 LYS n 
1 114 MET n 
1 115 VAL n 
1 116 MET n 
1 117 THR n 
1 118 LEU n 
1 119 THR n 
1 120 PHE n 
1 121 GLY n 
1 122 ASP n 
1 123 VAL n 
1 124 VAL n 
1 125 ALA n 
1 126 VAL n 
1 127 ARG n 
1 128 HIS n 
1 129 TYR n 
1 130 GLU n 
1 131 LYS n 
1 132 ALA n 
1 133 ALA n 
1 134 ALA n 
# 
_entity_src_gen.entity_id                          1 
_entity_src_gen.pdbx_src_id                        1 
_entity_src_gen.pdbx_alt_source_flag               sample 
_entity_src_gen.pdbx_seq_type                      'Biological sequence' 
_entity_src_gen.pdbx_beg_seq_num                   1 
_entity_src_gen.pdbx_end_seq_num                   134 
_entity_src_gen.gene_src_common_name               Human 
_entity_src_gen.gene_src_genus                     ? 
_entity_src_gen.pdbx_gene_src_gene                 FABP7 
_entity_src_gen.gene_src_species                   ? 
_entity_src_gen.gene_src_strain                    ? 
_entity_src_gen.gene_src_tissue                    ? 
_entity_src_gen.gene_src_tissue_fraction           ? 
_entity_src_gen.gene_src_details                   ? 
_entity_src_gen.pdbx_gene_src_fragment             ? 
_entity_src_gen.pdbx_gene_src_scientific_name      'Homo sapiens' 
_entity_src_gen.pdbx_gene_src_ncbi_taxonomy_id     9606 
_entity_src_gen.pdbx_gene_src_variant              ? 
_entity_src_gen.pdbx_gene_src_cell_line            ? 
_entity_src_gen.pdbx_gene_src_atcc                 ? 
_entity_src_gen.pdbx_gene_src_organ                ? 
_entity_src_gen.pdbx_gene_src_organelle            ? 
_entity_src_gen.pdbx_gene_src_cell                 ? 
_entity_src_gen.pdbx_gene_src_cellular_location    ? 
_entity_src_gen.host_org_common_name               ? 
_entity_src_gen.pdbx_host_org_scientific_name      'Escherichia coli' 
_entity_src_gen.pdbx_host_org_ncbi_taxonomy_id     562 
_entity_src_gen.host_org_genus                     ? 
_entity_src_gen.pdbx_host_org_gene                 ? 
_entity_src_gen.pdbx_host_org_organ                ? 
_entity_src_gen.host_org_species                   ? 
_entity_src_gen.pdbx_host_org_tissue               ? 
_entity_src_gen.pdbx_host_org_tissue_fraction      ? 
_entity_src_gen.pdbx_host_org_strain               ? 
_entity_src_gen.pdbx_host_org_variant              ? 
_entity_src_gen.pdbx_host_org_cell_line            ? 
_entity_src_gen.pdbx_host_org_atcc                 ? 
_entity_src_gen.pdbx_host_org_culture_collection   ? 
_entity_src_gen.pdbx_host_org_cell                 ? 
_entity_src_gen.pdbx_host_org_organelle            ? 
_entity_src_gen.pdbx_host_org_cellular_location    ? 
_entity_src_gen.pdbx_host_org_vector_type          ? 
_entity_src_gen.pdbx_host_org_vector               ? 
_entity_src_gen.host_org_details                   ? 
_entity_src_gen.expression_system_id               ? 
_entity_src_gen.plasmid_name                       ? 
_entity_src_gen.plasmid_details                    ? 
_entity_src_gen.pdbx_description                   ? 
# 
_struct_ref.id                         1 
_struct_ref.db_name                    UNP 
_struct_ref.db_code                    FABP7_HUMAN 
_struct_ref.pdbx_db_accession          O15540 
_struct_ref.pdbx_db_isoform            ? 
_struct_ref.entity_id                  1 
_struct_ref.pdbx_seq_one_letter_code   
;MVEAFCATWKLTNSQNFDEYMKALGVGFATRQVGNVTKPTVIISQEGDKVVIRTLSTFKNTEISFQLGEEFDETTADDRN
CKSVVSLDGDKLVHIQKWDGKETNFVREIKDGKMVMTLTFGDVVAVRHYEKA
;
_struct_ref.pdbx_align_begin           1 
# 
_struct_ref_seq.align_id                      1 
_struct_ref_seq.ref_id                        1 
_struct_ref_seq.pdbx_PDB_id_code              6L9O 
_struct_ref_seq.pdbx_strand_id                A 
_struct_ref_seq.seq_align_beg                 1 
_struct_ref_seq.pdbx_seq_align_beg_ins_code   ? 
_struct_ref_seq.seq_align_end                 132 
_struct_ref_seq.pdbx_seq_align_end_ins_code   ? 
_struct_ref_seq.pdbx_db_accession             O15540 
_struct_ref_seq.db_align_beg                  1 
_struct_ref_seq.pdbx_db_align_beg_ins_code    ? 
_struct_ref_seq.db_align_end                  132 
_struct_ref_seq.pdbx_db_align_end_ins_code    ? 
_struct_ref_seq.pdbx_auth_seq_align_beg       1 
_struct_ref_seq.pdbx_auth_seq_align_end       132 
# 
loop_
_struct_ref_seq_dif.align_id 
_struct_ref_seq_dif.pdbx_pdb_id_code 
_struct_ref_seq_dif.mon_id 
_struct_ref_seq_dif.pdbx_pdb_strand_id 
_struct_ref_seq_dif.seq_num 
_struct_ref_seq_dif.pdbx_pdb_ins_code 
_struct_ref_seq_dif.pdbx_seq_db_name 
_struct_ref_seq_dif.pdbx_seq_db_accession_code 
_struct_ref_seq_dif.db_mon_id 
_struct_ref_seq_dif.pdbx_seq_db_seq_num 
_struct_ref_seq_dif.details 
_struct_ref_seq_dif.pdbx_auth_seq_num 
_struct_ref_seq_dif.pdbx_ordinal 
1 6L9O ALA A 133 ? UNP O15540 ? ? 'expression tag' 133 1 
1 6L9O ALA A 134 ? UNP O15540 ? ? 'expression tag' 134 2 
# 
loop_
_chem_comp.id 
_chem_comp.type 
_chem_comp.mon_nstd_flag 
_chem_comp.name 
_chem_comp.pdbx_synonyms 
_chem_comp.formula 
_chem_comp.formula_weight 
ALA 'L-peptide linking' y ALANINE         ? 'C3 H7 N O2'     89.093  
ARG 'L-peptide linking' y ARGININE        ? 'C6 H15 N4 O2 1' 175.209 
ASN 'L-peptide linking' y ASPARAGINE      ? 'C4 H8 N2 O3'    132.118 
ASP 'L-peptide linking' y 'ASPARTIC ACID' ? 'C4 H7 N O4'     133.103 
CYS 'L-peptide linking' y CYSTEINE        ? 'C3 H7 N O2 S'   121.158 
GLN 'L-peptide linking' y GLUTAMINE       ? 'C5 H10 N2 O3'   146.144 
GLU 'L-peptide linking' y 'GLUTAMIC ACID' ? 'C5 H9 N O4'     147.129 
GLY 'peptide linking'   y GLYCINE         ? 'C2 H5 N O2'     75.067  
HIS 'L-peptide linking' y HISTIDINE       ? 'C6 H10 N3 O2 1' 156.162 
HOH non-polymer         . WATER           ? 'H2 O'           18.015  
ILE 'L-peptide linking' y ISOLEUCINE      ? 'C6 H13 N O2'    131.173 
LEU 'L-peptide linking' y LEUCINE         ? 'C6 H13 N O2'    131.173 
LYS 'L-peptide linking' y LYSINE          ? 'C6 H15 N2 O2 1' 147.195 
MET 'L-peptide linking' y METHIONINE      ? 'C5 H11 N O2 S'  149.211 
PHE 'L-peptide linking' y PHENYLALANINE   ? 'C9 H11 N O2'    165.189 
PRO 'L-peptide linking' y PROLINE         ? 'C5 H9 N O2'     115.130 
SER 'L-peptide linking' y SERINE          ? 'C3 H7 N O3'     105.093 
THR 'L-peptide linking' y THREONINE       ? 'C4 H9 N O3'     119.119 
TRP 'L-peptide linking' y TRYPTOPHAN      ? 'C11 H12 N2 O2'  204.225 
TYR 'L-peptide linking' y TYROSINE        ? 'C9 H11 N O3'    181.189 
VAL 'L-peptide linking' y VALINE          ? 'C5 H11 N O2'    117.146 
# 
_exptl.absorpt_coefficient_mu     ? 
_exptl.absorpt_correction_T_max   ? 
_exptl.absorpt_correction_T_min   ? 
_exptl.absorpt_correction_type    ? 
_exptl.absorpt_process_details    ? 
_exptl.entry_id                   6L9O 
_exptl.crystals_number            1 
_exptl.details                    ? 
_exptl.method                     'X-RAY DIFFRACTION' 
_exptl.method_details             ? 
# 
_exptl_crystal.colour                      ? 
_exptl_crystal.density_diffrn              ? 
_exptl_crystal.density_Matthews            2.36 
_exptl_crystal.density_method              ? 
_exptl_crystal.density_percent_sol         47.94 
_exptl_crystal.description                 ? 
_exptl_crystal.F_000                       ? 
_exptl_crystal.id                          1 
_exptl_crystal.preparation                 ? 
_exptl_crystal.size_max                    ? 
_exptl_crystal.size_mid                    ? 
_exptl_crystal.size_min                    ? 
_exptl_crystal.size_rad                    ? 
_exptl_crystal.colour_lustre               ? 
_exptl_crystal.colour_modifier             ? 
_exptl_crystal.colour_primary              ? 
_exptl_crystal.density_meas                ? 
_exptl_crystal.density_meas_esd            ? 
_exptl_crystal.density_meas_gt             ? 
_exptl_crystal.density_meas_lt             ? 
_exptl_crystal.density_meas_temp           ? 
_exptl_crystal.density_meas_temp_esd       ? 
_exptl_crystal.density_meas_temp_gt        ? 
_exptl_crystal.density_meas_temp_lt        ? 
_exptl_crystal.pdbx_crystal_image_url      ? 
_exptl_crystal.pdbx_crystal_image_format   ? 
_exptl_crystal.pdbx_mosaicity              ? 
_exptl_crystal.pdbx_mosaicity_esd          ? 
# 
_exptl_crystal_grow.apparatus       ? 
_exptl_crystal_grow.atmosphere      ? 
_exptl_crystal_grow.crystal_id      1 
_exptl_crystal_grow.details         ? 
_exptl_crystal_grow.method          'VAPOR DIFFUSION, SITTING DROP' 
_exptl_crystal_grow.method_ref      ? 
_exptl_crystal_grow.pH              ? 
_exptl_crystal_grow.pressure        ? 
_exptl_crystal_grow.pressure_esd    ? 
_exptl_crystal_grow.seeding         ? 
_exptl_crystal_grow.seeding_ref     ? 
_exptl_crystal_grow.temp            277.15 
_exptl_crystal_grow.temp_details    ? 
_exptl_crystal_grow.temp_esd        ? 
_exptl_crystal_grow.time            ? 
_exptl_crystal_grow.pdbx_details    '0.1 M Bis-Tris 5.5 25% w/vPEG 3350' 
_exptl_crystal_grow.pdbx_pH_range   ? 
# 
_diffrn.ambient_environment              ? 
_diffrn.ambient_temp                     95 
_diffrn.ambient_temp_details             ? 
_diffrn.ambient_temp_esd                 ? 
_diffrn.crystal_id                       1 
_diffrn.crystal_support                  ? 
_diffrn.crystal_treatment                ? 
_diffrn.details                          ? 
_diffrn.id                               1 
_diffrn.ambient_pressure                 ? 
_diffrn.ambient_pressure_esd             ? 
_diffrn.ambient_pressure_gt              ? 
_diffrn.ambient_pressure_lt              ? 
_diffrn.ambient_temp_gt                  ? 
_diffrn.ambient_temp_lt                  ? 
_diffrn.pdbx_serial_crystal_experiment   N 
# 
_diffrn_detector.details                      ? 
_diffrn_detector.detector                     CCD 
_diffrn_detector.diffrn_id                    1 
_diffrn_detector.type                         'ADSC QUANTUM 315' 
_diffrn_detector.area_resol_mean              ? 
_diffrn_detector.dtime                        ? 
_diffrn_detector.pdbx_frames_total            ? 
_diffrn_detector.pdbx_collection_time_total   ? 
_diffrn_detector.pdbx_collection_date         2019-03-25 
_diffrn_detector.pdbx_frequency               ? 
# 
_diffrn_radiation.collimation                      ? 
_diffrn_radiation.diffrn_id                        1 
_diffrn_radiation.filter_edge                      ? 
_diffrn_radiation.inhomogeneity                    ? 
_diffrn_radiation.monochromator                    ? 
_diffrn_radiation.polarisn_norm                    ? 
_diffrn_radiation.polarisn_ratio                   ? 
_diffrn_radiation.probe                            ? 
_diffrn_radiation.type                             ? 
_diffrn_radiation.xray_symbol                      ? 
_diffrn_radiation.wavelength_id                    1 
_diffrn_radiation.pdbx_monochromatic_or_laue_m_l   M 
_diffrn_radiation.pdbx_wavelength_list             ? 
_diffrn_radiation.pdbx_wavelength                  ? 
_diffrn_radiation.pdbx_diffrn_protocol             'SINGLE WAVELENGTH' 
_diffrn_radiation.pdbx_analyzer                    ? 
_diffrn_radiation.pdbx_scattering_type             x-ray 
# 
_diffrn_radiation_wavelength.id           1 
_diffrn_radiation_wavelength.wavelength   1 
_diffrn_radiation_wavelength.wt           1.0 
# 
_diffrn_source.current                     ? 
_diffrn_source.details                     ? 
_diffrn_source.diffrn_id                   1 
_diffrn_source.power                       ? 
_diffrn_source.size                        ? 
_diffrn_source.source                      SYNCHROTRON 
_diffrn_source.target                      ? 
_diffrn_source.type                        'SSRF BEAMLINE BL19U1' 
_diffrn_source.voltage                     ? 
_diffrn_source.take-off_angle              ? 
_diffrn_source.pdbx_wavelength_list        1 
_diffrn_source.pdbx_wavelength             ? 
_diffrn_source.pdbx_synchrotron_beamline   BL19U1 
_diffrn_source.pdbx_synchrotron_site       SSRF 
# 
_reflns.B_iso_Wilson_estimate            ? 
_reflns.entry_id                         6L9O 
_reflns.data_reduction_details           ? 
_reflns.data_reduction_method            ? 
_reflns.d_resolution_high                1.42 
_reflns.d_resolution_low                 71.23 
_reflns.details                          ? 
_reflns.limit_h_max                      ? 
_reflns.limit_h_min                      ? 
_reflns.limit_k_max                      ? 
_reflns.limit_k_min                      ? 
_reflns.limit_l_max                      ? 
_reflns.limit_l_min                      ? 
_reflns.number_all                       ? 
_reflns.number_obs                       27180 
_reflns.observed_criterion               ? 
_reflns.observed_criterion_F_max         ? 
_reflns.observed_criterion_F_min         ? 
_reflns.observed_criterion_I_max         ? 
_reflns.observed_criterion_I_min         ? 
_reflns.observed_criterion_sigma_F       ? 
_reflns.observed_criterion_sigma_I       ? 
_reflns.percent_possible_obs             99.8 
_reflns.R_free_details                   ? 
_reflns.Rmerge_F_all                     ? 
_reflns.Rmerge_F_obs                     ? 
_reflns.Friedel_coverage                 ? 
_reflns.number_gt                        ? 
_reflns.threshold_expression             ? 
_reflns.pdbx_redundancy                  5.5 
_reflns.pdbx_Rmerge_I_obs                0.072 
_reflns.pdbx_Rmerge_I_all                ? 
_reflns.pdbx_Rsym_value                  ? 
_reflns.pdbx_netI_over_av_sigmaI         ? 
_reflns.pdbx_netI_over_sigmaI            12.7 
_reflns.pdbx_res_netI_over_av_sigmaI_2   ? 
_reflns.pdbx_res_netI_over_sigmaI_2      ? 
_reflns.pdbx_chi_squared                 ? 
_reflns.pdbx_scaling_rejects             ? 
_reflns.pdbx_d_res_high_opt              ? 
_reflns.pdbx_d_res_low_opt               ? 
_reflns.pdbx_d_res_opt_method            ? 
_reflns.phase_calculation_details        ? 
_reflns.pdbx_Rrim_I_all                  ? 
_reflns.pdbx_Rpim_I_all                  ? 
_reflns.pdbx_d_opt                       ? 
_reflns.pdbx_number_measured_all         ? 
_reflns.pdbx_diffrn_id                   1 
_reflns.pdbx_ordinal                     1 
_reflns.pdbx_CC_half                     ? 
_reflns.pdbx_CC_star                     ? 
_reflns.pdbx_R_split                     ? 
# 
_reflns_shell.d_res_high                  1.42 
_reflns_shell.d_res_low                   1.45 
_reflns_shell.meanI_over_sigI_all         ? 
_reflns_shell.meanI_over_sigI_obs         5.7 
_reflns_shell.number_measured_all         ? 
_reflns_shell.number_measured_obs         ? 
_reflns_shell.number_possible             ? 
_reflns_shell.number_unique_all           ? 
_reflns_shell.number_unique_obs           7670 
_reflns_shell.percent_possible_all        99.11 
_reflns_shell.percent_possible_obs        ? 
_reflns_shell.Rmerge_F_all                ? 
_reflns_shell.Rmerge_F_obs                ? 
_reflns_shell.Rmerge_I_all                ? 
_reflns_shell.Rmerge_I_obs                0.220 
_reflns_shell.meanI_over_sigI_gt          ? 
_reflns_shell.meanI_over_uI_all           ? 
_reflns_shell.meanI_over_uI_gt            ? 
_reflns_shell.number_measured_gt          ? 
_reflns_shell.number_unique_gt            ? 
_reflns_shell.percent_possible_gt         ? 
_reflns_shell.Rmerge_F_gt                 ? 
_reflns_shell.Rmerge_I_gt                 ? 
_reflns_shell.pdbx_redundancy             5.7 
_reflns_shell.pdbx_Rsym_value             ? 
_reflns_shell.pdbx_chi_squared            ? 
_reflns_shell.pdbx_netI_over_sigmaI_all   ? 
_reflns_shell.pdbx_netI_over_sigmaI_obs   ? 
_reflns_shell.pdbx_Rrim_I_all             ? 
_reflns_shell.pdbx_Rpim_I_all             ? 
_reflns_shell.pdbx_rejects                ? 
_reflns_shell.pdbx_ordinal                1 
_reflns_shell.pdbx_diffrn_id              1 
_reflns_shell.pdbx_CC_half                ? 
_reflns_shell.pdbx_CC_star                ? 
_reflns_shell.pdbx_R_split                ? 
# 
_refine.aniso_B[1][1]                            ? 
_refine.aniso_B[1][2]                            ? 
_refine.aniso_B[1][3]                            ? 
_refine.aniso_B[2][2]                            ? 
_refine.aniso_B[2][3]                            ? 
_refine.aniso_B[3][3]                            ? 
_refine.B_iso_max                                57.570 
_refine.B_iso_mean                               17.0395 
_refine.B_iso_min                                7.080 
_refine.correlation_coeff_Fo_to_Fc               ? 
_refine.correlation_coeff_Fo_to_Fc_free          ? 
_refine.details                                  ? 
_refine.diff_density_max                         ? 
_refine.diff_density_max_esd                     ? 
_refine.diff_density_min                         ? 
_refine.diff_density_min_esd                     ? 
_refine.diff_density_rms                         ? 
_refine.diff_density_rms_esd                     ? 
_refine.entry_id                                 6L9O 
_refine.pdbx_refine_id                           'X-RAY DIFFRACTION' 
_refine.ls_abs_structure_details                 ? 
_refine.ls_abs_structure_Flack                   ? 
_refine.ls_abs_structure_Flack_esd               ? 
_refine.ls_abs_structure_Rogers                  ? 
_refine.ls_abs_structure_Rogers_esd              ? 
_refine.ls_d_res_high                            1.4200 
_refine.ls_d_res_low                             35.6150 
_refine.ls_extinction_coef                       ? 
_refine.ls_extinction_coef_esd                   ? 
_refine.ls_extinction_expression                 ? 
_refine.ls_extinction_method                     ? 
_refine.ls_goodness_of_fit_all                   ? 
_refine.ls_goodness_of_fit_all_esd               ? 
_refine.ls_goodness_of_fit_obs                   ? 
_refine.ls_goodness_of_fit_obs_esd               ? 
_refine.ls_hydrogen_treatment                    ? 
_refine.ls_matrix_type                           ? 
_refine.ls_number_constraints                    ? 
_refine.ls_number_parameters                     ? 
_refine.ls_number_reflns_all                     ? 
_refine.ls_number_reflns_obs                     27180 
_refine.ls_number_reflns_R_free                  1999 
_refine.ls_number_reflns_R_work                  ? 
_refine.ls_number_restraints                     ? 
_refine.ls_percent_reflns_obs                    99.6500 
_refine.ls_percent_reflns_R_free                 7.3500 
_refine.ls_R_factor_all                          ? 
_refine.ls_R_factor_obs                          0.1746 
_refine.ls_R_factor_R_free                       0.1829 
_refine.ls_R_factor_R_free_error                 ? 
_refine.ls_R_factor_R_free_error_details         ? 
_refine.ls_R_factor_R_work                       0.1739 
_refine.ls_R_Fsqd_factor_obs                     ? 
_refine.ls_R_I_factor_obs                        ? 
_refine.ls_redundancy_reflns_all                 ? 
_refine.ls_redundancy_reflns_obs                 ? 
_refine.ls_restrained_S_all                      ? 
_refine.ls_restrained_S_obs                      ? 
_refine.ls_shift_over_esd_max                    ? 
_refine.ls_shift_over_esd_mean                   ? 
_refine.ls_structure_factor_coef                 ? 
_refine.ls_weighting_details                     ? 
_refine.ls_weighting_scheme                      ? 
_refine.ls_wR_factor_all                         ? 
_refine.ls_wR_factor_obs                         ? 
_refine.ls_wR_factor_R_free                      ? 
_refine.ls_wR_factor_R_work                      ? 
_refine.occupancy_max                            ? 
_refine.occupancy_min                            ? 
_refine.solvent_model_details                    ? 
_refine.solvent_model_param_bsol                 ? 
_refine.solvent_model_param_ksol                 ? 
_refine.pdbx_R_complete                          ? 
_refine.ls_R_factor_gt                           ? 
_refine.ls_goodness_of_fit_gt                    ? 
_refine.ls_goodness_of_fit_ref                   ? 
_refine.ls_shift_over_su_max                     ? 
_refine.ls_shift_over_su_max_lt                  ? 
_refine.ls_shift_over_su_mean                    ? 
_refine.ls_shift_over_su_mean_lt                 ? 
_refine.pdbx_ls_sigma_I                          ? 
_refine.pdbx_ls_sigma_F                          1.340 
_refine.pdbx_ls_sigma_Fsqd                       ? 
_refine.pdbx_data_cutoff_high_absF               ? 
_refine.pdbx_data_cutoff_high_rms_absF           ? 
_refine.pdbx_data_cutoff_low_absF                ? 
_refine.pdbx_isotropic_thermal_model             ? 
_refine.pdbx_ls_cross_valid_method               THROUGHOUT 
_refine.pdbx_method_to_determine_struct          'MOLECULAR REPLACEMENT' 
_refine.pdbx_starting_model                      1FE3 
_refine.pdbx_stereochemistry_target_values       ? 
_refine.pdbx_R_Free_selection_details            ? 
_refine.pdbx_stereochem_target_val_spec_case     ? 
_refine.pdbx_overall_ESU_R                       ? 
_refine.pdbx_overall_ESU_R_Free                  ? 
_refine.pdbx_solvent_vdw_probe_radii             1.1100 
_refine.pdbx_solvent_ion_probe_radii             ? 
_refine.pdbx_solvent_shrinkage_radii             0.9000 
_refine.pdbx_real_space_R                        ? 
_refine.pdbx_density_correlation                 ? 
_refine.pdbx_pd_number_of_powder_patterns        ? 
_refine.pdbx_pd_number_of_points                 ? 
_refine.pdbx_pd_meas_number_of_points            ? 
_refine.pdbx_pd_proc_ls_prof_R_factor            ? 
_refine.pdbx_pd_proc_ls_prof_wR_factor           ? 
_refine.pdbx_pd_Marquardt_correlation_coeff      ? 
_refine.pdbx_pd_Fsqrd_R_factor                   ? 
_refine.pdbx_pd_ls_matrix_band_width             ? 
_refine.pdbx_overall_phase_error                 17.7900 
_refine.pdbx_overall_SU_R_free_Cruickshank_DPI   ? 
_refine.pdbx_overall_SU_R_free_Blow_DPI          ? 
_refine.pdbx_overall_SU_R_Blow_DPI               ? 
_refine.pdbx_TLS_residual_ADP_flag               ? 
_refine.pdbx_diffrn_id                           1 
_refine.overall_SU_B                             ? 
_refine.overall_SU_ML                            0.1300 
_refine.overall_SU_R_Cruickshank_DPI             ? 
_refine.overall_SU_R_free                        ? 
_refine.overall_FOM_free_R_set                   ? 
_refine.overall_FOM_work_R_set                   ? 
_refine.pdbx_average_fsc_overall                 ? 
_refine.pdbx_average_fsc_work                    ? 
_refine.pdbx_average_fsc_free                    ? 
# 
_refine_hist.pdbx_refine_id                   'X-RAY DIFFRACTION' 
_refine_hist.cycle_id                         final 
_refine_hist.details                          ? 
_refine_hist.d_res_high                       1.4200 
_refine_hist.d_res_low                        35.6150 
_refine_hist.number_atoms_solvent             191 
_refine_hist.number_atoms_total               1233 
_refine_hist.number_reflns_all                ? 
_refine_hist.number_reflns_obs                ? 
_refine_hist.number_reflns_R_free             ? 
_refine_hist.number_reflns_R_work             ? 
_refine_hist.R_factor_all                     ? 
_refine_hist.R_factor_obs                     ? 
_refine_hist.R_factor_R_free                  ? 
_refine_hist.R_factor_R_work                  ? 
_refine_hist.pdbx_number_residues_total       132 
_refine_hist.pdbx_B_iso_mean_ligand           ? 
_refine_hist.pdbx_B_iso_mean_solvent          27.82 
_refine_hist.pdbx_number_atoms_protein        1042 
_refine_hist.pdbx_number_atoms_nucleic_acid   0 
_refine_hist.pdbx_number_atoms_ligand         0 
_refine_hist.pdbx_number_atoms_lipid          ? 
_refine_hist.pdbx_number_atoms_carb           ? 
_refine_hist.pdbx_pseudo_atom_details         ? 
# 
loop_
_refine_ls_shell.pdbx_refine_id 
_refine_ls_shell.d_res_high 
_refine_ls_shell.d_res_low 
_refine_ls_shell.number_reflns_all 
_refine_ls_shell.number_reflns_obs 
_refine_ls_shell.number_reflns_R_free 
_refine_ls_shell.number_reflns_R_work 
_refine_ls_shell.percent_reflns_obs 
_refine_ls_shell.percent_reflns_R_free 
_refine_ls_shell.R_factor_all 
_refine_ls_shell.R_factor_obs 
_refine_ls_shell.R_factor_R_free 
_refine_ls_shell.R_factor_R_free_error 
_refine_ls_shell.R_factor_R_work 
_refine_ls_shell.redundancy_reflns_all 
_refine_ls_shell.redundancy_reflns_obs 
_refine_ls_shell.wR_factor_all 
_refine_ls_shell.wR_factor_obs 
_refine_ls_shell.wR_factor_R_free 
_refine_ls_shell.wR_factor_R_work 
_refine_ls_shell.pdbx_R_complete 
_refine_ls_shell.pdbx_total_number_of_bins_used 
_refine_ls_shell.pdbx_phase_error 
_refine_ls_shell.pdbx_fsc_work 
_refine_ls_shell.pdbx_fsc_free 
'X-RAY DIFFRACTION' 1.4203 1.4558  . . 139 1755 98.0000  . . . 0.2523 0.0000 0.2167 . . . . . . . . . . . 
'X-RAY DIFFRACTION' 1.4558 1.4952  . . 141 1769 100.0000 . . . 0.2214 0.0000 0.1974 . . . . . . . . . . . 
'X-RAY DIFFRACTION' 1.4952 1.5392  . . 139 1749 99.0000  . . . 0.2280 0.0000 0.1836 . . . . . . . . . . . 
'X-RAY DIFFRACTION' 1.5392 1.5889  . . 141 1789 100.0000 . . . 0.2044 0.0000 0.1726 . . . . . . . . . . . 
'X-RAY DIFFRACTION' 1.5889 1.6456  . . 141 1769 100.0000 . . . 0.1830 0.0000 0.1704 . . . . . . . . . . . 
'X-RAY DIFFRACTION' 1.6456 1.7115  . . 141 1775 100.0000 . . . 0.2079 0.0000 0.1742 . . . . . . . . . . . 
'X-RAY DIFFRACTION' 1.7115 1.7894  . . 141 1778 100.0000 . . . 0.1854 0.0000 0.1712 . . . . . . . . . . . 
'X-RAY DIFFRACTION' 1.7894 1.8838  . . 142 1782 100.0000 . . . 0.2094 0.0000 0.1737 . . . . . . . . . . . 
'X-RAY DIFFRACTION' 1.8838 2.0018  . . 141 1786 100.0000 . . . 0.1863 0.0000 0.1538 . . . . . . . . . . . 
'X-RAY DIFFRACTION' 2.0018 2.1563  . . 144 1819 100.0000 . . . 0.1574 0.0000 0.1574 . . . . . . . . . . . 
'X-RAY DIFFRACTION' 2.1563 2.3733  . . 144 1804 100.0000 . . . 0.1835 0.0000 0.1750 . . . . . . . . . . . 
'X-RAY DIFFRACTION' 2.3733 2.7166  . . 143 1817 100.0000 . . . 0.1854 0.0000 0.1788 . . . . . . . . . . . 
'X-RAY DIFFRACTION' 2.7166 3.4222  . . 148 1845 100.0000 . . . 0.1805 0.0000 0.1718 . . . . . . . . . . . 
'X-RAY DIFFRACTION' 3.4222 35.6150 . . 154 1944 100.0000 . . . 0.1629 0.0000 0.1751 . . . . . . . . . . . 
# 
_struct.entry_id                     6L9O 
_struct.title                        'Crystal structure of FABP7 apo' 
_struct.pdbx_model_details           ? 
_struct.pdbx_formula_weight          ? 
_struct.pdbx_formula_weight_method   ? 
_struct.pdbx_model_type_details      ? 
_struct.pdbx_CASP_flag               N 
# 
_struct_keywords.entry_id        6L9O 
_struct_keywords.text            'Fatty acid-binding protein, LIPID BINDING PROTEIN' 
_struct_keywords.pdbx_keywords   'LIPID BINDING PROTEIN' 
# 
loop_
_struct_asym.id 
_struct_asym.pdbx_blank_PDB_chainid_flag 
_struct_asym.pdbx_modified 
_struct_asym.entity_id 
_struct_asym.details 
A N N 1 ? 
B N N 2 ? 
# 
loop_
_struct_conf.conf_type_id 
_struct_conf.id 
_struct_conf.pdbx_PDB_helix_id 
_struct_conf.beg_label_comp_id 
_struct_conf.beg_label_asym_id 
_struct_conf.beg_label_seq_id 
_struct_conf.pdbx_beg_PDB_ins_code 
_struct_conf.end_label_comp_id 
_struct_conf.end_label_asym_id 
_struct_conf.end_label_seq_id 
_struct_conf.pdbx_end_PDB_ins_code 
_struct_conf.beg_auth_comp_id 
_struct_conf.beg_auth_asym_id 
_struct_conf.beg_auth_seq_id 
_struct_conf.end_auth_comp_id 
_struct_conf.end_auth_asym_id 
_struct_conf.end_auth_seq_id 
_struct_conf.pdbx_PDB_helix_class 
_struct_conf.details 
_struct_conf.pdbx_PDB_helix_length 
HELX_P HELX_P1 AA1 MET A 1  ? CYS A 6  ? MET A 1  CYS A 6  5 ? 6  
HELX_P HELX_P2 AA2 ASN A 16 ? GLY A 25 ? ASN A 16 GLY A 25 1 ? 10 
HELX_P HELX_P3 AA3 GLY A 27 ? THR A 37 ? GLY A 27 THR A 37 1 ? 11 
# 
_struct_conf_type.id          HELX_P 
_struct_conf_type.criteria    ? 
_struct_conf_type.reference   ? 
# 
_struct_sheet.id               AA1 
_struct_sheet.type             ? 
_struct_sheet.number_strands   10 
_struct_sheet.details          ? 
# 
loop_
_struct_sheet_order.sheet_id 
_struct_sheet_order.range_id_1 
_struct_sheet_order.range_id_2 
_struct_sheet_order.offset 
_struct_sheet_order.sense 
AA1 1 2  ? anti-parallel 
AA1 2 3  ? anti-parallel 
AA1 3 4  ? anti-parallel 
AA1 4 5  ? anti-parallel 
AA1 5 6  ? anti-parallel 
AA1 6 7  ? anti-parallel 
AA1 7 8  ? anti-parallel 
AA1 8 9  ? anti-parallel 
AA1 9 10 ? anti-parallel 
# 
loop_
_struct_sheet_range.sheet_id 
_struct_sheet_range.id 
_struct_sheet_range.beg_label_comp_id 
_struct_sheet_range.beg_label_asym_id 
_struct_sheet_range.beg_label_seq_id 
_struct_sheet_range.pdbx_beg_PDB_ins_code 
_struct_sheet_range.end_label_comp_id 
_struct_sheet_range.end_label_asym_id 
_struct_sheet_range.end_label_seq_id 
_struct_sheet_range.pdbx_end_PDB_ins_code 
_struct_sheet_range.beg_auth_comp_id 
_struct_sheet_range.beg_auth_asym_id 
_struct_sheet_range.beg_auth_seq_id 
_struct_sheet_range.end_auth_comp_id 
_struct_sheet_range.end_auth_asym_id 
_struct_sheet_range.end_auth_seq_id 
AA1 1  THR A 61  ? PHE A 65  ? THR A 61  PHE A 65  
AA1 2  LYS A 49  ? LEU A 55  ? LYS A 49  LEU A 55  
AA1 3  THR A 40  ? GLU A 46  ? THR A 40  GLU A 46  
AA1 4  ALA A 7   ? GLN A 15  ? ALA A 7   GLN A 15  
AA1 5  VAL A 123 ? ALA A 132 ? VAL A 123 ALA A 132 
AA1 6  LYS A 113 ? PHE A 120 ? LYS A 113 PHE A 120 
AA1 7  LYS A 101 ? LYS A 110 ? LYS A 101 LYS A 110 
AA1 8  LYS A 91  ? TRP A 98  ? LYS A 91  TRP A 98  
AA1 9  ASN A 80  ? ASP A 88  ? ASN A 80  ASP A 88  
AA1 10 PHE A 71  ? THR A 74  ? PHE A 71  THR A 74  
# 
loop_
_pdbx_struct_sheet_hbond.sheet_id 
_pdbx_struct_sheet_hbond.range_id_1 
_pdbx_struct_sheet_hbond.range_id_2 
_pdbx_struct_sheet_hbond.range_1_label_atom_id 
_pdbx_struct_sheet_hbond.range_1_label_comp_id 
_pdbx_struct_sheet_hbond.range_1_label_asym_id 
_pdbx_struct_sheet_hbond.range_1_label_seq_id 
_pdbx_struct_sheet_hbond.range_1_PDB_ins_code 
_pdbx_struct_sheet_hbond.range_1_auth_atom_id 
_pdbx_struct_sheet_hbond.range_1_auth_comp_id 
_pdbx_struct_sheet_hbond.range_1_auth_asym_id 
_pdbx_struct_sheet_hbond.range_1_auth_seq_id 
_pdbx_struct_sheet_hbond.range_2_label_atom_id 
_pdbx_struct_sheet_hbond.range_2_label_comp_id 
_pdbx_struct_sheet_hbond.range_2_label_asym_id 
_pdbx_struct_sheet_hbond.range_2_label_seq_id 
_pdbx_struct_sheet_hbond.range_2_PDB_ins_code 
_pdbx_struct_sheet_hbond.range_2_auth_atom_id 
_pdbx_struct_sheet_hbond.range_2_auth_comp_id 
_pdbx_struct_sheet_hbond.range_2_auth_asym_id 
_pdbx_struct_sheet_hbond.range_2_auth_seq_id 
AA1 1 2  O PHE A 65  ? O PHE A 65  N VAL A 50  ? N VAL A 50  
AA1 2 3  O ARG A 53  ? O ARG A 53  N ILE A 42  ? N ILE A 42  
AA1 3 4  O VAL A 41  ? O VAL A 41  N TRP A 9   ? N TRP A 9   
AA1 4 5  N GLN A 15  ? N GLN A 15  O VAL A 126 ? O VAL A 126 
AA1 5 6  O ARG A 127 ? O ARG A 127 N MET A 116 ? N MET A 116 
AA1 6 7  O LYS A 113 ? O LYS A 113 N LYS A 110 ? N LYS A 110 
AA1 7 8  O LYS A 101 ? O LYS A 101 N TRP A 98  ? N TRP A 98  
AA1 8 9  O VAL A 93  ? O VAL A 93  N SER A 86  ? N SER A 86  
AA1 9 10 O CYS A 81  ? O CYS A 81  N GLU A 73  ? N GLU A 73  
# 
_atom_sites.entry_id                    6L9O 
_atom_sites.Cartn_transf_matrix[1][1]   ? 
_atom_sites.Cartn_transf_matrix[1][2]   ? 
_atom_sites.Cartn_transf_matrix[1][3]   ? 
_atom_sites.Cartn_transf_matrix[2][1]   ? 
_atom_sites.Cartn_transf_matrix[2][2]   ? 
_atom_sites.Cartn_transf_matrix[2][3]   ? 
_atom_sites.Cartn_transf_matrix[3][1]   ? 
_atom_sites.Cartn_transf_matrix[3][2]   ? 
_atom_sites.Cartn_transf_matrix[3][3]   ? 
_atom_sites.Cartn_transf_vector[1]      ? 
_atom_sites.Cartn_transf_vector[2]      ? 
_atom_sites.Cartn_transf_vector[3]      ? 
_atom_sites.fract_transf_matrix[1][1]   0.00591021 
_atom_sites.fract_transf_matrix[1][2]   0.02789159 
_atom_sites.fract_transf_matrix[1][3]   -0.00414066 
_atom_sites.fract_transf_matrix[2][1]   -0.01722625 
_atom_sites.fract_transf_matrix[2][2]   0.00368654 
_atom_sites.fract_transf_matrix[2][3]   0.00024458 
_atom_sites.fract_transf_matrix[3][1]   0.00061088 
_atom_sites.fract_transf_matrix[3][2]   0.00193288 
_atom_sites.fract_transf_matrix[3][3]   0.01389188 
_atom_sites.fract_transf_vector[1]      0.075575 
_atom_sites.fract_transf_vector[2]      -0.006062 
_atom_sites.fract_transf_vector[3]      -0.271734 
_atom_sites.solution_primary            ? 
_atom_sites.solution_secondary          ? 
_atom_sites.solution_hydrogens          ? 
_atom_sites.special_details             ? 
# 
loop_
_atom_type.symbol 
C 
N 
O 
S 
# 
loop_
_atom_site.group_PDB 
_atom_site.id 
_atom_site.type_symbol 
_atom_site.label_atom_id 
_atom_site.label_alt_id 
_atom_site.label_comp_id 
_atom_site.label_asym_id 
_atom_site.label_entity_id 
_atom_site.label_seq_id 
_atom_site.pdbx_PDB_ins_code 
_atom_site.Cartn_x 
_atom_site.Cartn_y 
_atom_site.Cartn_z 
_atom_site.occupancy 
_atom_site.B_iso_or_equiv 
_atom_site.pdbx_formal_charge 
_atom_site.auth_seq_id 
_atom_site.auth_comp_id 
_atom_site.auth_asym_id 
_atom_site.auth_atom_id 
_atom_site.pdbx_PDB_model_num 
ATOM   1    N N   . MET A 1 1   ? 7.235   -2.900  -15.920 1.00 39.66 ? 1   MET A N   1 
ATOM   2    C CA  . MET A 1 1   ? 6.823   -1.502  -15.897 1.00 33.44 ? 1   MET A CA  1 
ATOM   3    C C   . MET A 1 1   ? 5.534   -1.336  -15.098 1.00 17.22 ? 1   MET A C   1 
ATOM   4    O O   . MET A 1 1   ? 5.011   -2.309  -14.542 1.00 20.58 ? 1   MET A O   1 
ATOM   5    C CB  . MET A 1 1   ? 6.644   -0.976  -17.311 1.00 33.04 ? 1   MET A CB  1 
ATOM   6    N N   . VAL A 1 2   ? 5.027   -0.098  -15.041 1.00 20.74 ? 2   VAL A N   1 
ATOM   7    C CA  . VAL A 1 2   ? 3.826   0.178   -14.255 1.00 15.12 ? 2   VAL A CA  1 
ATOM   8    C C   . VAL A 1 2   ? 2.637   -0.618  -14.778 1.00 16.24 ? 2   VAL A C   1 
ATOM   9    O O   . VAL A 1 2   ? 1.784   -1.065  -14.001 1.00 13.74 ? 2   VAL A O   1 
ATOM   10   C CB  . VAL A 1 2   ? 3.544   1.689   -14.188 1.00 17.10 ? 2   VAL A CB  1 
ATOM   11   C CG1 . VAL A 1 2   ? 2.209   1.951   -13.533 1.00 19.96 ? 2   VAL A CG1 1 
ATOM   12   C CG2 . VAL A 1 2   ? 4.646   2.381   -13.421 1.00 19.56 ? 2   VAL A CG2 1 
ATOM   13   N N   . GLU A 1 3   ? 2.573   -0.830  -16.097 1.00 15.18 ? 3   GLU A N   1 
ATOM   14   C CA  . GLU A 1 3   ? 1.421   -1.513  -16.683 1.00 15.56 ? 3   GLU A CA  1 
ATOM   15   C C   . GLU A 1 3   ? 1.180   -2.887  -16.065 1.00 13.32 ? 3   GLU A C   1 
ATOM   16   O O   . GLU A 1 3   ? 0.031   -3.333  -15.991 1.00 13.93 ? 3   GLU A O   1 
ATOM   17   C CB  . GLU A 1 3   ? 1.572   -1.605  -18.207 1.00 18.85 ? 3   GLU A CB  1 
ATOM   18   C CG  . GLU A 1 3   ? 2.792   -2.389  -18.682 1.00 22.83 ? 3   GLU A CG  1 
ATOM   19   C CD  . GLU A 1 3   ? 2.574   -3.893  -18.679 0.00 38.94 ? 3   GLU A CD  1 
ATOM   20   O OE1 . GLU A 1 3   ? 3.525   -4.632  -18.343 0.00 37.90 ? 3   GLU A OE1 1 
ATOM   21   O OE2 . GLU A 1 3   ? 1.452   -4.335  -19.009 0.00 41.61 ? 3   GLU A OE2 1 
ATOM   22   N N   . ALA A 1 4   ? 2.241   -3.569  -15.610 1.00 13.98 ? 4   ALA A N   1 
ATOM   23   C CA  . ALA A 1 4   ? 2.091   -4.888  -15.004 1.00 14.90 ? 4   ALA A CA  1 
ATOM   24   C C   . ALA A 1 4   ? 1.219   -4.849  -13.757 1.00 12.89 ? 4   ALA A C   1 
ATOM   25   O O   . ALA A 1 4   ? 0.597   -5.862  -13.406 1.00 13.64 ? 4   ALA A O   1 
ATOM   26   C CB  . ALA A 1 4   ? 3.463   -5.450  -14.627 1.00 16.73 ? 4   ALA A CB  1 
ATOM   27   N N   . PHE A 1 5   ? 1.166   -3.704  -13.082 1.00 10.90 ? 5   PHE A N   1 
ATOM   28   C CA  . PHE A 1 5   ? 0.371   -3.534  -11.874 1.00 10.83 ? 5   PHE A CA  1 
ATOM   29   C C   . PHE A 1 5   ? -1.051  -3.080  -12.161 1.00 11.82 ? 5   PHE A C   1 
ATOM   30   O O   . PHE A 1 5   ? -1.873  -3.041  -11.236 1.00 12.20 ? 5   PHE A O   1 
ATOM   31   C CB  . PHE A 1 5   ? 1.026   -2.492  -10.963 1.00 11.49 ? 5   PHE A CB  1 
ATOM   32   C CG  . PHE A 1 5   ? 2.373   -2.903  -10.448 1.00 10.47 ? 5   PHE A CG  1 
ATOM   33   C CD1 . PHE A 1 5   ? 3.529   -2.568  -11.141 1.00 12.78 ? 5   PHE A CD1 1 
ATOM   34   C CD2 . PHE A 1 5   ? 2.485   -3.635  -9.278  1.00 10.27 ? 5   PHE A CD2 1 
ATOM   35   C CE1 . PHE A 1 5   ? 4.782   -2.958  -10.679 1.00 12.24 ? 5   PHE A CE1 1 
ATOM   36   C CE2 . PHE A 1 5   ? 3.738   -4.028  -8.808  1.00 12.38 ? 5   PHE A CE2 1 
ATOM   37   C CZ  . PHE A 1 5   ? 4.888   -3.685  -9.512  1.00 11.55 ? 5   PHE A CZ  1 
ATOM   38   N N   . CYS A 1 6   ? -1.357  -2.723  -13.404 1.00 10.09 ? 6   CYS A N   1 
ATOM   39   C CA  . CYS A 1 6   ? -2.621  -2.059  -13.721 1.00 12.69 ? 6   CYS A CA  1 
ATOM   40   C C   . CYS A 1 6   ? -3.699  -3.119  -13.879 1.00 14.81 ? 6   CYS A C   1 
ATOM   41   O O   . CYS A 1 6   ? -3.799  -3.781  -14.914 1.00 15.91 ? 6   CYS A O   1 
ATOM   42   C CB  . CYS A 1 6   ? -2.470  -1.185  -14.959 1.00 12.57 ? 6   CYS A CB  1 
ATOM   43   S SG  . CYS A 1 6   ? -1.487  0.304   -14.599 1.00 15.87 ? 6   CYS A SG  1 
ATOM   44   N N   . ALA A 1 7   ? -4.506  -3.275  -12.837 1.00 10.95 ? 7   ALA A N   1 
ATOM   45   C CA  . ALA A 1 7   ? -5.550  -4.286  -12.759 1.00 9.69  ? 7   ALA A CA  1 
ATOM   46   C C   . ALA A 1 7   ? -6.338  -4.011  -11.489 1.00 9.58  ? 7   ALA A C   1 
ATOM   47   O O   . ALA A 1 7   ? -6.004  -3.116  -10.706 1.00 10.00 ? 7   ALA A O   1 
ATOM   48   C CB  . ALA A 1 7   ? -4.957  -5.689  -12.691 1.00 12.52 ? 7   ALA A CB  1 
ATOM   49   N N   . THR A 1 8   ? -7.386  -4.800  -11.293 1.00 10.48 ? 8   THR A N   1 
ATOM   50   C CA  . THR A 1 8   ? -8.119  -4.849  -10.037 1.00 10.29 ? 8   THR A CA  1 
ATOM   51   C C   . THR A 1 8   ? -7.630  -6.063  -9.253  1.00 10.70 ? 8   THR A C   1 
ATOM   52   O O   . THR A 1 8   ? -7.606  -7.181  -9.782  1.00 12.73 ? 8   THR A O   1 
ATOM   53   C CB  . THR A 1 8   ? -9.617  -4.946  -10.318 1.00 12.56 ? 8   THR A CB  1 
ATOM   54   O OG1 . THR A 1 8   ? -10.035 -3.748  -10.981 1.00 13.86 ? 8   THR A OG1 1 
ATOM   55   C CG2 . THR A 1 8   ? -10.401 -5.089  -9.034  1.00 13.50 ? 8   THR A CG2 1 
ATOM   56   N N   . TRP A 1 9   ? -7.220  -5.838  -8.003  1.00 10.09 ? 9   TRP A N   1 
ATOM   57   C CA  . TRP A 1 9   ? -6.591  -6.848  -7.162  1.00 11.12 ? 9   TRP A CA  1 
ATOM   58   C C   . TRP A 1 9   ? -7.423  -7.036  -5.904  1.00 11.93 ? 9   TRP A C   1 
ATOM   59   O O   . TRP A 1 9   ? -7.987  -6.075  -5.380  1.00 14.20 ? 9   TRP A O   1 
ATOM   60   C CB  . TRP A 1 9   ? -5.191  -6.380  -6.745  1.00 9.25  ? 9   TRP A CB  1 
ATOM   61   C CG  . TRP A 1 9   ? -4.265  -6.121  -7.898  1.00 9.32  ? 9   TRP A CG  1 
ATOM   62   C CD1 . TRP A 1 9   ? -4.007  -4.922  -8.491  1.00 9.27  ? 9   TRP A CD1 1 
ATOM   63   C CD2 . TRP A 1 9   ? -3.483  -7.096  -8.598  1.00 9.47  ? 9   TRP A CD2 1 
ATOM   64   N NE1 . TRP A 1 9   ? -3.095  -5.084  -9.513  1.00 10.60 ? 9   TRP A NE1 1 
ATOM   65   C CE2 . TRP A 1 9   ? -2.761  -6.413  -9.600  1.00 10.33 ? 9   TRP A CE2 1 
ATOM   66   C CE3 . TRP A 1 9   ? -3.319  -8.481  -8.472  1.00 9.83  ? 9   TRP A CE3 1 
ATOM   67   C CZ2 . TRP A 1 9   ? -1.894  -7.076  -10.478 1.00 11.09 ? 9   TRP A CZ2 1 
ATOM   68   C CZ3 . TRP A 1 9   ? -2.453  -9.132  -9.337  1.00 11.56 ? 9   TRP A CZ3 1 
ATOM   69   C CH2 . TRP A 1 9   ? -1.758  -8.434  -10.324 1.00 12.28 ? 9   TRP A CH2 1 
ATOM   70   N N   A LYS A 1 10  ? -7.499  -8.270  -5.414  0.54 10.00 ? 10  LYS A N   1 
ATOM   71   N N   B LYS A 1 10  ? -7.489  -8.274  -5.415  0.46 10.01 ? 10  LYS A N   1 
ATOM   72   C CA  A LYS A 1 10  ? -8.225  -8.556  -4.184  0.54 10.41 ? 10  LYS A CA  1 
ATOM   73   C CA  B LYS A 1 10  ? -8.227  -8.613  -4.204  0.46 10.48 ? 10  LYS A CA  1 
ATOM   74   C C   A LYS A 1 10  ? -7.306  -9.272  -3.208  0.54 8.15  ? 10  LYS A C   1 
ATOM   75   C C   B LYS A 1 10  ? -7.283  -9.276  -3.210  0.46 8.21  ? 10  LYS A C   1 
ATOM   76   O O   A LYS A 1 10  ? -6.621  -10.229 -3.581  0.54 10.45 ? 10  LYS A O   1 
ATOM   77   O O   B LYS A 1 10  ? -6.555  -10.207 -3.569  0.46 10.45 ? 10  LYS A O   1 
ATOM   78   C CB  A LYS A 1 10  ? -9.463  -9.409  -4.469  0.54 12.54 ? 10  LYS A CB  1 
ATOM   79   C CB  B LYS A 1 10  ? -9.373  -9.577  -4.530  0.46 12.56 ? 10  LYS A CB  1 
ATOM   80   C CG  A LYS A 1 10  ? -10.365 -8.803  -5.521  0.54 17.03 ? 10  LYS A CG  1 
ATOM   81   C CG  B LYS A 1 10  ? -10.036 -10.210 -3.313  0.46 14.17 ? 10  LYS A CG  1 
ATOM   82   C CD  A LYS A 1 10  ? -11.683 -8.346  -4.944  0.54 28.02 ? 10  LYS A CD  1 
ATOM   83   C CD  B LYS A 1 10  ? -10.931 -9.217  -2.603  0.46 15.24 ? 10  LYS A CD  1 
ATOM   84   C CE  A LYS A 1 10  ? -12.598 -7.809  -6.032  0.54 18.82 ? 10  LYS A CE  1 
ATOM   85   C CE  B LYS A 1 10  ? -11.775 -9.901  -1.536  0.46 18.25 ? 10  LYS A CE  1 
ATOM   86   N NZ  A LYS A 1 10  ? -13.288 -8.902  -6.771  0.54 30.11 ? 10  LYS A NZ  1 
ATOM   87   N NZ  B LYS A 1 10  ? -12.775 -8.973  -0.945  0.46 22.54 ? 10  LYS A NZ  1 
ATOM   88   N N   . LEU A 1 11  ? -7.300  -8.813  -1.961  1.00 8.12  ? 11  LEU A N   1 
ATOM   89   C CA  . LEU A 1 11  ? -6.431  -9.401  -0.948  1.00 8.09  ? 11  LEU A CA  1 
ATOM   90   C C   . LEU A 1 11  ? -6.856  -10.836 -0.655  1.00 10.86 ? 11  LEU A C   1 
ATOM   91   O O   . LEU A 1 11  ? -8.037  -11.107 -0.432  1.00 12.03 ? 11  LEU A O   1 
ATOM   92   C CB  . LEU A 1 11  ? -6.489  -8.565  0.331   1.00 9.53  ? 11  LEU A CB  1 
ATOM   93   C CG  . LEU A 1 11  ? -5.598  -9.076  1.463   1.00 8.60  ? 11  LEU A CG  1 
ATOM   94   C CD1 . LEU A 1 11  ? -4.140  -8.809  1.148   1.00 10.70 ? 11  LEU A CD1 1 
ATOM   95   C CD2 . LEU A 1 11  ? -5.962  -8.422  2.799   1.00 13.88 ? 11  LEU A CD2 1 
ATOM   96   N N   . THR A 1 12  ? -5.894  -11.761 -0.653  1.00 10.38 ? 12  THR A N   1 
ATOM   97   C CA  . THR A 1 12  ? -6.193  -13.137 -0.256  1.00 13.22 ? 12  THR A CA  1 
ATOM   98   C C   . THR A 1 12  ? -5.523  -13.585 1.029   1.00 14.07 ? 12  THR A C   1 
ATOM   99   O O   . THR A 1 12  ? -6.105  -14.398 1.755   1.00 16.24 ? 12  THR A O   1 
ATOM   100  C CB  . THR A 1 12  ? -5.820  -14.140 -1.354  1.00 12.54 ? 12  THR A CB  1 
ATOM   101  O OG1 . THR A 1 12  ? -4.390  -14.230 -1.464  1.00 18.91 ? 12  THR A OG1 1 
ATOM   102  C CG2 . THR A 1 12  ? -6.425  -13.748 -2.688  1.00 15.76 ? 12  THR A CG2 1 
ATOM   103  N N   . ASN A 1 13  ? -4.319  -13.109 1.334   1.00 11.04 ? 13  ASN A N   1 
ATOM   104  C CA  . ASN A 1 13  ? -3.602  -13.605 2.500   1.00 10.82 ? 13  ASN A CA  1 
ATOM   105  C C   . ASN A 1 13  ? -2.648  -12.539 3.011   1.00 11.02 ? 13  ASN A C   1 
ATOM   106  O O   . ASN A 1 13  ? -1.991  -11.861 2.220   1.00 11.02 ? 13  ASN A O   1 
ATOM   107  C CB  . ASN A 1 13  ? -2.796  -14.859 2.134   1.00 11.68 ? 13  ASN A CB  1 
ATOM   108  C CG  . ASN A 1 13  ? -2.073  -15.441 3.326   1.00 13.41 ? 13  ASN A CG  1 
ATOM   109  O OD1 . ASN A 1 13  ? -2.679  -15.702 4.359   1.00 18.80 ? 13  ASN A OD1 1 
ATOM   110  N ND2 . ASN A 1 13  ? -0.780  -15.635 3.193   1.00 12.13 ? 13  ASN A ND2 1 
ATOM   111  N N   A SER A 1 14  ? -2.537  -12.446 4.334   0.31 10.50 ? 14  SER A N   1 
ATOM   112  N N   B SER A 1 14  ? -2.599  -12.372 4.329   0.69 10.36 ? 14  SER A N   1 
ATOM   113  C CA  A SER A 1 14  ? -1.728  -11.435 4.998   0.31 10.70 ? 14  SER A CA  1 
ATOM   114  C CA  B SER A 1 14  ? -1.694  -11.429 4.972   0.69 10.47 ? 14  SER A CA  1 
ATOM   115  C C   A SER A 1 14  ? -0.872  -12.105 6.062   0.31 10.87 ? 14  SER A C   1 
ATOM   116  C C   B SER A 1 14  ? -0.856  -12.146 6.013   0.69 10.82 ? 14  SER A C   1 
ATOM   117  O O   A SER A 1 14  ? -1.383  -12.897 6.860   0.31 13.63 ? 14  SER A O   1 
ATOM   118  O O   B SER A 1 14  ? -1.364  -12.988 6.759   0.69 13.79 ? 14  SER A O   1 
ATOM   119  C CB  A SER A 1 14  ? -2.638  -10.401 5.657   0.31 14.16 ? 14  SER A CB  1 
ATOM   120  C CB  B SER A 1 14  ? -2.455  -10.309 5.671   0.69 14.11 ? 14  SER A CB  1 
ATOM   121  O OG  A SER A 1 14  ? -1.885  -9.349  6.211   0.31 12.00 ? 14  SER A OG  1 
ATOM   122  O OG  B SER A 1 14  ? -3.087  -9.482  4.722   0.69 12.75 ? 14  SER A OG  1 
ATOM   123  N N   . GLN A 1 15  ? 0.418   -11.773 6.085   1.00 10.42 ? 15  GLN A N   1 
ATOM   124  C CA  . GLN A 1 15  ? 1.374   -12.358 7.018   1.00 10.73 ? 15  GLN A CA  1 
ATOM   125  C C   . GLN A 1 15  ? 1.957   -11.265 7.908   1.00 11.25 ? 15  GLN A C   1 
ATOM   126  O O   . GLN A 1 15  ? 2.506   -10.279 7.409   1.00 11.16 ? 15  GLN A O   1 
ATOM   127  C CB  . GLN A 1 15  ? 2.469   -13.088 6.232   1.00 14.07 ? 15  GLN A CB  1 
ATOM   128  C CG  . GLN A 1 15  ? 1.885   -14.105 5.227   1.00 18.51 ? 15  GLN A CG  1 
ATOM   129  C CD  . GLN A 1 15  ? 2.901   -14.718 4.269   1.00 25.36 ? 15  GLN A CD  1 
ATOM   130  O OE1 . GLN A 1 15  ? 3.589   -14.008 3.526   1.00 20.57 ? 15  GLN A OE1 1 
ATOM   131  N NE2 . GLN A 1 15  ? 2.988   -16.046 4.272   1.00 28.02 ? 15  GLN A NE2 1 
ATOM   132  N N   . ASN A 1 16  ? 1.826   -11.430 9.223   1.00 11.09 ? 16  ASN A N   1 
ATOM   133  C CA  . ASN A 1 16  ? 2.394   -10.531 10.227  1.00 10.50 ? 16  ASN A CA  1 
ATOM   134  C C   . ASN A 1 16  ? 1.808   -9.118  10.203  1.00 10.59 ? 16  ASN A C   1 
ATOM   135  O O   . ASN A 1 16  ? 2.441   -8.178  10.690  1.00 10.29 ? 16  ASN A O   1 
ATOM   136  C CB  . ASN A 1 16  ? 3.929   -10.501 10.187  1.00 12.27 ? 16  ASN A CB  1 
ATOM   137  C CG  . ASN A 1 16  ? 4.533   -10.093 11.514  1.00 13.02 ? 16  ASN A CG  1 
ATOM   138  O OD1 . ASN A 1 16  ? 4.017   -10.463 12.580  1.00 15.97 ? 16  ASN A OD1 1 
ATOM   139  N ND2 . ASN A 1 16  ? 5.617   -9.332  11.471  1.00 13.50 ? 16  ASN A ND2 1 
ATOM   140  N N   . PHE A 1 17  ? 0.596   -8.943  9.671   1.00 9.80  ? 17  PHE A N   1 
ATOM   141  C CA  . PHE A 1 17  ? 0.016   -7.605  9.544   1.00 10.52 ? 17  PHE A CA  1 
ATOM   142  C C   . PHE A 1 17  ? -0.408  -7.038  10.895  1.00 10.75 ? 17  PHE A C   1 
ATOM   143  O O   . PHE A 1 17  ? -0.372  -5.817  11.091  1.00 10.98 ? 17  PHE A O   1 
ATOM   144  C CB  . PHE A 1 17  ? -1.151  -7.638  8.549   1.00 10.50 ? 17  PHE A CB  1 
ATOM   145  C CG  . PHE A 1 17  ? -1.666  -6.273  8.131   1.00 9.82  ? 17  PHE A CG  1 
ATOM   146  C CD1 . PHE A 1 17  ? -0.824  -5.333  7.549   1.00 10.12 ? 17  PHE A CD1 1 
ATOM   147  C CD2 . PHE A 1 17  ? -3.014  -5.953  8.278   1.00 10.79 ? 17  PHE A CD2 1 
ATOM   148  C CE1 . PHE A 1 17  ? -1.314  -4.084  7.160   1.00 10.57 ? 17  PHE A CE1 1 
ATOM   149  C CE2 . PHE A 1 17  ? -3.510  -4.715  7.882   1.00 12.70 ? 17  PHE A CE2 1 
ATOM   150  C CZ  . PHE A 1 17  ? -2.659  -3.783  7.322   1.00 11.13 ? 17  PHE A CZ  1 
ATOM   151  N N   . ASP A 1 18  ? -0.794  -7.898  11.845  1.00 11.89 ? 18  ASP A N   1 
ATOM   152  C CA  . ASP A 1 18  ? -1.168  -7.389  13.163  1.00 12.24 ? 18  ASP A CA  1 
ATOM   153  C C   . ASP A 1 18  ? -0.006  -6.655  13.825  1.00 10.04 ? 18  ASP A C   1 
ATOM   154  O O   . ASP A 1 18  ? -0.173  -5.536  14.329  1.00 12.46 ? 18  ASP A O   1 
ATOM   155  C CB  . ASP A 1 18  ? -1.668  -8.528  14.050  1.00 13.51 ? 18  ASP A CB  1 
ATOM   156  C CG  . ASP A 1 18  ? -2.203  -8.034  15.373  1.00 20.26 ? 18  ASP A CG  1 
ATOM   157  O OD1 . ASP A 1 18  ? -3.124  -7.186  15.372  1.00 17.29 ? 18  ASP A OD1 1 
ATOM   158  O OD2 . ASP A 1 18  ? -1.685  -8.488  16.416  1.00 26.73 ? 18  ASP A OD2 1 
ATOM   159  N N   . GLU A 1 19  ? 1.181   -7.274  13.839  1.00 11.84 ? 19  GLU A N   1 
ATOM   160  C CA  . GLU A 1 19  ? 2.345   -6.634  14.452  1.00 12.33 ? 19  GLU A CA  1 
ATOM   161  C C   . GLU A 1 19  ? 2.721   -5.357  13.714  1.00 10.50 ? 19  GLU A C   1 
ATOM   162  O O   . GLU A 1 19  ? 3.114   -4.357  14.331  1.00 12.30 ? 19  GLU A O   1 
ATOM   163  C CB  . GLU A 1 19  ? 3.533   -7.601  14.483  1.00 16.28 ? 19  GLU A CB  1 
ATOM   164  C CG  . GLU A 1 19  ? 4.752   -7.043  15.231  1.00 27.49 ? 19  GLU A CG  1 
ATOM   165  C CD  . GLU A 1 19  ? 5.948   -7.994  15.288  1.00 44.66 ? 19  GLU A CD  1 
ATOM   166  O OE1 . GLU A 1 19  ? 6.427   -8.450  14.225  1.00 33.45 ? 19  GLU A OE1 1 
ATOM   167  O OE2 . GLU A 1 19  ? 6.427   -8.270  16.410  1.00 43.25 ? 19  GLU A OE2 1 
ATOM   168  N N   . TYR A 1 20  ? 2.589   -5.370  12.384  1.00 11.40 ? 20  TYR A N   1 
ATOM   169  C CA  . TYR A 1 20  ? 2.883   -4.178  11.602  1.00 10.40 ? 20  TYR A CA  1 
ATOM   170  C C   . TYR A 1 20  ? 1.939   -3.033  11.973  1.00 9.74  ? 20  TYR A C   1 
ATOM   171  O O   . TYR A 1 20  ? 2.379   -1.911  12.236  1.00 10.26 ? 20  TYR A O   1 
ATOM   172  C CB  . TYR A 1 20  ? 2.834   -4.507  10.104  1.00 10.79 ? 20  TYR A CB  1 
ATOM   173  C CG  . TYR A 1 20  ? 3.046   -3.277  9.257   1.00 8.20  ? 20  TYR A CG  1 
ATOM   174  C CD1 . TYR A 1 20  ? 4.330   -2.791  8.990   1.00 8.56  ? 20  TYR A CD1 1 
ATOM   175  C CD2 . TYR A 1 20  ? 1.961   -2.556  8.778   1.00 9.46  ? 20  TYR A CD2 1 
ATOM   176  C CE1 . TYR A 1 20  ? 4.516   -1.639  8.250   1.00 9.29  ? 20  TYR A CE1 1 
ATOM   177  C CE2 . TYR A 1 20  ? 2.142   -1.412  8.034   1.00 11.02 ? 20  TYR A CE2 1 
ATOM   178  C CZ  . TYR A 1 20  ? 3.416   -0.955  7.782   1.00 10.47 ? 20  TYR A CZ  1 
ATOM   179  O OH  . TYR A 1 20  ? 3.583   0.196   7.056   1.00 12.74 ? 20  TYR A OH  1 
ATOM   180  N N   . MET A 1 21  ? 0.630   -3.309  12.029  1.00 10.99 ? 21  MET A N   1 
ATOM   181  C CA  . MET A 1 21  ? -0.323  -2.276  12.432  1.00 10.10 ? 21  MET A CA  1 
ATOM   182  C C   . MET A 1 21  ? -0.036  -1.775  13.842  1.00 9.83  ? 21  MET A C   1 
ATOM   183  O O   . MET A 1 21  ? -0.134  -0.572  14.114  1.00 12.41 ? 21  MET A O   1 
ATOM   184  C CB  . MET A 1 21  ? -1.751  -2.828  12.384  1.00 10.95 ? 21  MET A CB  1 
ATOM   185  C CG  . MET A 1 21  ? -2.335  -2.995  10.977  1.00 10.24 ? 21  MET A CG  1 
ATOM   186  S SD  . MET A 1 21  ? -4.096  -3.383  11.077  1.00 13.69 ? 21  MET A SD  1 
ATOM   187  C CE  . MET A 1 21  ? -4.044  -5.074  11.667  1.00 15.75 ? 21  MET A CE  1 
ATOM   188  N N   . LYS A 1 22  ? 0.287   -2.692  14.757  1.00 11.03 ? 22  LYS A N   1 
ATOM   189  C CA  . LYS A 1 22  ? 0.566   -2.274  16.126  1.00 11.56 ? 22  LYS A CA  1 
ATOM   190  C C   . LYS A 1 22  ? 1.775   -1.352  16.178  1.00 13.42 ? 22  LYS A C   1 
ATOM   191  O O   . LYS A 1 22  ? 1.762   -0.337  16.886  1.00 15.25 ? 22  LYS A O   1 
ATOM   192  C CB  . LYS A 1 22  ? 0.784   -3.501  17.002  1.00 13.50 ? 22  LYS A CB  1 
ATOM   193  C CG  . LYS A 1 22  ? 0.922   -3.185  18.487  1.00 17.46 ? 22  LYS A CG  1 
ATOM   194  C CD  . LYS A 1 22  ? 1.030   -4.474  19.288  1.00 23.20 ? 22  LYS A CD  1 
ATOM   195  C CE  . LYS A 1 22  ? 1.338   -4.210  20.755  1.00 35.73 ? 22  LYS A CE  1 
ATOM   196  N NZ  . LYS A 1 22  ? 2.787   -3.981  20.992  1.00 51.66 ? 22  LYS A NZ  1 
ATOM   197  N N   . ALA A 1 23  ? 2.821   -1.676  15.415  1.00 13.00 ? 23  ALA A N   1 
ATOM   198  C CA  . ALA A 1 23  ? 4.016   -0.836  15.386  1.00 13.60 ? 23  ALA A CA  1 
ATOM   199  C C   . ALA A 1 23  ? 3.710   0.565   14.870  1.00 14.50 ? 23  ALA A C   1 
ATOM   200  O O   . ALA A 1 23  ? 4.308   1.546   15.331  1.00 17.31 ? 23  ALA A O   1 
ATOM   201  C CB  . ALA A 1 23  ? 5.104   -1.506  14.545  1.00 17.47 ? 23  ALA A CB  1 
ATOM   202  N N   . LEU A 1 24  ? 2.780   0.690   13.918  1.00 14.29 ? 24  LEU A N   1 
ATOM   203  C CA  . LEU A 1 24  ? 2.385   1.976   13.355  1.00 16.21 ? 24  LEU A CA  1 
ATOM   204  C C   . LEU A 1 24  ? 1.488   2.790   14.276  1.00 16.67 ? 24  LEU A C   1 
ATOM   205  O O   . LEU A 1 24  ? 1.214   3.956   13.967  1.00 22.98 ? 24  LEU A O   1 
ATOM   206  C CB  . LEU A 1 24  ? 1.608   1.781   12.047  1.00 18.72 ? 24  LEU A CB  1 
ATOM   207  C CG  . LEU A 1 24  ? 2.302   1.606   10.703  1.00 19.85 ? 24  LEU A CG  1 
ATOM   208  C CD1 . LEU A 1 24  ? 1.233   1.602   9.613   1.00 17.06 ? 24  LEU A CD1 1 
ATOM   209  C CD2 . LEU A 1 24  ? 3.323   2.701   10.448  1.00 20.64 ? 24  LEU A CD2 1 
ATOM   210  N N   . GLY A 1 25  ? 0.977   2.203   15.353  1.00 15.37 ? 25  GLY A N   1 
ATOM   211  C CA  . GLY A 1 25  ? 0.096   2.913   16.258  1.00 16.73 ? 25  GLY A CA  1 
ATOM   212  C C   . GLY A 1 25  ? -1.388  2.673   16.074  1.00 21.52 ? 25  GLY A C   1 
ATOM   213  O O   . GLY A 1 25  ? -2.189  3.457   16.600  1.00 21.01 ? 25  GLY A O   1 
ATOM   214  N N   . VAL A 1 26  ? -1.780  1.640   15.338  1.00 13.96 ? 26  VAL A N   1 
ATOM   215  C CA  . VAL A 1 26  ? -3.189  1.278   15.221  1.00 16.77 ? 26  VAL A CA  1 
ATOM   216  C C   . VAL A 1 26  ? -3.625  0.572   16.501  1.00 14.56 ? 26  VAL A C   1 
ATOM   217  O O   . VAL A 1 26  ? -2.956  -0.357  16.964  1.00 16.50 ? 26  VAL A O   1 
ATOM   218  C CB  . VAL A 1 26  ? -3.410  0.385   13.989  1.00 13.76 ? 26  VAL A CB  1 
ATOM   219  C CG1 . VAL A 1 26  ? -4.891  0.091   13.803  1.00 14.42 ? 26  VAL A CG1 1 
ATOM   220  C CG2 . VAL A 1 26  ? -2.840  1.038   12.749  1.00 15.14 ? 26  VAL A CG2 1 
ATOM   221  N N   . GLY A 1 27  ? -4.760  0.997   17.064  1.00 16.36 ? 27  GLY A N   1 
ATOM   222  C CA  . GLY A 1 27  ? -5.231  0.420   18.312  1.00 15.09 ? 27  GLY A CA  1 
ATOM   223  C C   . GLY A 1 27  ? -5.833  -0.963  18.140  1.00 17.18 ? 27  GLY A C   1 
ATOM   224  O O   . GLY A 1 27  ? -6.169  -1.399  17.039  1.00 15.53 ? 27  GLY A O   1 
ATOM   225  N N   . PHE A 1 28  ? -5.995  -1.656  19.273  1.00 17.86 ? 28  PHE A N   1 
ATOM   226  C CA  . PHE A 1 28  ? -6.407  -3.058  19.251  1.00 14.87 ? 28  PHE A CA  1 
ATOM   227  C C   . PHE A 1 28  ? -7.716  -3.249  18.494  1.00 16.08 ? 28  PHE A C   1 
ATOM   228  O O   . PHE A 1 28  ? -7.824  -4.141  17.649  1.00 15.84 ? 28  PHE A O   1 
ATOM   229  C CB  . PHE A 1 28  ? -6.541  -3.604  20.678  1.00 16.85 ? 28  PHE A CB  1 
ATOM   230  C CG  . PHE A 1 28  ? -6.989  -5.042  20.729  1.00 17.50 ? 28  PHE A CG  1 
ATOM   231  C CD1 . PHE A 1 28  ? -8.321  -5.363  20.927  1.00 17.05 ? 28  PHE A CD1 1 
ATOM   232  C CD2 . PHE A 1 28  ? -6.078  -6.071  20.551  1.00 19.13 ? 28  PHE A CD2 1 
ATOM   233  C CE1 . PHE A 1 28  ? -8.735  -6.680  20.955  1.00 19.58 ? 28  PHE A CE1 1 
ATOM   234  C CE2 . PHE A 1 28  ? -6.487  -7.398  20.573  1.00 22.86 ? 28  PHE A CE2 1 
ATOM   235  C CZ  . PHE A 1 28  ? -7.819  -7.702  20.780  1.00 18.03 ? 28  PHE A CZ  1 
ATOM   236  N N   . ALA A 1 29  ? -8.728  -2.436  18.809  1.00 20.05 ? 29  ALA A N   1 
ATOM   237  C CA  . ALA A 1 29  ? -10.044 -2.615  18.200  1.00 18.91 ? 29  ALA A CA  1 
ATOM   238  C C   . ALA A 1 29  ? -9.970  -2.484  16.682  1.00 16.34 ? 29  ALA A C   1 
ATOM   239  O O   . ALA A 1 29  ? -10.533 -3.304  15.943  1.00 17.09 ? 29  ALA A O   1 
ATOM   240  C CB  . ALA A 1 29  ? -11.031 -1.609  18.792  1.00 19.62 ? 29  ALA A CB  1 
ATOM   241  N N   . THR A 1 30  ? -9.262  -1.463  16.199  1.00 17.42 ? 30  THR A N   1 
ATOM   242  C CA  . THR A 1 30  ? -9.114  -1.284  14.761  1.00 15.17 ? 30  THR A CA  1 
ATOM   243  C C   . THR A 1 30  ? -8.262  -2.389  14.137  1.00 15.90 ? 30  THR A C   1 
ATOM   244  O O   . THR A 1 30  ? -8.526  -2.806  13.000  1.00 16.61 ? 30  THR A O   1 
ATOM   245  C CB  . THR A 1 30  ? -8.537  0.099   14.468  1.00 15.94 ? 30  THR A CB  1 
ATOM   246  O OG1 . THR A 1 30  ? -9.415  1.093   15.008  1.00 21.63 ? 30  THR A OG1 1 
ATOM   247  C CG2 . THR A 1 30  ? -8.404  0.328   12.972  1.00 22.79 ? 30  THR A CG2 1 
ATOM   248  N N   . ARG A 1 31  ? -7.257  -2.892  14.862  1.00 13.33 ? 31  ARG A N   1 
ATOM   249  C CA  . ARG A 1 31  ? -6.471  -4.005  14.343  1.00 13.74 ? 31  ARG A CA  1 
ATOM   250  C C   . ARG A 1 31  ? -7.338  -5.234  14.106  1.00 14.58 ? 31  ARG A C   1 
ATOM   251  O O   . ARG A 1 31  ? -7.111  -5.984  13.153  1.00 14.21 ? 31  ARG A O   1 
ATOM   252  C CB  . ARG A 1 31  ? -5.314  -4.347  15.285  1.00 15.32 ? 31  ARG A CB  1 
ATOM   253  C CG  . ARG A 1 31  ? -4.252  -3.272  15.365  1.00 15.43 ? 31  ARG A CG  1 
ATOM   254  C CD  . ARG A 1 31  ? -2.902  -3.844  15.791  1.00 20.04 ? 31  ARG A CD  1 
ATOM   255  N NE  . ARG A 1 31  ? -2.949  -4.598  17.047  1.00 18.10 ? 31  ARG A NE  1 
ATOM   256  C CZ  . ARG A 1 31  ? -2.883  -4.048  18.255  1.00 21.40 ? 31  ARG A CZ  1 
ATOM   257  N NH1 . ARG A 1 31  ? -2.792  -2.732  18.388  1.00 21.77 ? 31  ARG A NH1 1 
ATOM   258  N NH2 . ARG A 1 31  ? -2.915  -4.821  19.335  1.00 26.02 ? 31  ARG A NH2 1 
ATOM   259  N N   . GLN A 1 32  ? -8.327  -5.474  14.970  1.00 15.67 ? 32  GLN A N   1 
ATOM   260  C CA  . GLN A 1 32  ? -9.193  -6.635  14.777  1.00 17.46 ? 32  GLN A CA  1 
ATOM   261  C C   . GLN A 1 32  ? -9.909  -6.561  13.435  1.00 14.90 ? 32  GLN A C   1 
ATOM   262  O O   . GLN A 1 32  ? -10.014 -7.563  12.717  1.00 18.32 ? 32  GLN A O   1 
ATOM   263  C CB  . GLN A 1 32  ? -10.205 -6.741  15.920  1.00 21.48 ? 32  GLN A CB  1 
ATOM   264  C CG  . GLN A 1 32  ? -9.584  -6.809  17.305  1.00 19.61 ? 32  GLN A CG  1 
ATOM   265  C CD  . GLN A 1 32  ? -8.366  -7.705  17.348  1.00 26.71 ? 32  GLN A CD  1 
ATOM   266  O OE1 . GLN A 1 32  ? -8.475  -8.931  17.281  1.00 35.68 ? 32  GLN A OE1 1 
ATOM   267  N NE2 . GLN A 1 32  ? -7.189  -7.096  17.456  1.00 28.10 ? 32  GLN A NE2 1 
ATOM   268  N N   . VAL A 1 33  ? -10.396 -5.374  13.081  1.00 15.77 ? 33  VAL A N   1 
ATOM   269  C CA  . VAL A 1 33  ? -11.019 -5.169  11.778  1.00 16.60 ? 33  VAL A CA  1 
ATOM   270  C C   . VAL A 1 33  ? -9.987  -5.308  10.665  1.00 16.56 ? 33  VAL A C   1 
ATOM   271  O O   . VAL A 1 33  ? -10.240 -5.941  9.631   1.00 15.41 ? 33  VAL A O   1 
ATOM   272  C CB  . VAL A 1 33  ? -11.702 -3.792  11.750  1.00 14.44 ? 33  VAL A CB  1 
ATOM   273  C CG1 . VAL A 1 33  ? -12.279 -3.520  10.377  1.00 16.99 ? 33  VAL A CG1 1 
ATOM   274  C CG2 . VAL A 1 33  ? -12.789 -3.716  12.818  1.00 16.38 ? 33  VAL A CG2 1 
ATOM   275  N N   . GLY A 1 34  ? -8.805  -4.714  10.856  1.00 14.35 ? 34  GLY A N   1 
ATOM   276  C CA  . GLY A 1 34  ? -7.787  -4.767  9.817   1.00 15.43 ? 34  GLY A CA  1 
ATOM   277  C C   . GLY A 1 34  ? -7.297  -6.171  9.535   1.00 16.75 ? 34  GLY A C   1 
ATOM   278  O O   . GLY A 1 34  ? -6.842  -6.463  8.424   1.00 17.36 ? 34  GLY A O   1 
ATOM   279  N N   . ASN A 1 35  ? -7.388  -7.058  10.521  1.00 15.00 ? 35  ASN A N   1 
ATOM   280  C CA  . ASN A 1 35  ? -6.949  -8.436  10.358  1.00 15.20 ? 35  ASN A CA  1 
ATOM   281  C C   . ASN A 1 35  ? -7.960  -9.307  9.623   1.00 17.22 ? 35  ASN A C   1 
ATOM   282  O O   . ASN A 1 35  ? -7.596  -10.399 9.173   1.00 25.52 ? 35  ASN A O   1 
ATOM   283  C CB  . ASN A 1 35  ? -6.626  -9.047  11.724  1.00 15.08 ? 35  ASN A CB  1 
ATOM   284  C CG  . ASN A 1 35  ? -5.311  -8.542  12.285  1.00 18.53 ? 35  ASN A CG  1 
ATOM   285  O OD1 . ASN A 1 35  ? -4.335  -8.391  11.550  1.00 19.89 ? 35  ASN A OD1 1 
ATOM   286  N ND2 . ASN A 1 35  ? -5.275  -8.279  13.590  1.00 19.78 ? 35  ASN A ND2 1 
ATOM   287  N N   . VAL A 1 36  ? -9.206  -8.859  9.481   1.00 14.63 ? 36  VAL A N   1 
ATOM   288  C CA  . VAL A 1 36  ? -10.215 -9.631  8.772   1.00 18.50 ? 36  VAL A CA  1 
ATOM   289  C C   . VAL A 1 36  ? -10.600 -9.015  7.429   1.00 20.75 ? 36  VAL A C   1 
ATOM   290  O O   . VAL A 1 36  ? -11.034 -9.748  6.531   1.00 23.51 ? 36  VAL A O   1 
ATOM   291  C CB  . VAL A 1 36  ? -11.466 -9.912  9.633   1.00 22.54 ? 36  VAL A CB  1 
ATOM   292  C CG1 . VAL A 1 36  ? -11.083 -10.628 10.922  1.00 26.48 ? 36  VAL A CG1 1 
ATOM   293  C CG2 . VAL A 1 36  ? -12.203 -8.627  9.940   1.00 27.72 ? 36  VAL A CG2 1 
ATOM   294  N N   . THR A 1 37  ? -10.442 -7.706  7.259   1.00 15.73 ? 37  THR A N   1 
ATOM   295  C CA  . THR A 1 37  ? -10.865 -7.037  6.037   1.00 13.83 ? 37  THR A CA  1 
ATOM   296  C C   . THR A 1 37  ? -9.970  -7.439  4.869   1.00 13.50 ? 37  THR A C   1 
ATOM   297  O O   . THR A 1 37  ? -8.749  -7.534  5.006   1.00 15.50 ? 37  THR A O   1 
ATOM   298  C CB  . THR A 1 37  ? -10.777 -5.526  6.249   1.00 16.35 ? 37  THR A CB  1 
ATOM   299  O OG1 . THR A 1 37  ? -11.508 -5.168  7.429   1.00 20.33 ? 37  THR A OG1 1 
ATOM   300  C CG2 . THR A 1 37  ? -11.366 -4.793  5.072   1.00 20.48 ? 37  THR A CG2 1 
ATOM   301  N N   . LYS A 1 38  ? -10.582 -7.688  3.706   1.00 12.96 ? 38  LYS A N   1 
ATOM   302  C CA  . LYS A 1 38  ? -9.840  -8.038  2.492   1.00 13.71 ? 38  LYS A CA  1 
ATOM   303  C C   . LYS A 1 38  ? -10.161 -7.021  1.402   1.00 12.34 ? 38  LYS A C   1 
ATOM   304  O O   . LYS A 1 38  ? -11.132 -7.183  0.644   1.00 16.28 ? 38  LYS A O   1 
ATOM   305  C CB  . LYS A 1 38  ? -10.093 -9.489  2.072   1.00 16.70 ? 38  LYS A CB  1 
ATOM   306  C CG  . LYS A 1 38  ? -9.498  -10.463 3.099   1.00 18.81 ? 38  LYS A CG  1 
ATOM   307  C CD  . LYS A 1 38  ? -9.367  -11.910 2.642   1.00 25.84 ? 38  LYS A CD  1 
ATOM   308  C CE  . LYS A 1 38  ? -8.348  -12.639 3.524   1.00 26.87 ? 38  LYS A CE  1 
ATOM   309  N NZ  . LYS A 1 38  ? -8.383  -14.121 3.376   1.00 33.35 ? 38  LYS A NZ  1 
ATOM   310  N N   . PRO A 1 39  ? -9.374  -5.953  1.298   1.00 9.50  ? 39  PRO A N   1 
ATOM   311  C CA  . PRO A 1 39  ? -9.701  -4.872  0.362   1.00 10.65 ? 39  PRO A CA  1 
ATOM   312  C C   . PRO A 1 39  ? -9.513  -5.267  -1.095  1.00 10.52 ? 39  PRO A C   1 
ATOM   313  O O   . PRO A 1 39  ? -8.846  -6.246  -1.444  1.00 11.89 ? 39  PRO A O   1 
ATOM   314  C CB  . PRO A 1 39  ? -8.711  -3.764  0.740   1.00 10.39 ? 39  PRO A CB  1 
ATOM   315  C CG  . PRO A 1 39  ? -8.219  -4.098  2.110   1.00 14.60 ? 39  PRO A CG  1 
ATOM   316  C CD  . PRO A 1 39  ? -8.237  -5.607  2.171   1.00 11.36 ? 39  PRO A CD  1 
ATOM   317  N N   . THR A 1 40  ? -10.125 -4.456  -1.950  1.00 9.54  ? 40  THR A N   1 
ATOM   318  C CA  . THR A 1 40  ? -9.892  -4.465  -3.389  1.00 9.55  ? 40  THR A CA  1 
ATOM   319  C C   . THR A 1 40  ? -9.013  -3.264  -3.710  1.00 9.80  ? 40  THR A C   1 
ATOM   320  O O   . THR A 1 40  ? -9.261  -2.155  -3.222  1.00 11.55 ? 40  THR A O   1 
ATOM   321  C CB  . THR A 1 40  ? -11.227 -4.348  -4.130  1.00 11.55 ? 40  THR A CB  1 
ATOM   322  O OG1 . THR A 1 40  ? -12.035 -5.492  -3.833  1.00 15.62 ? 40  THR A OG1 1 
ATOM   323  C CG2 . THR A 1 40  ? -11.024 -4.266  -5.631  1.00 14.15 ? 40  THR A CG2 1 
ATOM   324  N N   . VAL A 1 41  ? -7.974  -3.480  -4.511  1.00 10.46 ? 41  VAL A N   1 
ATOM   325  C CA  . VAL A 1 41  ? -7.030  -2.429  -4.878  1.00 10.61 ? 41  VAL A CA  1 
ATOM   326  C C   . VAL A 1 41  ? -7.047  -2.297  -6.395  1.00 10.09 ? 41  VAL A C   1 
ATOM   327  O O   . VAL A 1 41  ? -6.772  -3.269  -7.112  1.00 10.40 ? 41  VAL A O   1 
ATOM   328  C CB  . VAL A 1 41  ? -5.619  -2.736  -4.355  1.00 10.33 ? 41  VAL A CB  1 
ATOM   329  C CG1 . VAL A 1 41  ? -4.620  -1.677  -4.800  1.00 14.02 ? 41  VAL A CG1 1 
ATOM   330  C CG2 . VAL A 1 41  ? -5.642  -2.852  -2.835  1.00 15.04 ? 41  VAL A CG2 1 
ATOM   331  N N   . ILE A 1 42  ? -7.365  -1.104  -6.889  1.00 9.93  ? 42  ILE A N   1 
ATOM   332  C CA  . ILE A 1 42  ? -7.428  -0.832  -8.324  1.00 9.33  ? 42  ILE A CA  1 
ATOM   333  C C   . ILE A 1 42  ? -6.278  0.095   -8.671  1.00 9.36  ? 42  ILE A C   1 
ATOM   334  O O   . ILE A 1 42  ? -6.196  1.214   -8.147  1.00 10.51 ? 42  ILE A O   1 
ATOM   335  C CB  . ILE A 1 42  ? -8.773  -0.227  -8.740  1.00 9.90  ? 42  ILE A CB  1 
ATOM   336  C CG1 . ILE A 1 42  ? -9.923  -1.111  -8.254  1.00 13.87 ? 42  ILE A CG1 1 
ATOM   337  C CG2 . ILE A 1 42  ? -8.825  -0.059  -10.257 1.00 12.95 ? 42  ILE A CG2 1 
ATOM   338  C CD1 . ILE A 1 42  ? -11.249 -0.391  -8.141  1.00 20.97 ? 42  ILE A CD1 1 
ATOM   339  N N   . ILE A 1 43  ? -5.368  -0.374  -9.522  1.00 9.32  ? 43  ILE A N   1 
ATOM   340  C CA  . ILE A 1 43  ? -4.200  0.402   -9.928  1.00 8.83  ? 43  ILE A CA  1 
ATOM   341  C C   . ILE A 1 43  ? -4.343  0.723   -11.408 1.00 9.59  ? 43  ILE A C   1 
ATOM   342  O O   . ILE A 1 43  ? -4.672  -0.159  -12.207 1.00 9.70  ? 43  ILE A O   1 
ATOM   343  C CB  . ILE A 1 43  ? -2.894  -0.357  -9.633  1.00 9.61  ? 43  ILE A CB  1 
ATOM   344  C CG1 . ILE A 1 43  ? -2.781  -0.632  -8.127  1.00 9.49  ? 43  ILE A CG1 1 
ATOM   345  C CG2 . ILE A 1 43  ? -1.683  0.430   -10.134 1.00 11.79 ? 43  ILE A CG2 1 
ATOM   346  C CD1 . ILE A 1 43  ? -1.603  -1.512  -7.734  1.00 11.46 ? 43  ILE A CD1 1 
ATOM   347  N N   . SER A 1 44  ? -4.113  1.983   -11.769 1.00 9.68  ? 44  SER A N   1 
ATOM   348  C CA  . SER A 1 44  ? -4.270  2.404   -13.152 1.00 8.91  ? 44  SER A CA  1 
ATOM   349  C C   . SER A 1 44  ? -3.301  3.538   -13.445 1.00 9.27  ? 44  SER A C   1 
ATOM   350  O O   . SER A 1 44  ? -2.716  4.138   -12.539 1.00 9.87  ? 44  SER A O   1 
ATOM   351  C CB  . SER A 1 44  ? -5.704  2.866   -13.423 1.00 11.77 ? 44  SER A CB  1 
ATOM   352  O OG  . SER A 1 44  ? -6.047  3.937   -12.558 1.00 13.91 ? 44  SER A OG  1 
ATOM   353  N N   . GLN A 1 45  ? -3.143  3.832   -14.733 1.00 10.98 ? 45  GLN A N   1 
ATOM   354  C CA  . GLN A 1 45  ? -2.393  4.990   -15.197 1.00 12.46 ? 45  GLN A CA  1 
ATOM   355  C C   . GLN A 1 45  ? -3.362  5.985   -15.815 1.00 13.03 ? 45  GLN A C   1 
ATOM   356  O O   . GLN A 1 45  ? -4.278  5.603   -16.555 1.00 14.65 ? 45  GLN A O   1 
ATOM   357  C CB  . GLN A 1 45  ? -1.354  4.585   -16.238 1.00 13.66 ? 45  GLN A CB  1 
ATOM   358  C CG  . GLN A 1 45  ? -0.252  3.730   -15.687 1.00 16.87 ? 45  GLN A CG  1 
ATOM   359  C CD  . GLN A 1 45  ? 0.795   3.426   -16.733 1.00 20.65 ? 45  GLN A CD  1 
ATOM   360  O OE1 . GLN A 1 45  ? 0.783   2.358   -17.342 1.00 20.11 ? 45  GLN A OE1 1 
ATOM   361  N NE2 . GLN A 1 45  ? 1.704   4.370   -16.956 1.00 27.97 ? 45  GLN A NE2 1 
ATOM   362  N N   . GLU A 1 46  ? -3.178  7.256   -15.488 1.00 11.23 ? 46  GLU A N   1 
ATOM   363  C CA  . GLU A 1 46  ? -3.980  8.331   -16.069 1.00 14.46 ? 46  GLU A CA  1 
ATOM   364  C C   . GLU A 1 46  ? -3.013  9.438   -16.463 1.00 13.19 ? 46  GLU A C   1 
ATOM   365  O O   . GLU A 1 46  ? -2.543  10.191  -15.608 1.00 14.61 ? 46  GLU A O   1 
ATOM   366  C CB  . GLU A 1 46  ? -5.025  8.835   -15.079 1.00 16.78 ? 46  GLU A CB  1 
ATOM   367  C CG  . GLU A 1 46  ? -6.136  7.839   -14.756 1.00 22.72 ? 46  GLU A CG  1 
ATOM   368  C CD  . GLU A 1 46  ? -6.841  7.309   -15.998 1.00 34.59 ? 46  GLU A CD  1 
ATOM   369  O OE1 . GLU A 1 46  ? -7.151  6.098   -16.045 1.00 38.43 ? 46  GLU A OE1 1 
ATOM   370  O OE2 . GLU A 1 46  ? -7.087  8.103   -16.929 1.00 44.26 ? 46  GLU A OE2 1 
ATOM   371  N N   . GLY A 1 47  ? -2.724  9.550   -17.757 1.00 13.75 ? 47  GLY A N   1 
ATOM   372  C CA  . GLY A 1 47  ? -1.768  10.559  -18.180 1.00 16.76 ? 47  GLY A CA  1 
ATOM   373  C C   . GLY A 1 47  ? -0.417  10.280  -17.555 1.00 11.74 ? 47  GLY A C   1 
ATOM   374  O O   . GLY A 1 47  ? 0.096   9.159   -17.621 1.00 15.46 ? 47  GLY A O   1 
ATOM   375  N N   . ASP A 1 48  ? 0.175   11.305  -16.935 1.00 14.82 ? 48  ASP A N   1 
ATOM   376  C CA  . ASP A 1 48  ? 1.461   11.141  -16.259 1.00 16.88 ? 48  ASP A CA  1 
ATOM   377  C C   . ASP A 1 48  ? 1.333   10.659  -14.813 1.00 15.61 ? 48  ASP A C   1 
ATOM   378  O O   . ASP A 1 48  ? 2.339   10.627  -14.094 1.00 17.50 ? 48  ASP A O   1 
ATOM   379  C CB  . ASP A 1 48  ? 2.312   12.421  -16.334 1.00 23.67 ? 48  ASP A CB  1 
ATOM   380  C CG  . ASP A 1 48  ? 1.620   13.636  -15.737 1.00 33.43 ? 48  ASP A CG  1 
ATOM   381  O OD1 . ASP A 1 48  ? 0.509   13.501  -15.182 1.00 36.31 ? 48  ASP A OD1 1 
ATOM   382  O OD2 . ASP A 1 48  ? 2.204   14.742  -15.818 1.00 35.24 ? 48  ASP A OD2 1 
ATOM   383  N N   . LYS A 1 49  ? 0.137   10.270  -14.382 1.00 13.17 ? 49  LYS A N   1 
ATOM   384  C CA  . LYS A 1 49  ? -0.107  9.867   -13.004 1.00 13.61 ? 49  LYS A CA  1 
ATOM   385  C C   . LYS A 1 49  ? -0.370  8.370   -12.914 1.00 11.34 ? 49  LYS A C   1 
ATOM   386  O O   . LYS A 1 49  ? -0.872  7.740   -13.853 1.00 12.12 ? 49  LYS A O   1 
ATOM   387  C CB  . LYS A 1 49  ? -1.324  10.598  -12.426 1.00 13.98 ? 49  LYS A CB  1 
ATOM   388  C CG  . LYS A 1 49  ? -1.240  12.112  -12.447 1.00 18.11 ? 49  LYS A CG  1 
ATOM   389  C CD  . LYS A 1 49  ? -0.249  12.619  -11.429 1.00 18.93 ? 49  LYS A CD  1 
ATOM   390  C CE  . LYS A 1 49  ? -0.156  14.144  -11.445 1.00 29.69 ? 49  LYS A CE  1 
ATOM   391  N NZ  . LYS A 1 49  ? -1.254  14.754  -12.246 1.00 45.28 ? 49  LYS A NZ  1 
ATOM   392  N N   . VAL A 1 50  ? -0.019  7.801   -11.769 1.00 9.84  ? 50  VAL A N   1 
ATOM   393  C CA  . VAL A 1 50  ? -0.469  6.480   -11.361 1.00 11.44 ? 50  VAL A CA  1 
ATOM   394  C C   . VAL A 1 50  ? -1.502  6.698   -10.270 1.00 8.95  ? 50  VAL A C   1 
ATOM   395  O O   . VAL A 1 50  ? -1.331  7.577   -9.413  1.00 10.47 ? 50  VAL A O   1 
ATOM   396  C CB  . VAL A 1 50  ? 0.710   5.630   -10.854 1.00 11.19 ? 50  VAL A CB  1 
ATOM   397  C CG1 . VAL A 1 50  ? 0.251   4.230   -10.473 1.00 11.62 ? 50  VAL A CG1 1 
ATOM   398  C CG2 . VAL A 1 50  ? 1.807   5.574   -11.917 1.00 15.39 ? 50  VAL A CG2 1 
ATOM   399  N N   . VAL A 1 51  ? -2.585  5.929   -10.321 1.00 9.52  ? 51  VAL A N   1 
ATOM   400  C CA  . VAL A 1 51  ? -3.678  6.019   -9.362  1.00 10.53 ? 51  VAL A CA  1 
ATOM   401  C C   . VAL A 1 51  ? -3.808  4.679   -8.657  1.00 9.26  ? 51  VAL A C   1 
ATOM   402  O O   . VAL A 1 51  ? -3.871  3.629   -9.311  1.00 9.94  ? 51  VAL A O   1 
ATOM   403  C CB  . VAL A 1 51  ? -4.999  6.385   -10.064 1.00 9.98  ? 51  VAL A CB  1 
ATOM   404  C CG1 . VAL A 1 51  ? -6.128  6.520   -9.049  1.00 12.90 ? 51  VAL A CG1 1 
ATOM   405  C CG2 . VAL A 1 51  ? -4.822  7.668   -10.879 1.00 14.34 ? 51  VAL A CG2 1 
ATOM   406  N N   . ILE A 1 52  ? -3.844  4.717   -7.328  1.00 8.69  ? 52  ILE A N   1 
ATOM   407  C CA  . ILE A 1 52  ? -4.061  3.529   -6.505  1.00 8.86  ? 52  ILE A CA  1 
ATOM   408  C C   . ILE A 1 52  ? -5.303  3.775   -5.664  1.00 8.89  ? 52  ILE A C   1 
ATOM   409  O O   . ILE A 1 52  ? -5.305  4.639   -4.776  1.00 9.73  ? 52  ILE A O   1 
ATOM   410  C CB  . ILE A 1 52  ? -2.853  3.185   -5.625  1.00 8.55  ? 52  ILE A CB  1 
ATOM   411  C CG1 . ILE A 1 52  ? -1.633  2.913   -6.506  1.00 10.86 ? 52  ILE A CG1 1 
ATOM   412  C CG2 . ILE A 1 52  ? -3.173  1.947   -4.779  1.00 11.61 ? 52  ILE A CG2 1 
ATOM   413  C CD1 . ILE A 1 52  ? -0.373  2.561   -5.720  1.00 13.95 ? 52  ILE A CD1 1 
ATOM   414  N N   A ARG A 1 53  ? -6.362  3.019   -5.928  0.76 9.19  ? 53  ARG A N   1 
ATOM   415  N N   B ARG A 1 53  ? -6.356  3.020   -5.959  0.24 9.20  ? 53  ARG A N   1 
ATOM   416  C CA  A ARG A 1 53  ? -7.628  3.189   -5.230  0.76 9.29  ? 53  ARG A CA  1 
ATOM   417  C CA  B ARG A 1 53  ? -7.639  3.099   -5.279  0.24 9.41  ? 53  ARG A CA  1 
ATOM   418  C C   A ARG A 1 53  ? -7.932  1.926   -4.437  0.76 8.38  ? 53  ARG A C   1 
ATOM   419  C C   B ARG A 1 53  ? -7.774  1.874   -4.392  0.24 8.44  ? 53  ARG A C   1 
ATOM   420  O O   A ARG A 1 53  ? -7.983  0.831   -5.002  0.76 10.24 ? 53  ARG A O   1 
ATOM   421  O O   B ARG A 1 53  ? -7.548  0.749   -4.850  0.24 8.38  ? 53  ARG A O   1 
ATOM   422  C CB  A ARG A 1 53  ? -8.735  3.461   -6.247  0.76 10.58 ? 53  ARG A CB  1 
ATOM   423  C CB  B ARG A 1 53  ? -8.760  3.059   -6.314  0.24 11.02 ? 53  ARG A CB  1 
ATOM   424  C CG  A ARG A 1 53  ? -10.059 3.759   -5.630  0.76 8.17  ? 53  ARG A CG  1 
ATOM   425  C CG  B ARG A 1 53  ? -9.066  4.383   -6.944  0.24 13.79 ? 53  ARG A CG  1 
ATOM   426  C CD  A ARG A 1 53  ? -11.091 3.947   -6.702  0.76 11.28 ? 53  ARG A CD  1 
ATOM   427  C CD  B ARG A 1 53  ? -10.357 4.906   -6.385  0.24 17.86 ? 53  ARG A CD  1 
ATOM   428  N NE  A ARG A 1 53  ? -12.336 4.439   -6.134  0.76 11.81 ? 53  ARG A NE  1 
ATOM   429  N NE  B ARG A 1 53  ? -11.529 4.363   -7.056  0.24 16.90 ? 53  ARG A NE  1 
ATOM   430  C CZ  A ARG A 1 53  ? -13.534 4.195   -6.650  0.76 9.97  ? 53  ARG A CZ  1 
ATOM   431  C CZ  B ARG A 1 53  ? -12.747 4.360   -6.524  0.24 15.25 ? 53  ARG A CZ  1 
ATOM   432  N NH1 A ARG A 1 53  ? -14.608 4.681   -6.049  0.76 11.22 ? 53  ARG A NH1 1 
ATOM   433  N NH1 B ARG A 1 53  ? -12.942 4.864   -5.314  0.24 23.83 ? 53  ARG A NH1 1 
ATOM   434  N NH2 A ARG A 1 53  ? -13.648 3.457   -7.753  0.76 10.34 ? 53  ARG A NH2 1 
ATOM   435  N NH2 B ARG A 1 53  ? -13.767 3.855   -7.201  0.24 13.87 ? 53  ARG A NH2 1 
ATOM   436  N N   . THR A 1 54  ? -8.142  2.079   -3.132  1.00 9.18  ? 54  THR A N   1 
ATOM   437  C CA  . THR A 1 54  ? -8.366  0.968   -2.218  1.00 9.69  ? 54  THR A CA  1 
ATOM   438  C C   . THR A 1 54  ? -9.801  1.042   -1.719  1.00 9.61  ? 54  THR A C   1 
ATOM   439  O O   . THR A 1 54  ? -10.210 2.063   -1.144  1.00 12.10 ? 54  THR A O   1 
ATOM   440  C CB  . THR A 1 54  ? -7.370  1.035   -1.061  1.00 9.89  ? 54  THR A CB  1 
ATOM   441  O OG1 . THR A 1 54  ? -6.035  1.015   -1.592  1.00 12.86 ? 54  THR A OG1 1 
ATOM   442  C CG2 . THR A 1 54  ? -7.547  -0.162  -0.134  1.00 14.43 ? 54  THR A CG2 1 
ATOM   443  N N   . LEU A 1 55  ? -10.563 -0.018  -1.955  1.00 9.22  ? 55  LEU A N   1 
ATOM   444  C CA  . LEU A 1 55  ? -11.956 -0.091  -1.529  1.00 10.45 ? 55  LEU A CA  1 
ATOM   445  C C   . LEU A 1 55  ? -12.107 -1.179  -0.480  1.00 10.85 ? 55  LEU A C   1 
ATOM   446  O O   . LEU A 1 55  ? -11.649 -2.308  -0.683  1.00 11.50 ? 55  LEU A O   1 
ATOM   447  C CB  . LEU A 1 55  ? -12.872 -0.381  -2.716  1.00 10.46 ? 55  LEU A CB  1 
ATOM   448  C CG  . LEU A 1 55  ? -12.801 0.602   -3.889  1.00 11.44 ? 55  LEU A CG  1 
ATOM   449  C CD1 . LEU A 1 55  ? -13.811 0.199   -4.954  1.00 16.51 ? 55  LEU A CD1 1 
ATOM   450  C CD2 . LEU A 1 55  ? -13.052 2.019   -3.399  1.00 14.36 ? 55  LEU A CD2 1 
ATOM   451  N N   . SER A 1 56  ? -12.728 -0.840  0.648   1.00 11.15 ? 56  SER A N   1 
ATOM   452  C CA  . SER A 1 56  ? -12.937 -1.842  1.681   1.00 11.69 ? 56  SER A CA  1 
ATOM   453  C C   . SER A 1 56  ? -14.088 -1.410  2.573   1.00 11.81 ? 56  SER A C   1 
ATOM   454  O O   . SER A 1 56  ? -14.510 -0.252  2.565   1.00 12.52 ? 56  SER A O   1 
ATOM   455  C CB  . SER A 1 56  ? -11.675 -2.079  2.517   1.00 14.00 ? 56  SER A CB  1 
ATOM   456  O OG  . SER A 1 56  ? -11.570 -1.117  3.552   1.00 15.74 ? 56  SER A OG  1 
ATOM   457  N N   . THR A 1 57  ? -14.585 -2.365  3.357   1.00 11.95 ? 57  THR A N   1 
ATOM   458  C CA  . THR A 1 57  ? -15.649 -2.053  4.308   1.00 14.34 ? 57  THR A CA  1 
ATOM   459  C C   . THR A 1 57  ? -15.153 -1.304  5.538   1.00 14.36 ? 57  THR A C   1 
ATOM   460  O O   . THR A 1 57  ? -15.970 -0.950  6.393   1.00 16.17 ? 57  THR A O   1 
ATOM   461  C CB  . THR A 1 57  ? -16.412 -3.308  4.732   1.00 12.13 ? 57  THR A CB  1 
ATOM   462  O OG1 . THR A 1 57  ? -15.493 -4.302  5.193   1.00 15.40 ? 57  THR A OG1 1 
ATOM   463  C CG2 . THR A 1 57  ? -17.194 -3.859  3.550   1.00 16.43 ? 57  THR A CG2 1 
ATOM   464  N N   . PHE A 1 58  ? -13.855 -1.057  5.663   1.00 11.49 ? 58  PHE A N   1 
ATOM   465  C CA  . PHE A 1 58  ? -13.367 -0.164  6.718   1.00 14.23 ? 58  PHE A CA  1 
ATOM   466  C C   . PHE A 1 58  ? -13.299 1.258   6.173   1.00 18.93 ? 58  PHE A C   1 
ATOM   467  O O   . PHE A 1 58  ? -14.097 2.120   6.554   1.00 22.20 ? 58  PHE A O   1 
ATOM   468  C CB  . PHE A 1 58  ? -12.017 -0.624  7.272   1.00 17.19 ? 58  PHE A CB  1 
ATOM   469  C CG  . PHE A 1 58  ? -11.477 0.294   8.334   1.00 18.03 ? 58  PHE A CG  1 
ATOM   470  C CD1 . PHE A 1 58  ? -10.348 1.069   8.105   1.00 17.54 ? 58  PHE A CD1 1 
ATOM   471  C CD2 . PHE A 1 58  ? -12.135 0.421   9.547   1.00 19.74 ? 58  PHE A CD2 1 
ATOM   472  C CE1 . PHE A 1 58  ? -9.872  1.933   9.088   1.00 23.01 ? 58  PHE A CE1 1 
ATOM   473  C CE2 . PHE A 1 58  ? -11.666 1.277   10.525  1.00 23.28 ? 58  PHE A CE2 1 
ATOM   474  C CZ  . PHE A 1 58  ? -10.537 2.032   10.297  1.00 24.79 ? 58  PHE A CZ  1 
ATOM   475  N N   A LYS A 1 59  ? -12.349 1.508   5.282   0.56 16.55 ? 59  LYS A N   1 
ATOM   476  N N   B LYS A 1 59  ? -12.353 1.515   5.268   0.44 16.48 ? 59  LYS A N   1 
ATOM   477  C CA  A LYS A 1 59  ? -12.206 2.806   4.658   0.56 16.67 ? 59  LYS A CA  1 
ATOM   478  C CA  B LYS A 1 59  ? -12.158 2.841   4.699   0.44 16.70 ? 59  LYS A CA  1 
ATOM   479  C C   A LYS A 1 59  ? -11.914 2.607   3.181   0.56 15.63 ? 59  LYS A C   1 
ATOM   480  C C   B LYS A 1 59  ? -11.723 2.711   3.244   0.44 15.45 ? 59  LYS A C   1 
ATOM   481  O O   A LYS A 1 59  ? -11.491 1.534   2.737   0.56 14.15 ? 59  LYS A O   1 
ATOM   482  O O   B LYS A 1 59  ? -11.004 1.778   2.874   0.44 17.80 ? 59  LYS A O   1 
ATOM   483  C CB  A LYS A 1 59  ? -11.090 3.634   5.313   0.56 18.77 ? 59  LYS A CB  1 
ATOM   484  C CB  B LYS A 1 59  ? -11.109 3.647   5.479   0.44 19.15 ? 59  LYS A CB  1 
ATOM   485  C CG  A LYS A 1 59  ? -11.484 4.240   6.651   0.56 17.08 ? 59  LYS A CG  1 
ATOM   486  C CG  B LYS A 1 59  ? -10.971 5.094   5.027   0.44 21.18 ? 59  LYS A CG  1 
ATOM   487  C CD  A LYS A 1 59  ? -10.484 5.299   7.085   0.56 32.11 ? 59  LYS A CD  1 
ATOM   488  C CD  B LYS A 1 59  ? -10.284 5.953   6.074   0.44 32.71 ? 59  LYS A CD  1 
ATOM   489  C CE  A LYS A 1 59  ? -10.909 5.973   8.381   0.56 38.79 ? 59  LYS A CE  1 
ATOM   490  C CE  B LYS A 1 59  ? -10.817 5.658   7.467   0.44 34.77 ? 59  LYS A CE  1 
ATOM   491  N NZ  A LYS A 1 59  ? -9.837  5.915   9.416   0.56 36.69 ? 59  LYS A NZ  1 
ATOM   492  N NZ  B LYS A 1 59  ? -11.259 6.894   8.168   0.44 38.09 ? 59  LYS A NZ  1 
ATOM   493  N N   . ASN A 1 60  ? -12.171 3.660   2.426   1.00 11.15 ? 60  ASN A N   1 
ATOM   494  C CA  . ASN A 1 60  ? -11.791 3.738   1.028   1.00 10.95 ? 60  ASN A CA  1 
ATOM   495  C C   . ASN A 1 60  ? -10.757 4.844   0.901   1.00 13.61 ? 60  ASN A C   1 
ATOM   496  O O   . ASN A 1 60  ? -10.881 5.893   1.545   1.00 15.62 ? 60  ASN A O   1 
ATOM   497  C CB  . ASN A 1 60  ? -13.010 4.082   0.171   1.00 10.68 ? 60  ASN A CB  1 
ATOM   498  C CG  . ASN A 1 60  ? -14.108 3.052   0.296   1.00 11.69 ? 60  ASN A CG  1 
ATOM   499  O OD1 . ASN A 1 60  ? -13.870 1.851   0.160   1.00 10.56 ? 60  ASN A OD1 1 
ATOM   500  N ND2 . ASN A 1 60  ? -15.327 3.514   0.559   1.00 14.42 ? 60  ASN A ND2 1 
ATOM   501  N N   . THR A 1 61  ? -9.733  4.614   0.078   1.00 10.11 ? 61  THR A N   1 
ATOM   502  C CA  . THR A 1 61  ? -8.693  5.611   -0.131  1.00 11.47 ? 61  THR A CA  1 
ATOM   503  C C   . THR A 1 61  ? -8.362  5.703   -1.614  1.00 9.91  ? 61  THR A C   1 
ATOM   504  O O   . THR A 1 61  ? -8.629  4.790   -2.393  1.00 10.75 ? 61  THR A O   1 
ATOM   505  C CB  . THR A 1 61  ? -7.392  5.299   0.640   1.00 11.64 ? 61  THR A CB  1 
ATOM   506  O OG1 . THR A 1 61  ? -6.870  4.033   0.218   1.00 13.53 ? 61  THR A OG1 1 
ATOM   507  C CG2 . THR A 1 61  ? -7.607  5.281   2.153   1.00 15.95 ? 61  THR A CG2 1 
ATOM   508  N N   . GLU A 1 62  ? -7.776  6.828   -2.000  1.00 10.94 ? 62  GLU A N   1 
ATOM   509  C CA  . GLU A 1 62  ? -7.277  6.979   -3.358  1.00 10.57 ? 62  GLU A CA  1 
ATOM   510  C C   . GLU A 1 62  ? -6.107  7.941   -3.341  1.00 12.97 ? 62  GLU A C   1 
ATOM   511  O O   . GLU A 1 62  ? -6.200  9.030   -2.763  1.00 15.87 ? 62  GLU A O   1 
ATOM   512  C CB  . GLU A 1 62  ? -8.368  7.495   -4.303  1.00 13.76 ? 62  GLU A CB  1 
ATOM   513  C CG  . GLU A 1 62  ? -7.924  7.586   -5.760  1.00 16.37 ? 62  GLU A CG  1 
ATOM   514  C CD  . GLU A 1 62  ? -9.058  7.986   -6.694  1.00 31.38 ? 62  GLU A CD  1 
ATOM   515  O OE1 . GLU A 1 62  ? -10.232 7.959   -6.261  1.00 39.86 ? 62  GLU A OE1 1 
ATOM   516  O OE2 . GLU A 1 62  ? -8.779  8.328   -7.862  1.00 46.35 ? 62  GLU A OE2 1 
ATOM   517  N N   . ILE A 1 63  ? -5.008  7.528   -3.961  1.00 11.23 ? 63  ILE A N   1 
ATOM   518  C CA  . ILE A 1 63  ? -3.858  8.396   -4.168  1.00 10.83 ? 63  ILE A CA  1 
ATOM   519  C C   . ILE A 1 63  ? -3.555  8.458   -5.661  1.00 11.02 ? 63  ILE A C   1 
ATOM   520  O O   . ILE A 1 63  ? -3.749  7.487   -6.401  1.00 11.51 ? 63  ILE A O   1 
ATOM   521  C CB  . ILE A 1 63  ? -2.623  7.972   -3.349  1.00 11.18 ? 63  ILE A CB  1 
ATOM   522  C CG1 . ILE A 1 63  ? -2.207  6.542   -3.681  1.00 10.67 ? 63  ILE A CG1 1 
ATOM   523  C CG2 . ILE A 1 63  ? -2.908  8.071   -1.860  1.00 13.41 ? 63  ILE A CG2 1 
ATOM   524  C CD1 . ILE A 1 63  ? -0.885  6.151   -3.048  1.00 14.28 ? 63  ILE A CD1 1 
ATOM   525  N N   . SER A 1 64  ? -3.119  9.633   -6.102  1.00 11.26 ? 64  SER A N   1 
ATOM   526  C CA  . SER A 1 64  ? -2.760  9.890   -7.492  1.00 13.35 ? 64  SER A CA  1 
ATOM   527  C C   . SER A 1 64  ? -1.425  10.611  -7.466  1.00 10.53 ? 64  SER A C   1 
ATOM   528  O O   . SER A 1 64  ? -1.301  11.648  -6.809  1.00 16.95 ? 64  SER A O   1 
ATOM   529  C CB  . SER A 1 64  ? -3.824  10.773  -8.148  1.00 14.88 ? 64  SER A CB  1 
ATOM   530  O OG  . SER A 1 64  ? -3.450  11.142  -9.460  1.00 20.51 ? 64  SER A OG  1 
ATOM   531  N N   . PHE A 1 65  ? -0.421  10.061  -8.143  1.00 10.56 ? 65  PHE A N   1 
ATOM   532  C CA  . PHE A 1 65  ? 0.936   10.571  -7.997  1.00 10.10 ? 65  PHE A CA  1 
ATOM   533  C C   . PHE A 1 65  ? 1.713   10.383  -9.292  1.00 10.06 ? 65  PHE A C   1 
ATOM   534  O O   . PHE A 1 65  ? 1.381   9.539   -10.131 1.00 10.40 ? 65  PHE A O   1 
ATOM   535  C CB  . PHE A 1 65  ? 1.667   9.852   -6.846  1.00 9.90  ? 65  PHE A CB  1 
ATOM   536  C CG  . PHE A 1 65  ? 1.648   8.346   -6.970  1.00 9.71  ? 65  PHE A CG  1 
ATOM   537  C CD1 . PHE A 1 65  ? 2.597   7.675   -7.729  1.00 9.94  ? 65  PHE A CD1 1 
ATOM   538  C CD2 . PHE A 1 65  ? 0.643   7.613   -6.352  1.00 11.73 ? 65  PHE A CD2 1 
ATOM   539  C CE1 . PHE A 1 65  ? 2.548   6.297   -7.863  1.00 10.76 ? 65  PHE A CE1 1 
ATOM   540  C CE2 . PHE A 1 65  ? 0.587   6.247   -6.487  1.00 9.86  ? 65  PHE A CE2 1 
ATOM   541  C CZ  . PHE A 1 65  ? 1.541   5.584   -7.227  1.00 10.20 ? 65  PHE A CZ  1 
ATOM   542  N N   A GLN A 1 66  ? 2.765   11.176  -9.437  0.53 10.13 ? 66  GLN A N   1 
ATOM   543  N N   B GLN A 1 66  ? 2.758   11.194  -9.448  0.47 10.13 ? 66  GLN A N   1 
ATOM   544  C CA  A GLN A 1 66  ? 3.757   10.963  -10.477 0.53 10.36 ? 66  GLN A CA  1 
ATOM   545  C CA  B GLN A 1 66  ? 3.773   10.984  -10.471 0.47 10.35 ? 66  GLN A CA  1 
ATOM   546  C C   A GLN A 1 66  ? 4.951   10.258  -9.850  0.53 9.70  ? 66  GLN A C   1 
ATOM   547  C C   B GLN A 1 66  ? 4.941   10.244  -9.836  0.47 9.69  ? 66  GLN A C   1 
ATOM   548  O O   A GLN A 1 66  ? 5.359   10.591  -8.734  0.53 9.64  ? 66  GLN A O   1 
ATOM   549  O O   B GLN A 1 66  ? 5.333   10.547  -8.706  0.47 9.71  ? 66  GLN A O   1 
ATOM   550  C CB  A GLN A 1 66  ? 4.203   12.299  -11.062 0.53 13.44 ? 66  GLN A CB  1 
ATOM   551  C CB  B GLN A 1 66  ? 4.289   12.317  -11.016 0.47 13.44 ? 66  GLN A CB  1 
ATOM   552  C CG  A GLN A 1 66  ? 5.094   12.178  -12.275 0.53 9.96  ? 66  GLN A CG  1 
ATOM   553  C CG  B GLN A 1 66  ? 3.286   13.135  -11.811 0.47 17.44 ? 66  GLN A CG  1 
ATOM   554  C CD  A GLN A 1 66  ? 5.739   13.492  -12.640 0.53 19.77 ? 66  GLN A CD  1 
ATOM   555  C CD  B GLN A 1 66  ? 3.915   14.369  -12.431 0.47 23.49 ? 66  GLN A CD  1 
ATOM   556  O OE1 A GLN A 1 66  ? 5.198   14.556  -12.350 0.53 21.52 ? 66  GLN A OE1 1 
ATOM   557  O OE1 B GLN A 1 66  ? 4.800   14.269  -13.285 0.47 21.24 ? 66  GLN A OE1 1 
ATOM   558  N NE2 A GLN A 1 66  ? 6.906   13.426  -13.270 0.53 25.16 ? 66  GLN A NE2 1 
ATOM   559  N NE2 B GLN A 1 66  ? 3.471   15.541  -11.995 0.47 19.29 ? 66  GLN A NE2 1 
ATOM   560  N N   . LEU A 1 67  ? 5.501   9.282   -10.563 1.00 10.69 ? 67  LEU A N   1 
ATOM   561  C CA  . LEU A 1 67  ? 6.652   8.554   -10.051 1.00 10.92 ? 67  LEU A CA  1 
ATOM   562  C C   . LEU A 1 67  ? 7.777   9.523   -9.719  1.00 11.69 ? 67  LEU A C   1 
ATOM   563  O O   . LEU A 1 67  ? 8.095   10.425  -10.505 1.00 13.09 ? 67  LEU A O   1 
ATOM   564  C CB  . LEU A 1 67  ? 7.124   7.508   -11.058 1.00 12.09 ? 67  LEU A CB  1 
ATOM   565  C CG  . LEU A 1 67  ? 6.102   6.396   -11.276 1.00 11.65 ? 67  LEU A CG  1 
ATOM   566  C CD1 . LEU A 1 67  ? 6.499   5.529   -12.463 1.00 18.33 ? 67  LEU A CD1 1 
ATOM   567  C CD2 . LEU A 1 67  ? 5.923   5.545   -10.025 1.00 13.61 ? 67  LEU A CD2 1 
ATOM   568  N N   . GLY A 1 68  ? 8.312   9.394   -8.505  1.00 11.29 ? 68  GLY A N   1 
ATOM   569  C CA  . GLY A 1 68  ? 9.424   10.200  -8.053  1.00 11.49 ? 68  GLY A CA  1 
ATOM   570  C C   . GLY A 1 68  ? 9.070   11.553  -7.472  1.00 12.47 ? 68  GLY A C   1 
ATOM   571  O O   . GLY A 1 68  ? 9.975   12.239  -6.976  1.00 14.57 ? 68  GLY A O   1 
ATOM   572  N N   . GLU A 1 69  ? 7.803   11.961  -7.505  1.00 10.91 ? 69  GLU A N   1 
ATOM   573  C CA  . GLU A 1 69  ? 7.377   13.285  -7.050  1.00 10.40 ? 69  GLU A CA  1 
ATOM   574  C C   . GLU A 1 69  ? 6.675   13.187  -5.698  1.00 9.91  ? 69  GLU A C   1 
ATOM   575  O O   . GLU A 1 69  ? 5.627   12.542  -5.582  1.00 10.41 ? 69  GLU A O   1 
ATOM   576  C CB  . GLU A 1 69  ? 6.418   13.898  -8.069  1.00 13.32 ? 69  GLU A CB  1 
ATOM   577  C CG  . GLU A 1 69  ? 7.079   14.295  -9.370  1.00 33.36 ? 69  GLU A CG  1 
ATOM   578  C CD  . GLU A 1 69  ? 8.311   15.146  -9.146  1.00 46.81 ? 69  GLU A CD  1 
ATOM   579  O OE1 . GLU A 1 69  ? 9.406   14.752  -9.602  1.00 55.80 ? 69  GLU A OE1 1 
ATOM   580  O OE2 . GLU A 1 69  ? 8.181   16.211  -8.508  1.00 31.58 ? 69  GLU A OE2 1 
ATOM   581  N N   . GLU A 1 70  ? 7.219   13.862  -4.689  1.00 9.87  ? 70  GLU A N   1 
ATOM   582  C CA  . GLU A 1 70  ? 6.633   13.795  -3.358  1.00 8.90  ? 70  GLU A CA  1 
ATOM   583  C C   . GLU A 1 70  ? 5.227   14.394  -3.350  1.00 8.93  ? 70  GLU A C   1 
ATOM   584  O O   . GLU A 1 70  ? 4.959   15.401  -4.017  1.00 10.72 ? 70  GLU A O   1 
ATOM   585  C CB  . GLU A 1 70  ? 7.526   14.548  -2.366  1.00 9.91  ? 70  GLU A CB  1 
ATOM   586  C CG  . GLU A 1 70  ? 7.037   14.482  -0.929  1.00 11.31 ? 70  GLU A CG  1 
ATOM   587  C CD  . GLU A 1 70  ? 7.992   15.145  0.028   1.00 16.06 ? 70  GLU A CD  1 
ATOM   588  O OE1 . GLU A 1 70  ? 8.920   14.464  0.515   1.00 18.98 ? 70  GLU A OE1 1 
ATOM   589  O OE2 . GLU A 1 70  ? 7.817   16.352  0.281   1.00 18.50 ? 70  GLU A OE2 1 
ATOM   590  N N   . PHE A 1 71  ? 4.327   13.770  -2.581  1.00 9.43  ? 71  PHE A N   1 
ATOM   591  C CA  . PHE A 1 71  ? 2.948   14.232  -2.448  1.00 8.67  ? 71  PHE A CA  1 
ATOM   592  C C   . PHE A 1 71  ? 2.474   14.065  -1.010  1.00 10.49 ? 71  PHE A C   1 
ATOM   593  O O   . PHE A 1 71  ? 3.043   13.295  -0.229  1.00 10.37 ? 71  PHE A O   1 
ATOM   594  C CB  . PHE A 1 71  ? 2.017   13.495  -3.428  1.00 10.36 ? 71  PHE A CB  1 
ATOM   595  C CG  . PHE A 1 71  ? 1.974   11.991  -3.245  1.00 8.74  ? 71  PHE A CG  1 
ATOM   596  C CD1 . PHE A 1 71  ? 2.970   11.174  -3.761  1.00 9.63  ? 71  PHE A CD1 1 
ATOM   597  C CD2 . PHE A 1 71  ? 0.898   11.395  -2.603  1.00 11.57 ? 71  PHE A CD2 1 
ATOM   598  C CE1 . PHE A 1 71  ? 2.912   9.781   -3.605  1.00 9.28  ? 71  PHE A CE1 1 
ATOM   599  C CE2 . PHE A 1 71  ? 0.839   10.012  -2.434  1.00 11.07 ? 71  PHE A CE2 1 
ATOM   600  C CZ  . PHE A 1 71  ? 1.828   9.201   -2.946  1.00 9.96  ? 71  PHE A CZ  1 
ATOM   601  N N   . ASP A 1 72  ? 1.434   14.824  -0.658  1.00 10.55 ? 72  ASP A N   1 
ATOM   602  C CA  . ASP A 1 72  ? 0.766   14.681  0.631   1.00 9.57  ? 72  ASP A CA  1 
ATOM   603  C C   . ASP A 1 72  ? -0.225  13.532  0.575   1.00 10.27 ? 72  ASP A C   1 
ATOM   604  O O   . ASP A 1 72  ? -0.996  13.407  -0.380  1.00 12.31 ? 72  ASP A O   1 
ATOM   605  C CB  . ASP A 1 72  ? -0.018  15.954  0.956   1.00 12.30 ? 72  ASP A CB  1 
ATOM   606  C CG  . ASP A 1 72  ? 0.879   17.153  1.162   1.00 13.67 ? 72  ASP A CG  1 
ATOM   607  O OD1 . ASP A 1 72  ? 0.754   18.124  0.382   1.00 17.36 ? 72  ASP A OD1 1 
ATOM   608  O OD2 . ASP A 1 72  ? 1.703   17.130  2.098   1.00 15.51 ? 72  ASP A OD2 1 
ATOM   609  N N   . GLU A 1 73  ? -0.211  12.706  1.616   1.00 10.44 ? 73  GLU A N   1 
ATOM   610  C CA  . GLU A 1 73  ? -1.083  11.541  1.702   1.00 11.65 ? 73  GLU A CA  1 
ATOM   611  C C   . GLU A 1 73  ? -1.672  11.480  3.102   1.00 12.87 ? 73  GLU A C   1 
ATOM   612  O O   . GLU A 1 73  ? -0.939  11.590  4.088   1.00 14.31 ? 73  GLU A O   1 
ATOM   613  C CB  . GLU A 1 73  ? -0.287  10.255  1.416   1.00 11.44 ? 73  GLU A CB  1 
ATOM   614  C CG  . GLU A 1 73  ? -1.123  8.995   1.488   1.00 12.94 ? 73  GLU A CG  1 
ATOM   615  C CD  . GLU A 1 73  ? -0.340  7.723   1.203   1.00 14.85 ? 73  GLU A CD  1 
ATOM   616  O OE1 . GLU A 1 73  ? 0.915   7.763   1.110   1.00 13.40 ? 73  GLU A OE1 1 
ATOM   617  O OE2 . GLU A 1 73  ? -0.999  6.662   1.082   1.00 15.16 ? 73  GLU A OE2 1 
ATOM   618  N N   . THR A 1 74  ? -2.988  11.327  3.201   1.00 12.28 ? 74  THR A N   1 
ATOM   619  C CA  . THR A 1 74  ? -3.654  11.046  4.470   1.00 14.05 ? 74  THR A CA  1 
ATOM   620  C C   . THR A 1 74  ? -4.059  9.577   4.443   1.00 11.47 ? 74  THR A C   1 
ATOM   621  O O   . THR A 1 74  ? -4.920  9.177   3.654   1.00 13.50 ? 74  THR A O   1 
ATOM   622  C CB  . THR A 1 74  ? -4.872  11.940  4.684   1.00 14.38 ? 74  THR A CB  1 
ATOM   623  O OG1 . THR A 1 74  ? -4.449  13.302  4.807   1.00 20.59 ? 74  THR A OG1 1 
ATOM   624  C CG2 . THR A 1 74  ? -5.581  11.540  5.960   1.00 18.60 ? 74  THR A CG2 1 
ATOM   625  N N   . THR A 1 75  ? -3.436  8.779   5.296   1.00 10.46 ? 75  THR A N   1 
ATOM   626  C CA  . THR A 1 75  ? -3.561  7.334   5.197   1.00 12.66 ? 75  THR A CA  1 
ATOM   627  C C   . THR A 1 75  ? -4.857  6.847   5.847   1.00 12.23 ? 75  THR A C   1 
ATOM   628  O O   . THR A 1 75  ? -5.543  7.577   6.571   1.00 14.73 ? 75  THR A O   1 
ATOM   629  C CB  . THR A 1 75  ? -2.357  6.649   5.843   1.00 11.54 ? 75  THR A CB  1 
ATOM   630  O OG1 . THR A 1 75  ? -2.351  6.919   7.253   1.00 12.80 ? 75  THR A OG1 1 
ATOM   631  C CG2 . THR A 1 75  ? -1.053  7.167   5.236   1.00 12.15 ? 75  THR A CG2 1 
ATOM   632  N N   . ALA A 1 76  ? -5.185  5.582   5.575   1.00 13.26 ? 76  ALA A N   1 
ATOM   633  C CA  . ALA A 1 76  ? -6.400  4.995   6.134   1.00 16.42 ? 76  ALA A CA  1 
ATOM   634  C C   . ALA A 1 76  ? -6.358  4.943   7.655   1.00 17.37 ? 76  ALA A C   1 
ATOM   635  O O   . ALA A 1 76  ? -7.413  4.954   8.301   1.00 21.73 ? 76  ALA A O   1 
ATOM   636  C CB  . ALA A 1 76  ? -6.632  3.605   5.548   1.00 15.56 ? 76  ALA A CB  1 
ATOM   637  N N   . ASP A 1 77  ? -5.164  4.878   8.250   1.00 15.43 ? 77  ASP A N   1 
ATOM   638  C CA  . ASP A 1 77  ? -5.014  4.948   9.698   1.00 17.48 ? 77  ASP A CA  1 
ATOM   639  C C   . ASP A 1 77  ? -4.765  6.370   10.199  1.00 16.34 ? 77  ASP A C   1 
ATOM   640  O O   . ASP A 1 77  ? -4.291  6.549   11.327  1.00 20.38 ? 77  ASP A O   1 
ATOM   641  C CB  . ASP A 1 77  ? -3.933  3.979   10.185  1.00 18.66 ? 77  ASP A CB  1 
ATOM   642  C CG  . ASP A 1 77  ? -2.559  4.322   9.653   1.00 18.06 ? 77  ASP A CG  1 
ATOM   643  O OD1 . ASP A 1 77  ? -2.439  4.570   8.427   1.00 16.12 ? 77  ASP A OD1 1 
ATOM   644  O OD2 . ASP A 1 77  ? -1.596  4.335   10.459  1.00 19.29 ? 77  ASP A OD2 1 
ATOM   645  N N   . ASP A 1 78  ? -5.048  7.373   9.365   1.00 15.98 ? 78  ASP A N   1 
ATOM   646  C CA  . ASP A 1 78  ? -5.135  8.779   9.763   1.00 18.60 ? 78  ASP A CA  1 
ATOM   647  C C   . ASP A 1 78  ? -3.780  9.426   10.054  1.00 21.62 ? 78  ASP A C   1 
ATOM   648  O O   . ASP A 1 78  ? -3.689  10.343  10.872  1.00 26.06 ? 78  ASP A O   1 
ATOM   649  C CB  . ASP A 1 78  ? -6.128  9.000   10.910  1.00 22.64 ? 78  ASP A CB  1 
ATOM   650  C CG  . ASP A 1 78  ? -7.560  8.770   10.480  1.00 33.41 ? 78  ASP A CG  1 
ATOM   651  O OD1 . ASP A 1 78  ? -8.006  9.446   9.529   1.00 40.07 ? 78  ASP A OD1 1 
ATOM   652  O OD2 . ASP A 1 78  ? -8.233  7.907   11.079  1.00 45.54 ? 78  ASP A OD2 1 
ATOM   653  N N   . ARG A 1 79  ? -2.720  8.987   9.387   1.00 14.06 ? 79  ARG A N   1 
ATOM   654  C CA  . ARG A 1 79  ? -1.440  9.677   9.448   1.00 14.00 ? 79  ARG A CA  1 
ATOM   655  C C   . ARG A 1 79  ? -1.351  10.642  8.277   1.00 13.60 ? 79  ARG A C   1 
ATOM   656  O O   . ARG A 1 79  ? -1.712  10.297  7.148   1.00 14.30 ? 79  ARG A O   1 
ATOM   657  C CB  . ARG A 1 79  ? -0.275  8.685   9.383   1.00 13.22 ? 79  ARG A CB  1 
ATOM   658  C CG  . ARG A 1 79  ? -0.087  7.835   10.643  1.00 15.47 ? 79  ARG A CG  1 
ATOM   659  C CD  . ARG A 1 79  ? 0.973   6.746   10.463  1.00 17.68 ? 79  ARG A CD  1 
ATOM   660  N NE  . ARG A 1 79  ? 0.516   5.771   9.478   1.00 16.17 ? 79  ARG A NE  1 
ATOM   661  C CZ  . ARG A 1 79  ? 1.103   5.526   8.310   1.00 15.79 ? 79  ARG A CZ  1 
ATOM   662  N NH1 . ARG A 1 79  ? 2.233   6.138   7.967   1.00 14.83 ? 79  ARG A NH1 1 
ATOM   663  N NH2 . ARG A 1 79  ? 0.564   4.651   7.479   1.00 15.46 ? 79  ARG A NH2 1 
ATOM   664  N N   . ASN A 1 80  ? -0.878  11.848  8.539   1.00 13.10 ? 80  ASN A N   1 
ATOM   665  C CA  . ASN A 1 80  ? -0.654  12.835  7.487   1.00 14.05 ? 80  ASN A CA  1 
ATOM   666  C C   . ASN A 1 80  ? 0.817   12.757  7.101   1.00 13.42 ? 80  ASN A C   1 
ATOM   667  O O   . ASN A 1 80  ? 1.694   13.162  7.873   1.00 15.99 ? 80  ASN A O   1 
ATOM   668  C CB  . ASN A 1 80  ? -1.055  14.227  7.968   1.00 15.74 ? 80  ASN A CB  1 
ATOM   669  C CG  . ASN A 1 80  ? -2.560  14.362  8.144   1.00 27.49 ? 80  ASN A CG  1 
ATOM   670  O OD1 . ASN A 1 80  ? -3.338  13.903  7.303   1.00 26.52 ? 80  ASN A OD1 1 
ATOM   671  N ND2 . ASN A 1 80  ? -2.976  14.996  9.232   1.00 37.01 ? 80  ASN A ND2 1 
ATOM   672  N N   A CYS A 1 81  ? 1.076   12.258  5.894   0.63 11.79 ? 81  CYS A N   1 
ATOM   673  N N   B CYS A 1 81  ? 1.103   12.211  5.928   0.37 11.76 ? 81  CYS A N   1 
ATOM   674  C CA  A CYS A 1 81  ? 2.402   11.849  5.467   0.63 10.53 ? 81  CYS A CA  1 
ATOM   675  C CA  B CYS A 1 81  ? 2.482   11.915  5.583   0.37 10.72 ? 81  CYS A CA  1 
ATOM   676  C C   A CYS A 1 81  ? 2.878   12.665  4.276   0.63 9.16  ? 81  CYS A C   1 
ATOM   677  C C   B CYS A 1 81  ? 2.884   12.568  4.270   0.37 9.22  ? 81  CYS A C   1 
ATOM   678  O O   A CYS A 1 81  ? 2.086   13.248  3.528   0.63 11.03 ? 81  CYS A O   1 
ATOM   679  O O   B CYS A 1 81  ? 2.050   12.973  3.454   0.37 10.61 ? 81  CYS A O   1 
ATOM   680  C CB  A CYS A 1 81  ? 2.392   10.375  5.043   0.63 9.07  ? 81  CYS A CB  1 
ATOM   681  C CB  B CYS A 1 81  ? 2.751   10.404  5.523   0.37 15.35 ? 81  CYS A CB  1 
ATOM   682  S SG  A CYS A 1 81  ? 2.011   9.243   6.380   0.63 9.61  ? 81  CYS A SG  1 
ATOM   683  S SG  B CYS A 1 81  ? 1.742   9.530   4.327   0.37 25.90 ? 81  CYS A SG  1 
ATOM   684  N N   . LYS A 1 82  ? 4.196   12.668  4.096   1.00 9.23  ? 82  LYS A N   1 
ATOM   685  C CA  . LYS A 1 82  ? 4.819   13.013  2.832   1.00 9.34  ? 82  LYS A CA  1 
ATOM   686  C C   . LYS A 1 82  ? 5.254   11.699  2.199   1.00 9.12  ? 82  LYS A C   1 
ATOM   687  O O   . LYS A 1 82  ? 5.990   10.927  2.820   1.00 11.23 ? 82  LYS A O   1 
ATOM   688  C CB  . LYS A 1 82  ? 6.058   13.877  3.076   1.00 11.72 ? 82  LYS A CB  1 
ATOM   689  C CG  . LYS A 1 82  ? 5.759   15.279  3.607   1.00 12.07 ? 82  LYS A CG  1 
ATOM   690  C CD  . LYS A 1 82  ? 4.968   16.096  2.583   1.00 12.58 ? 82  LYS A CD  1 
ATOM   691  C CE  . LYS A 1 82  ? 4.922   17.568  2.975   1.00 14.02 ? 82  LYS A CE  1 
ATOM   692  N NZ  . LYS A 1 82  ? 4.088   18.348  2.008   1.00 15.21 ? 82  LYS A NZ  1 
ATOM   693  N N   . SER A 1 83  ? 4.805   11.444  0.975   1.00 9.16  ? 83  SER A N   1 
ATOM   694  C CA  . SER A 1 83  ? 5.007   10.152  0.345   1.00 9.19  ? 83  SER A CA  1 
ATOM   695  C C   . SER A 1 83  ? 5.682   10.323  -1.006  1.00 8.55  ? 83  SER A C   1 
ATOM   696  O O   . SER A 1 83  ? 5.530   11.351  -1.662  1.00 9.32  ? 83  SER A O   1 
ATOM   697  C CB  . SER A 1 83  ? 3.672   9.463   0.114   1.00 10.96 ? 83  SER A CB  1 
ATOM   698  O OG  . SER A 1 83  ? 3.116   9.070   1.355   1.00 13.70 ? 83  SER A OG  1 
ATOM   699  N N   A VAL A 1 84  ? 6.442   9.307   -1.398  0.49 8.35  ? 84  VAL A N   1 
ATOM   700  N N   B VAL A 1 84  ? 6.433   9.304   -1.422  0.51 8.33  ? 84  VAL A N   1 
ATOM   701  C CA  A VAL A 1 84  ? 7.038   9.209   -2.726  0.49 8.91  ? 84  VAL A CA  1 
ATOM   702  C CA  B VAL A 1 84  ? 7.013   9.263   -2.769  0.51 8.86  ? 84  VAL A CA  1 
ATOM   703  C C   A VAL A 1 84  ? 6.847   7.773   -3.189  0.49 9.49  ? 84  VAL A C   1 
ATOM   704  C C   B VAL A 1 84  ? 7.017   7.815   -3.249  0.51 9.45  ? 84  VAL A C   1 
ATOM   705  O O   A VAL A 1 84  ? 6.976   6.836   -2.394  0.49 8.28  ? 84  VAL A O   1 
ATOM   706  O O   B VAL A 1 84  ? 7.486   6.919   -2.540  0.51 9.78  ? 84  VAL A O   1 
ATOM   707  C CB  A VAL A 1 84  ? 8.544   9.567   -2.714  0.49 11.92 ? 84  VAL A CB  1 
ATOM   708  C CB  B VAL A 1 84  ? 8.449   9.827   -2.853  0.51 9.54  ? 84  VAL A CB  1 
ATOM   709  C CG1 A VAL A 1 84  ? 9.180   9.314   -4.085  0.49 10.18 ? 84  VAL A CG1 1 
ATOM   710  C CG1 B VAL A 1 84  ? 8.836   10.066  -4.304  0.51 11.50 ? 84  VAL A CG1 1 
ATOM   711  C CG2 A VAL A 1 84  ? 8.769   11.014  -2.290  0.49 17.52 ? 84  VAL A CG2 1 
ATOM   712  C CG2 B VAL A 1 84  ? 8.639   11.097  -2.030  0.51 19.44 ? 84  VAL A CG2 1 
ATOM   713  N N   . VAL A 1 85  ? 6.518   7.592   -4.463  1.00 9.19  ? 85  VAL A N   1 
ATOM   714  C CA  . VAL A 1 85  ? 6.462   6.269   -5.073  1.00 9.59  ? 85  VAL A CA  1 
ATOM   715  C C   . VAL A 1 85  ? 7.387   6.284   -6.277  1.00 10.15 ? 85  VAL A C   1 
ATOM   716  O O   . VAL A 1 85  ? 7.311   7.197   -7.109  1.00 11.19 ? 85  VAL A O   1 
ATOM   717  C CB  . VAL A 1 85  ? 5.034   5.891   -5.503  1.00 9.78  ? 85  VAL A CB  1 
ATOM   718  C CG1 . VAL A 1 85  ? 5.029   4.473   -6.096  1.00 11.30 ? 85  VAL A CG1 1 
ATOM   719  C CG2 . VAL A 1 85  ? 4.063   5.970   -4.341  1.00 11.14 ? 85  VAL A CG2 1 
ATOM   720  N N   A SER A 1 86  ? 8.265   5.288   -6.372  0.64 11.05 ? 86  SER A N   1 
ATOM   721  N N   B SER A 1 86  ? 8.255   5.276   -6.376  0.36 11.01 ? 86  SER A N   1 
ATOM   722  C CA  A SER A 1 86  ? 9.155   5.169   -7.514  0.64 11.91 ? 86  SER A CA  1 
ATOM   723  C CA  B SER A 1 86  ? 9.194   5.157   -7.482  0.36 11.98 ? 86  SER A CA  1 
ATOM   724  C C   A SER A 1 86  ? 9.080   3.756   -8.070  0.64 12.12 ? 86  SER A C   1 
ATOM   725  C C   B SER A 1 86  ? 9.134   3.747   -8.048  0.36 12.12 ? 86  SER A C   1 
ATOM   726  O O   A SER A 1 86  ? 8.675   2.816   -7.384  0.64 11.73 ? 86  SER A O   1 
ATOM   727  O O   B SER A 1 86  ? 8.797   2.794   -7.342  0.36 11.91 ? 86  SER A O   1 
ATOM   728  C CB  A SER A 1 86  ? 10.605  5.503   -7.149  0.64 15.21 ? 86  SER A CB  1 
ATOM   729  C CB  B SER A 1 86  ? 10.630  5.445   -7.028  0.36 15.17 ? 86  SER A CB  1 
ATOM   730  O OG  A SER A 1 86  ? 11.049  4.691   -6.083  0.64 14.88 ? 86  SER A OG  1 
ATOM   731  O OG  B SER A 1 86  ? 10.704  6.652   -6.289  0.36 19.56 ? 86  SER A OG  1 
ATOM   732  N N   . LEU A 1 87  ? 9.460   3.619   -9.332  1.00 10.85 ? 87  LEU A N   1 
ATOM   733  C CA  . LEU A 1 87  ? 9.596   2.325   -9.984  1.00 12.13 ? 87  LEU A CA  1 
ATOM   734  C C   . LEU A 1 87  ? 11.077  1.961   -9.933  1.00 13.90 ? 87  LEU A C   1 
ATOM   735  O O   . LEU A 1 87  ? 11.895  2.568   -10.631 1.00 16.21 ? 87  LEU A O   1 
ATOM   736  C CB  . LEU A 1 87  ? 9.089   2.394   -11.421 1.00 14.51 ? 87  LEU A CB  1 
ATOM   737  C CG  . LEU A 1 87  ? 9.169   1.083   -12.211 1.00 14.26 ? 87  LEU A CG  1 
ATOM   738  C CD1 . LEU A 1 87  ? 8.228   0.038   -11.647 1.00 17.58 ? 87  LEU A CD1 1 
ATOM   739  C CD2 . LEU A 1 87  ? 8.890   1.331   -13.692 1.00 21.36 ? 87  LEU A CD2 1 
ATOM   740  N N   . ASP A 1 88  ? 11.429  1.011   -9.069  1.00 12.62 ? 88  ASP A N   1 
ATOM   741  C CA  . ASP A 1 88  ? 12.804  0.543   -8.911  1.00 13.47 ? 88  ASP A CA  1 
ATOM   742  C C   . ASP A 1 88  ? 12.866  -0.818  -9.587  1.00 14.39 ? 88  ASP A C   1 
ATOM   743  O O   . ASP A 1 88  ? 12.318  -1.797  -9.073  1.00 14.52 ? 88  ASP A O   1 
ATOM   744  C CB  . ASP A 1 88  ? 13.193  0.423   -7.437  1.00 14.81 ? 88  ASP A CB  1 
ATOM   745  C CG  . ASP A 1 88  ? 13.123  1.744   -6.691  1.00 21.11 ? 88  ASP A CG  1 
ATOM   746  O OD1 . ASP A 1 88  ? 12.961  2.802   -7.332  1.00 23.37 ? 88  ASP A OD1 1 
ATOM   747  O OD2 . ASP A 1 88  ? 13.232  1.718   -5.445  1.00 25.27 ? 88  ASP A OD2 1 
ATOM   748  N N   . GLY A 1 89  ? 13.512  -0.877  -10.744 1.00 15.71 ? 89  GLY A N   1 
ATOM   749  C CA  . GLY A 1 89  ? 13.457  -2.102  -11.523 1.00 15.69 ? 89  GLY A CA  1 
ATOM   750  C C   . GLY A 1 89  ? 12.018  -2.424  -11.868 1.00 14.08 ? 89  GLY A C   1 
ATOM   751  O O   . GLY A 1 89  ? 11.321  -1.633  -12.514 1.00 16.61 ? 89  GLY A O   1 
ATOM   752  N N   . ASP A 1 90  ? 11.547  -3.591  -11.432 1.00 13.04 ? 90  ASP A N   1 
ATOM   753  C CA  . ASP A 1 90  ? 10.185  -4.013  -11.717 1.00 15.78 ? 90  ASP A CA  1 
ATOM   754  C C   . ASP A 1 90  ? 9.248   -3.821  -10.531 1.00 12.46 ? 90  ASP A C   1 
ATOM   755  O O   . ASP A 1 90  ? 8.098   -4.258  -10.596 1.00 15.27 ? 90  ASP A O   1 
ATOM   756  C CB  . ASP A 1 90  ? 10.166  -5.476  -12.168 1.00 19.03 ? 90  ASP A CB  1 
ATOM   757  C CG  . ASP A 1 90  ? 10.721  -5.662  -13.574 1.00 30.10 ? 90  ASP A CG  1 
ATOM   758  O OD1 . ASP A 1 90  ? 10.677  -4.700  -14.370 1.00 31.42 ? 90  ASP A OD1 1 
ATOM   759  O OD2 . ASP A 1 90  ? 11.208  -6.770  -13.874 1.00 36.25 ? 90  ASP A OD2 1 
ATOM   760  N N   . LYS A 1 91  ? 9.706   -3.171  -9.462  1.00 11.21 ? 91  LYS A N   1 
ATOM   761  C CA  . LYS A 1 91  ? 8.927   -3.049  -8.230  1.00 11.10 ? 91  LYS A CA  1 
ATOM   762  C C   . LYS A 1 91  ? 8.536   -1.597  -7.978  1.00 10.00 ? 91  LYS A C   1 
ATOM   763  O O   . LYS A 1 91  ? 9.301   -0.674  -8.284  1.00 13.82 ? 91  LYS A O   1 
ATOM   764  C CB  . LYS A 1 91  ? 9.725   -3.575  -7.034  1.00 9.82  ? 91  LYS A CB  1 
ATOM   765  C CG  . LYS A 1 91  ? 10.144  -5.033  -7.182  1.00 11.49 ? 91  LYS A CG  1 
ATOM   766  C CD  . LYS A 1 91  ? 10.632  -5.624  -5.879  1.00 13.92 ? 91  LYS A CD  1 
ATOM   767  C CE  . LYS A 1 91  ? 11.210  -7.004  -6.127  1.00 16.24 ? 91  LYS A CE  1 
ATOM   768  N NZ  . LYS A 1 91  ? 11.594  -7.670  -4.855  1.00 23.36 ? 91  LYS A NZ  1 
ATOM   769  N N   . LEU A 1 92  ? 7.335   -1.391  -7.435  1.00 8.90  ? 92  LEU A N   1 
ATOM   770  C CA  . LEU A 1 92  ? 6.907   -0.062  -7.011  1.00 10.17 ? 92  LEU A CA  1 
ATOM   771  C C   . LEU A 1 92  ? 7.242   0.112   -5.536  1.00 8.85  ? 92  LEU A C   1 
ATOM   772  O O   . LEU A 1 92  ? 6.785   -0.673  -4.696  1.00 10.15 ? 92  LEU A O   1 
ATOM   773  C CB  . LEU A 1 92  ? 5.408   0.138   -7.219  1.00 13.23 ? 92  LEU A CB  1 
ATOM   774  C CG  . LEU A 1 92  ? 4.915   0.424   -8.632  1.00 16.34 ? 92  LEU A CG  1 
ATOM   775  C CD1 . LEU A 1 92  ? 3.400   0.330   -8.679  1.00 17.14 ? 92  LEU A CD1 1 
ATOM   776  C CD2 . LEU A 1 92  ? 5.386   1.795   -9.110  1.00 16.40 ? 92  LEU A CD2 1 
ATOM   777  N N   . VAL A 1 93  ? 8.012   1.142   -5.212  1.00 9.00  ? 93  VAL A N   1 
ATOM   778  C CA  . VAL A 1 93  ? 8.483   1.366   -3.849  1.00 8.88  ? 93  VAL A CA  1 
ATOM   779  C C   . VAL A 1 93  ? 7.868   2.662   -3.333  1.00 10.03 ? 93  VAL A C   1 
ATOM   780  O O   . VAL A 1 93  ? 8.115   3.741   -3.888  1.00 10.76 ? 93  VAL A O   1 
ATOM   781  C CB  . VAL A 1 93  ? 10.014  1.417   -3.779  1.00 10.61 ? 93  VAL A CB  1 
ATOM   782  C CG1 . VAL A 1 93  ? 10.467  1.710   -2.363  1.00 12.28 ? 93  VAL A CG1 1 
ATOM   783  C CG2 . VAL A 1 93  ? 10.614  0.107   -4.307  1.00 12.65 ? 93  VAL A CG2 1 
ATOM   784  N N   . HIS A 1 94  ? 7.065   2.550   -2.284  1.00 9.30  ? 94  HIS A N   1 
ATOM   785  C CA  . HIS A 1 94  ? 6.303   3.652   -1.705  1.00 7.92  ? 94  HIS A CA  1 
ATOM   786  C C   . HIS A 1 94  ? 6.899   3.950   -0.333  1.00 10.33 ? 94  HIS A C   1 
ATOM   787  O O   . HIS A 1 94  ? 6.873   3.092   0.555   1.00 9.89  ? 94  HIS A O   1 
ATOM   788  C CB  . HIS A 1 94  ? 4.837   3.205   -1.594  1.00 9.70  ? 94  HIS A CB  1 
ATOM   789  C CG  . HIS A 1 94  ? 3.874   4.242   -1.094  1.00 11.35 ? 94  HIS A CG  1 
ATOM   790  N ND1 . HIS A 1 94  ? 2.510   4.079   -1.208  1.00 18.07 ? 94  HIS A ND1 1 
ATOM   791  C CD2 . HIS A 1 94  ? 4.062   5.425   -0.466  1.00 16.63 ? 94  HIS A CD2 1 
ATOM   792  C CE1 . HIS A 1 94  ? 1.898   5.125   -0.677  1.00 15.70 ? 94  HIS A CE1 1 
ATOM   793  N NE2 . HIS A 1 94  ? 2.816   5.952   -0.216  1.00 16.22 ? 94  HIS A NE2 1 
ATOM   794  N N   A ILE A 1 95  ? 7.443   5.152   -0.155  0.57 10.46 ? 95  ILE A N   1 
ATOM   795  N N   B ILE A 1 95  ? 7.460   5.147   -0.181  0.43 10.51 ? 95  ILE A N   1 
ATOM   796  C CA  A ILE A 1 95  ? 8.037   5.571   1.113   0.57 9.33  ? 95  ILE A CA  1 
ATOM   797  C CA  B ILE A 1 95  ? 8.021   5.618   1.081   0.43 9.37  ? 95  ILE A CA  1 
ATOM   798  C C   A ILE A 1 95  ? 7.169   6.664   1.719   0.57 10.22 ? 95  ILE A C   1 
ATOM   799  C C   B ILE A 1 95  ? 7.045   6.617   1.682   0.43 10.41 ? 95  ILE A C   1 
ATOM   800  O O   A ILE A 1 95  ? 6.916   7.685   1.071   0.57 9.82  ? 95  ILE A O   1 
ATOM   801  O O   B ILE A 1 95  ? 6.569   7.523   0.985   0.43 10.21 ? 95  ILE A O   1 
ATOM   802  C CB  A ILE A 1 95  ? 9.474   6.078   0.920   0.57 10.34 ? 95  ILE A CB  1 
ATOM   803  C CB  B ILE A 1 95  ? 9.394   6.276   0.860   0.43 10.38 ? 95  ILE A CB  1 
ATOM   804  C CG1 A ILE A 1 95  ? 10.366  4.964   0.376   0.57 14.39 ? 95  ILE A CG1 1 
ATOM   805  C CG1 B ILE A 1 95  ? 10.308  5.372   0.028   0.43 13.78 ? 95  ILE A CG1 1 
ATOM   806  C CG2 A ILE A 1 95  ? 10.019  6.617   2.241   0.57 13.98 ? 95  ILE A CG2 1 
ATOM   807  C CG2 B ILE A 1 95  ? 10.037  6.631   2.200   0.43 14.01 ? 95  ILE A CG2 1 
ATOM   808  C CD1 A ILE A 1 95  ? 11.694  5.458   -0.126  0.57 15.94 ? 95  ILE A CD1 1 
ATOM   809  C CD1 B ILE A 1 95  ? 10.848  4.190   0.778   0.43 15.32 ? 95  ILE A CD1 1 
ATOM   810  N N   . GLN A 1 96  ? 6.736   6.458   2.966   1.00 7.80  ? 96  GLN A N   1 
ATOM   811  C CA  . GLN A 1 96  ? 5.860   7.377   3.686   1.00 8.37  ? 96  GLN A CA  1 
ATOM   812  C C   . GLN A 1 96  ? 6.607   7.915   4.891   1.00 10.48 ? 96  GLN A C   1 
ATOM   813  O O   . GLN A 1 96  ? 7.126   7.134   5.694   1.00 9.70  ? 96  GLN A O   1 
ATOM   814  C CB  . GLN A 1 96  ? 4.629   6.665   4.263   1.00 15.02 ? 96  GLN A CB  1 
ATOM   815  C CG  . GLN A 1 96  ? 3.549   6.314   3.295   1.00 15.54 ? 96  GLN A CG  1 
ATOM   816  C CD  . GLN A 1 96  ? 2.326   5.705   3.980   1.00 16.50 ? 96  GLN A CD  1 
ATOM   817  O OE1 . GLN A 1 96  ? 2.355   5.309   5.158   1.00 13.92 ? 96  GLN A OE1 1 
ATOM   818  N NE2 . GLN A 1 96  ? 1.250   5.607   3.229   1.00 13.52 ? 96  GLN A NE2 1 
ATOM   819  N N   . LYS A 1 97  ? 6.613   9.235   5.046   1.00 9.88  ? 97  LYS A N   1 
ATOM   820  C CA  . LYS A 1 97  ? 7.298   9.898   6.151   1.00 10.99 ? 97  LYS A CA  1 
ATOM   821  C C   . LYS A 1 97  ? 6.330   10.789  6.921   1.00 12.23 ? 97  LYS A C   1 
ATOM   822  O O   . LYS A 1 97  ? 5.568   11.552  6.323   1.00 12.88 ? 97  LYS A O   1 
ATOM   823  C CB  . LYS A 1 97  ? 8.437   10.770  5.624   1.00 12.50 ? 97  LYS A CB  1 
ATOM   824  C CG  . LYS A 1 97  ? 9.563   9.989   4.965   1.00 14.37 ? 97  LYS A CG  1 
ATOM   825  C CD  . LYS A 1 97  ? 10.639  10.922  4.408   1.00 19.64 ? 97  LYS A CD  1 
ATOM   826  C CE  . LYS A 1 97  ? 11.791  10.140  3.797   1.00 30.45 ? 97  LYS A CE  1 
ATOM   827  N NZ  . LYS A 1 97  ? 12.729  11.038  3.063   1.00 44.14 ? 97  LYS A NZ  1 
ATOM   828  N N   . TRP A 1 98  ? 6.386   10.716  8.253   1.00 10.72 ? 98  TRP A N   1 
ATOM   829  C CA  . TRP A 1 98  ? 5.525   11.519  9.115   1.00 12.42 ? 98  TRP A CA  1 
ATOM   830  C C   . TRP A 1 98  ? 6.145   11.525  10.507  1.00 12.58 ? 98  TRP A C   1 
ATOM   831  O O   . TRP A 1 98  ? 6.702   10.513  10.939  1.00 13.59 ? 98  TRP A O   1 
ATOM   832  C CB  . TRP A 1 98  ? 4.103   10.928  9.196   1.00 11.15 ? 98  TRP A CB  1 
ATOM   833  C CG  . TRP A 1 98  ? 4.009   9.738   10.104  1.00 11.58 ? 98  TRP A CG  1 
ATOM   834  C CD1 . TRP A 1 98  ? 3.474   9.711   11.365  1.00 13.72 ? 98  TRP A CD1 1 
ATOM   835  C CD2 . TRP A 1 98  ? 4.500   8.413   9.851   1.00 11.31 ? 98  TRP A CD2 1 
ATOM   836  N NE1 . TRP A 1 98  ? 3.592   8.452   11.903  1.00 14.11 ? 98  TRP A NE1 1 
ATOM   837  C CE2 . TRP A 1 98  ? 4.216   7.635   10.995  1.00 13.68 ? 98  TRP A CE2 1 
ATOM   838  C CE3 . TRP A 1 98  ? 5.150   7.809   8.767   1.00 12.58 ? 98  TRP A CE3 1 
ATOM   839  C CZ2 . TRP A 1 98  ? 4.558   6.285   11.089  1.00 12.96 ? 98  TRP A CZ2 1 
ATOM   840  C CZ3 . TRP A 1 98  ? 5.491   6.462   8.866   1.00 11.52 ? 98  TRP A CZ3 1 
ATOM   841  C CH2 . TRP A 1 98  ? 5.191   5.717   10.015  1.00 12.39 ? 98  TRP A CH2 1 
ATOM   842  N N   . ASP A 1 99  ? 6.055   12.667  11.200  1.00 14.98 ? 99  ASP A N   1 
ATOM   843  C CA  . ASP A 1 99  ? 6.484   12.771  12.603  1.00 15.65 ? 99  ASP A CA  1 
ATOM   844  C C   . ASP A 1 99  ? 7.894   12.221  12.839  1.00 15.34 ? 99  ASP A C   1 
ATOM   845  O O   . ASP A 1 99  ? 8.171   11.604  13.868  1.00 18.79 ? 99  ASP A O   1 
ATOM   846  C CB  . ASP A 1 99  ? 5.483   12.097  13.545  1.00 17.80 ? 99  ASP A CB  1 
ATOM   847  C CG  . ASP A 1 99  ? 4.110   12.732  13.495  1.00 26.97 ? 99  ASP A CG  1 
ATOM   848  O OD1 . ASP A 1 99  ? 3.949   13.768  12.817  1.00 32.44 ? 99  ASP A OD1 1 
ATOM   849  O OD2 . ASP A 1 99  ? 3.187   12.184  14.137  1.00 31.86 ? 99  ASP A OD2 1 
ATOM   850  N N   . GLY A 1 100 ? 8.793   12.431  11.878  1.00 15.85 ? 100 GLY A N   1 
ATOM   851  C CA  . GLY A 1 100 ? 10.149  11.916  11.998  1.00 16.90 ? 100 GLY A CA  1 
ATOM   852  C C   . GLY A 1 100 ? 10.302  10.417  11.819  1.00 19.23 ? 100 GLY A C   1 
ATOM   853  O O   . GLY A 1 100 ? 11.407  9.899   12.009  1.00 21.75 ? 100 GLY A O   1 
ATOM   854  N N   . LYS A 1 101 ? 9.228   9.708   11.477  1.00 13.68 ? 101 LYS A N   1 
ATOM   855  C CA  . LYS A 1 101 ? 9.218   8.269   11.237  1.00 12.17 ? 101 LYS A CA  1 
ATOM   856  C C   . LYS A 1 101 ? 9.123   8.001   9.739   1.00 11.86 ? 101 LYS A C   1 
ATOM   857  O O   . LYS A 1 101 ? 8.782   8.880   8.946   1.00 12.65 ? 101 LYS A O   1 
ATOM   858  C CB  . LYS A 1 101 ? 8.010   7.631   11.926  1.00 11.14 ? 101 LYS A CB  1 
ATOM   859  C CG  . LYS A 1 101 ? 7.899   7.944   13.420  1.00 15.32 ? 101 LYS A CG  1 
ATOM   860  C CD  . LYS A 1 101 ? 6.646   7.320   14.000  1.00 16.31 ? 101 LYS A CD  1 
ATOM   861  C CE  . LYS A 1 101 ? 6.207   8.010   15.287  1.00 30.13 ? 101 LYS A CE  1 
ATOM   862  N NZ  . LYS A 1 101 ? 7.160   7.751   16.391  1.00 28.26 ? 101 LYS A NZ  1 
ATOM   863  N N   . GLU A 1 102 ? 9.383   6.750   9.361   1.00 11.10 ? 102 GLU A N   1 
ATOM   864  C CA  . GLU A 1 102 ? 9.296   6.340   7.964   1.00 10.40 ? 102 GLU A CA  1 
ATOM   865  C C   . GLU A 1 102 ? 8.857   4.885   7.901   1.00 11.28 ? 102 GLU A C   1 
ATOM   866  O O   . GLU A 1 102 ? 9.274   4.066   8.727   1.00 13.45 ? 102 GLU A O   1 
ATOM   867  C CB  . GLU A 1 102 ? 10.665  6.498   7.301   1.00 14.19 ? 102 GLU A CB  1 
ATOM   868  C CG  . GLU A 1 102 ? 10.731  6.091   5.851   1.00 18.16 ? 102 GLU A CG  1 
ATOM   869  C CD  . GLU A 1 102 ? 12.087  6.400   5.249   1.00 28.30 ? 102 GLU A CD  1 
ATOM   870  O OE1 . GLU A 1 102 ? 12.669  7.455   5.590   1.00 36.92 ? 102 GLU A OE1 1 
ATOM   871  O OE2 . GLU A 1 102 ? 12.572  5.578   4.447   1.00 27.08 ? 102 GLU A OE2 1 
ATOM   872  N N   . THR A 1 103 ? 8.010   4.572   6.925   1.00 8.45  ? 103 THR A N   1 
ATOM   873  C CA  . THR A 1 103 ? 7.655   3.198   6.600   1.00 10.03 ? 103 THR A CA  1 
ATOM   874  C C   . THR A 1 103 ? 7.686   3.075   5.085   1.00 8.89  ? 103 THR A C   1 
ATOM   875  O O   . THR A 1 103 ? 7.628   4.074   4.366   1.00 9.71  ? 103 THR A O   1 
ATOM   876  C CB  . THR A 1 103 ? 6.278   2.813   7.185   1.00 10.56 ? 103 THR A CB  1 
ATOM   877  O OG1 . THR A 1 103 ? 6.061   1.401   7.066   1.00 10.82 ? 103 THR A OG1 1 
ATOM   878  C CG2 . THR A 1 103 ? 5.137   3.543   6.490   1.00 10.63 ? 103 THR A CG2 1 
ATOM   879  N N   . ASN A 1 104 ? 7.806   1.847   4.589   1.00 8.20  ? 104 ASN A N   1 
ATOM   880  C CA  . ASN A 1 104 ? 7.824   1.644   3.148   1.00 8.56  ? 104 ASN A CA  1 
ATOM   881  C C   . ASN A 1 104 ? 7.006   0.418   2.762   1.00 9.59  ? 104 ASN A C   1 
ATOM   882  O O   . ASN A 1 104 ? 6.878   -0.541  3.532   1.00 9.13  ? 104 ASN A O   1 
ATOM   883  C CB  . ASN A 1 104 ? 9.248   1.611   2.575   1.00 10.62 ? 104 ASN A CB  1 
ATOM   884  C CG  . ASN A 1 104 ? 9.992   0.345   2.919   1.00 12.45 ? 104 ASN A CG  1 
ATOM   885  O OD1 . ASN A 1 104 ? 9.723   -0.712  2.345   1.00 14.61 ? 104 ASN A OD1 1 
ATOM   886  N ND2 . ASN A 1 104 ? 10.947  0.443   3.828   1.00 18.39 ? 104 ASN A ND2 1 
ATOM   887  N N   . PHE A 1 105 ? 6.427   0.478   1.567   1.00 8.38  ? 105 PHE A N   1 
ATOM   888  C CA  . PHE A 1 105 ? 5.687   -0.628  0.978   1.00 8.55  ? 105 PHE A CA  1 
ATOM   889  C C   . PHE A 1 105 ? 6.306   -0.924  -0.374  1.00 10.33 ? 105 PHE A C   1 
ATOM   890  O O   . PHE A 1 105 ? 6.448   -0.019  -1.207  1.00 10.78 ? 105 PHE A O   1 
ATOM   891  C CB  . PHE A 1 105 ? 4.204   -0.303  0.742   1.00 12.39 ? 105 PHE A CB  1 
ATOM   892  C CG  . PHE A 1 105 ? 3.593   0.599   1.761   1.00 11.84 ? 105 PHE A CG  1 
ATOM   893  C CD1 . PHE A 1 105 ? 3.637   0.290   3.107   1.00 12.21 ? 105 PHE A CD1 1 
ATOM   894  C CD2 . PHE A 1 105 ? 2.943   1.755   1.366   1.00 21.23 ? 105 PHE A CD2 1 
ATOM   895  C CE1 . PHE A 1 105 ? 3.054   1.123   4.049   1.00 15.08 ? 105 PHE A CE1 1 
ATOM   896  C CE2 . PHE A 1 105 ? 2.361   2.592   2.296   1.00 24.24 ? 105 PHE A CE2 1 
ATOM   897  C CZ  . PHE A 1 105 ? 2.421   2.275   3.643   1.00 19.25 ? 105 PHE A CZ  1 
ATOM   898  N N   . VAL A 1 106 ? 6.665   -2.179  -0.603  1.00 8.30  ? 106 VAL A N   1 
ATOM   899  C CA  . VAL A 1 106 ? 7.211   -2.608  -1.882  1.00 8.03  ? 106 VAL A CA  1 
ATOM   900  C C   . VAL A 1 106 ? 6.174   -3.494  -2.544  1.00 8.26  ? 106 VAL A C   1 
ATOM   901  O O   . VAL A 1 106 ? 5.770   -4.511  -1.974  1.00 10.02 ? 106 VAL A O   1 
ATOM   902  C CB  . VAL A 1 106 ? 8.530   -3.366  -1.688  1.00 8.79  ? 106 VAL A CB  1 
ATOM   903  C CG1 . VAL A 1 106 ? 9.063   -3.821  -3.045  1.00 11.55 ? 106 VAL A CG1 1 
ATOM   904  C CG2 . VAL A 1 106 ? 9.549   -2.498  -0.960  1.00 11.89 ? 106 VAL A CG2 1 
ATOM   905  N N   . ARG A 1 107 ? 5.740   -3.124  -3.737  1.00 8.15  ? 107 ARG A N   1 
ATOM   906  C CA  . ARG A 1 107 ? 4.777   -3.911  -4.495  1.00 8.99  ? 107 ARG A CA  1 
ATOM   907  C C   . ARG A 1 107 ? 5.493   -4.549  -5.672  1.00 8.90  ? 107 ARG A C   1 
ATOM   908  O O   . ARG A 1 107 ? 6.225   -3.873  -6.404  1.00 9.26  ? 107 ARG A O   1 
ATOM   909  C CB  . ARG A 1 107 ? 3.626   -3.041  -5.010  1.00 10.68 ? 107 ARG A CB  1 
ATOM   910  C CG  . ARG A 1 107 ? 2.612   -2.592  -3.960  1.00 13.36 ? 107 ARG A CG  1 
ATOM   911  C CD  . ARG A 1 107 ? 1.611   -1.603  -4.578  1.00 17.88 ? 107 ARG A CD  1 
ATOM   912  N NE  . ARG A 1 107 ? 0.491   -1.277  -3.690  1.00 28.17 ? 107 ARG A NE  1 
ATOM   913  C CZ  . ARG A 1 107 ? 0.440   -0.204  -2.908  1.00 24.59 ? 107 ARG A CZ  1 
ATOM   914  N NH1 . ARG A 1 107 ? -0.621  0.002   -2.139  1.00 30.00 ? 107 ARG A NH1 1 
ATOM   915  N NH2 . ARG A 1 107 ? 1.446   0.663   -2.884  1.00 22.20 ? 107 ARG A NH2 1 
ATOM   916  N N   . GLU A 1 108 ? 5.268   -5.844  -5.863  1.00 9.86  ? 108 GLU A N   1 
ATOM   917  C CA  . GLU A 1 108 ? 5.875   -6.591  -6.949  1.00 9.39  ? 108 GLU A CA  1 
ATOM   918  C C   . GLU A 1 108 ? 4.827   -7.531  -7.518  1.00 9.99  ? 108 GLU A C   1 
ATOM   919  O O   . GLU A 1 108 ? 3.841   -7.867  -6.857  1.00 10.90 ? 108 GLU A O   1 
ATOM   920  C CB  . GLU A 1 108 ? 7.088   -7.387  -6.452  1.00 12.19 ? 108 GLU A CB  1 
ATOM   921  C CG  . GLU A 1 108 ? 6.701   -8.536  -5.553  1.00 13.99 ? 108 GLU A CG  1 
ATOM   922  C CD  . GLU A 1 108 ? 7.891   -9.268  -4.960  1.00 29.52 ? 108 GLU A CD  1 
ATOM   923  O OE1 . GLU A 1 108 ? 7.918   -9.438  -3.721  1.00 40.01 ? 108 GLU A OE1 1 
ATOM   924  O OE2 . GLU A 1 108 ? 8.785   -9.691  -5.725  1.00 25.28 ? 108 GLU A OE2 1 
ATOM   925  N N   . ILE A 1 109 ? 5.018   -7.921  -8.774  1.00 11.02 ? 109 ILE A N   1 
ATOM   926  C CA  . ILE A 1 109 ? 4.223   -8.980  -9.382  1.00 11.58 ? 109 ILE A CA  1 
ATOM   927  C C   . ILE A 1 109 ? 5.076   -10.236 -9.357  1.00 13.89 ? 109 ILE A C   1 
ATOM   928  O O   . ILE A 1 109 ? 6.188   -10.252 -9.900  1.00 17.12 ? 109 ILE A O   1 
ATOM   929  C CB  . ILE A 1 109 ? 3.785   -8.620  -10.810 1.00 14.17 ? 109 ILE A CB  1 
ATOM   930  C CG1 . ILE A 1 109 ? 3.034   -7.283  -10.837 1.00 14.82 ? 109 ILE A CG1 1 
ATOM   931  C CG2 . ILE A 1 109 ? 2.917   -9.739  -11.385 1.00 17.45 ? 109 ILE A CG2 1 
ATOM   932  C CD1 . ILE A 1 109 ? 1.876   -7.174  -9.853  1.00 14.95 ? 109 ILE A CD1 1 
ATOM   933  N N   . LYS A 1 110 ? 4.584   -11.270 -8.685  1.00 12.62 ? 110 LYS A N   1 
ATOM   934  C CA  . LYS A 1 110 ? 5.305   -12.531 -8.546  1.00 15.40 ? 110 LYS A CA  1 
ATOM   935  C C   . LYS A 1 110 ? 4.338   -13.648 -8.900  1.00 15.18 ? 110 LYS A C   1 
ATOM   936  O O   . LYS A 1 110 ? 3.311   -13.825 -8.230  1.00 14.00 ? 110 LYS A O   1 
ATOM   937  C CB  . LYS A 1 110 ? 5.875   -12.705 -7.139  1.00 16.53 ? 110 LYS A CB  1 
ATOM   938  C CG  . LYS A 1 110 ? 6.926   -13.809 -7.028  1.00 25.64 ? 110 LYS A CG  1 
ATOM   939  C CD  . LYS A 1 110 ? 7.285   -14.119 -5.580  1.00 34.86 ? 110 LYS A CD  1 
ATOM   940  C CE  . LYS A 1 110 ? 7.984   -15.468 -5.473  1.00 45.48 ? 110 LYS A CE  1 
ATOM   941  N NZ  . LYS A 1 110 ? 8.413   -15.983 -6.803  1.00 45.44 ? 110 LYS A NZ  1 
ATOM   942  N N   . ASP A 1 111 ? 4.656   -14.380 -9.973  1.00 16.26 ? 111 ASP A N   1 
ATOM   943  C CA  . ASP A 1 111 ? 3.814   -15.476 -10.458 1.00 20.95 ? 111 ASP A CA  1 
ATOM   944  C C   . ASP A 1 111 ? 2.390   -14.998 -10.727 1.00 16.11 ? 111 ASP A C   1 
ATOM   945  O O   . ASP A 1 111 ? 1.413   -15.701 -10.463 1.00 18.57 ? 111 ASP A O   1 
ATOM   946  C CB  . ASP A 1 111 ? 3.842   -16.688 -9.521  1.00 18.70 ? 111 ASP A CB  1 
ATOM   947  C CG  . ASP A 1 111 ? 5.257   -17.167 -9.231  1.00 39.06 ? 111 ASP A CG  1 
ATOM   948  O OD1 . ASP A 1 111 ? 6.046   -17.315 -10.189 1.00 39.56 ? 111 ASP A OD1 1 
ATOM   949  O OD2 . ASP A 1 111 ? 5.578   -17.399 -8.047  1.00 40.94 ? 111 ASP A OD2 1 
ATOM   950  N N   . GLY A 1 112 ? 2.268   -13.773 -11.237 1.00 14.44 ? 112 GLY A N   1 
ATOM   951  C CA  . GLY A 1 112 ? 0.981   -13.227 -11.580 1.00 14.25 ? 112 GLY A CA  1 
ATOM   952  C C   . GLY A 1 112 ? 0.197   -12.630 -10.436 1.00 15.10 ? 112 GLY A C   1 
ATOM   953  O O   . GLY A 1 112 ? -0.875  -12.064 -10.679 1.00 16.48 ? 112 GLY A O   1 
ATOM   954  N N   . LYS A 1 113 ? 0.671   -12.745 -9.203  1.00 14.36 ? 113 LYS A N   1 
ATOM   955  C CA  . LYS A 1 113 ? -0.001  -12.143 -8.063  1.00 11.02 ? 113 LYS A CA  1 
ATOM   956  C C   . LYS A 1 113 ? 0.748   -10.890 -7.646  1.00 12.08 ? 113 LYS A C   1 
ATOM   957  O O   . LYS A 1 113 ? 1.954   -10.765 -7.864  1.00 14.33 ? 113 LYS A O   1 
ATOM   958  C CB  . LYS A 1 113 ? -0.052  -13.114 -6.884  1.00 14.26 ? 113 LYS A CB  1 
ATOM   959  C CG  . LYS A 1 113 ? -0.932  -14.335 -7.134  1.00 18.85 ? 113 LYS A CG  1 
ATOM   960  C CD  . LYS A 1 113 ? -0.351  -15.567 -6.469  1.00 34.34 ? 113 LYS A CD  1 
ATOM   961  C CE  . LYS A 1 113 ? 0.023   -16.609 -7.509  1.00 39.97 ? 113 LYS A CE  1 
ATOM   962  N NZ  . LYS A 1 113 ? 1.040   -17.572 -7.012  1.00 40.07 ? 113 LYS A NZ  1 
ATOM   963  N N   A MET A 1 114 ? 0.021   -9.952  -7.054  0.60 10.44 ? 114 MET A N   1 
ATOM   964  N N   B MET A 1 114 ? 0.024   -9.957  -7.043  0.40 10.45 ? 114 MET A N   1 
ATOM   965  C CA  A MET A 1 114 ? 0.653   -8.772  -6.485  0.60 10.85 ? 114 MET A CA  1 
ATOM   966  C CA  B MET A 1 114 ? 0.649   -8.764  -6.494  0.40 10.89 ? 114 MET A CA  1 
ATOM   967  C C   A MET A 1 114 ? 1.014   -9.053  -5.037  0.60 11.40 ? 114 MET A C   1 
ATOM   968  C C   B MET A 1 114 ? 1.006   -9.024  -5.037  0.40 11.36 ? 114 MET A C   1 
ATOM   969  O O   A MET A 1 114 ? 0.161   -9.462  -4.241  0.60 11.90 ? 114 MET A O   1 
ATOM   970  O O   B MET A 1 114 ? 0.143   -9.399  -4.235  0.40 11.98 ? 114 MET A O   1 
ATOM   971  C CB  A MET A 1 114 ? -0.238  -7.539  -6.580  0.60 10.90 ? 114 MET A CB  1 
ATOM   972  C CB  B MET A 1 114 ? -0.274  -7.555  -6.619  0.40 10.80 ? 114 MET A CB  1 
ATOM   973  C CG  A MET A 1 114 ? 0.447   -6.333  -5.966  0.60 9.80  ? 114 MET A CG  1 
ATOM   974  C CG  B MET A 1 114 ? 0.438   -6.246  -6.349  0.40 12.38 ? 114 MET A CG  1 
ATOM   975  S SD  A MET A 1 114 ? -0.369  -4.773  -6.312  0.60 9.43  ? 114 MET A SD  1 
ATOM   976  S SD  B MET A 1 114 ? -0.065  -5.522  -4.780  0.40 24.02 ? 114 MET A SD  1 
ATOM   977  C CE  A MET A 1 114 ? -1.931  -4.986  -5.467  0.60 13.90 ? 114 MET A CE  1 
ATOM   978  C CE  B MET A 1 114 ? -1.761  -5.063  -5.132  0.40 13.80 ? 114 MET A CE  1 
ATOM   979  N N   . VAL A 1 115 ? 2.282   -8.853  -4.706  1.00 9.85  ? 115 VAL A N   1 
ATOM   980  C CA  . VAL A 1 115 ? 2.783   -9.058  -3.354  1.00 9.24  ? 115 VAL A CA  1 
ATOM   981  C C   . VAL A 1 115 ? 3.240   -7.712  -2.832  1.00 10.06 ? 115 VAL A C   1 
ATOM   982  O O   . VAL A 1 115 ? 4.071   -7.047  -3.462  1.00 10.51 ? 115 VAL A O   1 
ATOM   983  C CB  . VAL A 1 115 ? 3.923   -10.083 -3.317  1.00 9.79  ? 115 VAL A CB  1 
ATOM   984  C CG1 . VAL A 1 115 ? 4.415   -10.291 -1.885  1.00 12.66 ? 115 VAL A CG1 1 
ATOM   985  C CG2 . VAL A 1 115 ? 3.453   -11.404 -3.908  1.00 12.81 ? 115 VAL A CG2 1 
ATOM   986  N N   A MET A 1 116 ? 2.667   -7.284  -1.715  0.37 7.56  ? 116 MET A N   1 
ATOM   987  N N   B MET A 1 116 ? 2.726   -7.326  -1.668  0.63 7.67  ? 116 MET A N   1 
ATOM   988  C CA  A MET A 1 116 ? 3.076   -6.055  -1.060  0.37 8.71  ? 116 MET A CA  1 
ATOM   989  C CA  B MET A 1 116 ? 3.041   -6.051  -1.041  0.63 8.64  ? 116 MET A CA  1 
ATOM   990  C C   A MET A 1 116 ? 3.811   -6.404  0.222   0.37 7.55  ? 116 MET A C   1 
ATOM   991  C C   B MET A 1 116 ? 3.766   -6.326  0.268   0.63 7.52  ? 116 MET A C   1 
ATOM   992  O O   A MET A 1 116 ? 3.297   -7.159  1.050   0.37 7.97  ? 116 MET A O   1 
ATOM   993  O O   B MET A 1 116 ? 3.194   -6.939  1.172   0.63 8.87  ? 116 MET A O   1 
ATOM   994  C CB  A MET A 1 116 ? 1.878   -5.161  -0.748  0.37 10.94 ? 116 MET A CB  1 
ATOM   995  C CB  B MET A 1 116 ? 1.748   -5.287  -0.774  0.63 10.59 ? 116 MET A CB  1 
ATOM   996  C CG  A MET A 1 116 ? 2.298   -3.767  -0.325  0.37 12.73 ? 116 MET A CG  1 
ATOM   997  C CG  B MET A 1 116 ? 1.932   -3.960  -0.074  0.63 10.47 ? 116 MET A CG  1 
ATOM   998  S SD  A MET A 1 116 ? 1.000   -2.536  -0.515  0.37 16.65 ? 116 MET A SD  1 
ATOM   999  S SD  B MET A 1 116 ? 0.343   -3.343  0.508   0.63 14.59 ? 116 MET A SD  1 
ATOM   1000 C CE  A MET A 1 116 ? -0.145  -3.087  0.749   0.37 20.39 ? 116 MET A CE  1 
ATOM   1001 C CE  B MET A 1 116 ? 0.729   -1.642  0.932   0.63 12.58 ? 116 MET A CE  1 
ATOM   1002 N N   . THR A 1 117 ? 5.013   -5.867  0.373   1.00 8.86  ? 117 THR A N   1 
ATOM   1003 C CA  . THR A 1 117 ? 5.832   -6.073  1.562   1.00 7.08  ? 117 THR A CA  1 
ATOM   1004 C C   . THR A 1 117 ? 5.939   -4.740  2.291   1.00 7.60  ? 117 THR A C   1 
ATOM   1005 O O   . THR A 1 117 ? 6.400   -3.752  1.709   1.00 8.55  ? 117 THR A O   1 
ATOM   1006 C CB  . THR A 1 117 ? 7.210   -6.616  1.180   1.00 7.26  ? 117 THR A CB  1 
ATOM   1007 O OG1 . THR A 1 117 ? 7.041   -7.835  0.448   1.00 11.70 ? 117 THR A OG1 1 
ATOM   1008 C CG2 . THR A 1 117 ? 8.047   -6.903  2.419   1.00 10.43 ? 117 THR A CG2 1 
ATOM   1009 N N   . LEU A 1 118 ? 5.513   -4.715  3.547   1.00 8.18  ? 118 LEU A N   1 
ATOM   1010 C CA  . LEU A 1 118 ? 5.425   -3.498  4.345   1.00 7.94  ? 118 LEU A CA  1 
ATOM   1011 C C   . LEU A 1 118 ? 6.442   -3.584  5.471   1.00 8.62  ? 118 LEU A C   1 
ATOM   1012 O O   . LEU A 1 118 ? 6.456   -4.572  6.206   1.00 8.98  ? 118 LEU A O   1 
ATOM   1013 C CB  . LEU A 1 118 ? 4.029   -3.391  4.970   1.00 9.28  ? 118 LEU A CB  1 
ATOM   1014 C CG  . LEU A 1 118 ? 2.821   -3.466  4.021   1.00 9.42  ? 118 LEU A CG  1 
ATOM   1015 C CD1 . LEU A 1 118 ? 2.394   -4.905  3.726   1.00 12.49 ? 118 LEU A CD1 1 
ATOM   1016 C CD2 . LEU A 1 118 ? 1.646   -2.667  4.588   1.00 14.41 ? 118 LEU A CD2 1 
ATOM   1017 N N   . THR A 1 119 ? 7.266   -2.549  5.638   1.00 8.20  ? 119 THR A N   1 
ATOM   1018 C CA  . THR A 1 119 ? 8.302   -2.549  6.667   1.00 8.77  ? 119 THR A CA  1 
ATOM   1019 C C   . THR A 1 119 ? 8.224   -1.277  7.496   1.00 9.44  ? 119 THR A C   1 
ATOM   1020 O O   . THR A 1 119 ? 8.184   -0.175  6.943   1.00 9.96  ? 119 THR A O   1 
ATOM   1021 C CB  . THR A 1 119 ? 9.692   -2.650  6.037   1.00 8.23  ? 119 THR A CB  1 
ATOM   1022 O OG1 . THR A 1 119 ? 9.751   -3.829  5.234   1.00 10.45 ? 119 THR A OG1 1 
ATOM   1023 C CG2 . THR A 1 119 ? 10.764  -2.729  7.122   1.00 12.57 ? 119 THR A CG2 1 
ATOM   1024 N N   . PHE A 1 120 ? 8.194   -1.428  8.815   1.00 9.14  ? 120 PHE A N   1 
ATOM   1025 C CA  . PHE A 1 120 ? 8.358   -0.301  9.730   1.00 8.86  ? 120 PHE A CA  1 
ATOM   1026 C C   . PHE A 1 120 ? 9.406   -0.734  10.745  1.00 9.53  ? 120 PHE A C   1 
ATOM   1027 O O   . PHE A 1 120 ? 9.156   -1.639  11.550  1.00 10.26 ? 120 PHE A O   1 
ATOM   1028 C CB  . PHE A 1 120 ? 7.047   0.054   10.430  1.00 11.50 ? 120 PHE A CB  1 
ATOM   1029 C CG  . PHE A 1 120 ? 7.162   1.217   11.368  1.00 14.05 ? 120 PHE A CG  1 
ATOM   1030 C CD1 . PHE A 1 120 ? 7.505   2.473   10.902  1.00 17.44 ? 120 PHE A CD1 1 
ATOM   1031 C CD2 . PHE A 1 120 ? 6.942   1.044   12.723  1.00 21.08 ? 120 PHE A CD2 1 
ATOM   1032 C CE1 . PHE A 1 120 ? 7.607   3.545   11.768  1.00 17.96 ? 120 PHE A CE1 1 
ATOM   1033 C CE2 . PHE A 1 120 ? 7.051   2.113   13.597  1.00 27.33 ? 120 PHE A CE2 1 
ATOM   1034 C CZ  . PHE A 1 120 ? 7.379   3.363   13.115  1.00 18.38 ? 120 PHE A CZ  1 
ATOM   1035 N N   . GLY A 1 121 ? 10.572  -0.113  10.691  1.00 11.22 ? 121 GLY A N   1 
ATOM   1036 C CA  . GLY A 1 121 ? 11.656  -0.545  11.565  1.00 12.38 ? 121 GLY A CA  1 
ATOM   1037 C C   . GLY A 1 121 ? 12.050  -1.977  11.248  1.00 12.24 ? 121 GLY A C   1 
ATOM   1038 O O   . GLY A 1 121 ? 12.378  -2.319  10.106  1.00 13.52 ? 121 GLY A O   1 
ATOM   1039 N N   . ASP A 1 122 ? 11.990  -2.841  12.264  1.00 11.45 ? 122 ASP A N   1 
ATOM   1040 C CA  . ASP A 1 122 ? 12.284  -4.262  12.100  1.00 11.91 ? 122 ASP A CA  1 
ATOM   1041 C C   . ASP A 1 122 ? 11.034  -5.140  11.975  1.00 11.63 ? 122 ASP A C   1 
ATOM   1042 O O   . ASP A 1 122 ? 11.134  -6.370  12.081  1.00 13.68 ? 122 ASP A O   1 
ATOM   1043 C CB  . ASP A 1 122 ? 13.214  -4.758  13.220  1.00 13.55 ? 122 ASP A CB  1 
ATOM   1044 C CG  . ASP A 1 122 ? 12.581  -4.675  14.610  1.00 25.06 ? 122 ASP A CG  1 
ATOM   1045 O OD1 . ASP A 1 122 ? 13.258  -5.058  15.592  1.00 21.35 ? 122 ASP A OD1 1 
ATOM   1046 O OD2 . ASP A 1 122 ? 11.422  -4.234  14.741  1.00 19.33 ? 122 ASP A OD2 1 
ATOM   1047 N N   . VAL A 1 123 ? 9.868   -4.543  11.748  1.00 9.57  ? 123 VAL A N   1 
ATOM   1048 C CA  . VAL A 1 123 ? 8.616   -5.284  11.609  1.00 10.43 ? 123 VAL A CA  1 
ATOM   1049 C C   . VAL A 1 123 ? 8.220   -5.313  10.140  1.00 9.44  ? 123 VAL A C   1 
ATOM   1050 O O   . VAL A 1 123 ? 8.006   -4.259  9.523   1.00 10.38 ? 123 VAL A O   1 
ATOM   1051 C CB  . VAL A 1 123 ? 7.502   -4.670  12.468  1.00 13.14 ? 123 VAL A CB  1 
ATOM   1052 C CG1 . VAL A 1 123 ? 6.219   -5.473  12.293  1.00 14.80 ? 123 VAL A CG1 1 
ATOM   1053 C CG2 . VAL A 1 123 ? 7.929   -4.644  13.946  1.00 12.98 ? 123 VAL A CG2 1 
ATOM   1054 N N   . VAL A 1 124 ? 8.103   -6.515  9.587   1.00 8.93  ? 124 VAL A N   1 
ATOM   1055 C CA  . VAL A 1 124 ? 7.790   -6.731  8.177   1.00 9.38  ? 124 VAL A CA  1 
ATOM   1056 C C   . VAL A 1 124 ? 6.494   -7.517  8.085   1.00 11.07 ? 124 VAL A C   1 
ATOM   1057 O O   . VAL A 1 124 ? 6.341   -8.552  8.747   1.00 10.99 ? 124 VAL A O   1 
ATOM   1058 C CB  . VAL A 1 124 ? 8.918   -7.494  7.456   1.00 11.07 ? 124 VAL A CB  1 
ATOM   1059 C CG1 . VAL A 1 124 ? 8.520   -7.811  6.004   1.00 12.05 ? 124 VAL A CG1 1 
ATOM   1060 C CG2 . VAL A 1 124 ? 10.227  -6.700  7.520   1.00 12.21 ? 124 VAL A CG2 1 
ATOM   1061 N N   . ALA A 1 125 ? 5.566   -7.033  7.266   1.00 8.79  ? 125 ALA A N   1 
ATOM   1062 C CA  . ALA A 1 125 ? 4.361   -7.770  6.926   1.00 8.18  ? 125 ALA A CA  1 
ATOM   1063 C C   . ALA A 1 125 ? 4.302   -7.965  5.418   1.00 8.36  ? 125 ALA A C   1 
ATOM   1064 O O   . ALA A 1 125 ? 4.908   -7.210  4.656   1.00 8.32  ? 125 ALA A O   1 
ATOM   1065 C CB  . ALA A 1 125 ? 3.107   -7.031  7.408   1.00 9.42  ? 125 ALA A CB  1 
ATOM   1066 N N   . VAL A 1 126 ? 3.577   -8.993  4.984   1.00 8.16  ? 126 VAL A N   1 
ATOM   1067 C CA  . VAL A 1 126 ? 3.455   -9.326  3.569   1.00 7.72  ? 126 VAL A CA  1 
ATOM   1068 C C   . VAL A 1 126 ? 1.989   -9.568  3.247   1.00 9.24  ? 126 VAL A C   1 
ATOM   1069 O O   . VAL A 1 126 ? 1.316   -10.341 3.940   1.00 10.82 ? 126 VAL A O   1 
ATOM   1070 C CB  . VAL A 1 126 ? 4.312   -10.548 3.175   1.00 9.31  ? 126 VAL A CB  1 
ATOM   1071 C CG1 . VAL A 1 126 ? 4.287   -10.757 1.658   1.00 11.23 ? 126 VAL A CG1 1 
ATOM   1072 C CG2 . VAL A 1 126 ? 5.741   -10.399 3.668   1.00 11.91 ? 126 VAL A CG2 1 
ATOM   1073 N N   . ARG A 1 127 ? 1.495   -8.912  2.198   1.00 8.20  ? 127 ARG A N   1 
ATOM   1074 C CA  . ARG A 1 127 ? 0.109   -9.035  1.766   1.00 8.77  ? 127 ARG A CA  1 
ATOM   1075 C C   . ARG A 1 127 ? 0.078   -9.522  0.326   1.00 9.55  ? 127 ARG A C   1 
ATOM   1076 O O   . ARG A 1 127 ? 0.802   -9.001  -0.529  1.00 9.45  ? 127 ARG A O   1 
ATOM   1077 C CB  . ARG A 1 127 ? -0.626  -7.706  1.925   1.00 10.03 ? 127 ARG A CB  1 
ATOM   1078 C CG  . ARG A 1 127 ? -0.829  -7.373  3.387   1.00 11.44 ? 127 ARG A CG  1 
ATOM   1079 C CD  . ARG A 1 127 ? -1.263  -5.951  3.638   1.00 15.48 ? 127 ARG A CD  1 
ATOM   1080 N NE  . ARG A 1 127 ? -2.636  -5.607  3.250   1.00 16.97 ? 127 ARG A NE  1 
ATOM   1081 C CZ  . ARG A 1 127 ? -3.725  -5.864  3.976   1.00 14.73 ? 127 ARG A CZ  1 
ATOM   1082 N NH1 . ARG A 1 127 ? -3.650  -6.566  5.097   1.00 16.47 ? 127 ARG A NH1 1 
ATOM   1083 N NH2 . ARG A 1 127 ? -4.908  -5.448  3.543   1.00 22.36 ? 127 ARG A NH2 1 
ATOM   1084 N N   . HIS A 1 128 ? -0.750  -10.523 0.061   1.00 9.53  ? 128 HIS A N   1 
ATOM   1085 C CA  . HIS A 1 128 ? -0.799  -11.196 -1.226  1.00 8.07  ? 128 HIS A CA  1 
ATOM   1086 C C   . HIS A 1 128 ? -2.163  -10.956 -1.853  1.00 8.05  ? 128 HIS A C   1 
ATOM   1087 O O   . HIS A 1 128 ? -3.194  -11.159 -1.197  1.00 10.36 ? 128 HIS A O   1 
ATOM   1088 C CB  . HIS A 1 128 ? -0.601  -12.704 -1.022  1.00 10.91 ? 128 HIS A CB  1 
ATOM   1089 C CG  . HIS A 1 128 ? 0.679   -13.066 -0.333  1.00 9.17  ? 128 HIS A CG  1 
ATOM   1090 N ND1 . HIS A 1 128 ? 1.773   -13.550 -1.019  1.00 15.25 ? 128 HIS A ND1 1 
ATOM   1091 C CD2 . HIS A 1 128 ? 1.029   -13.053 0.976   1.00 11.96 ? 128 HIS A CD2 1 
ATOM   1092 C CE1 . HIS A 1 128 ? 2.746   -13.806 -0.162  1.00 10.88 ? 128 HIS A CE1 1 
ATOM   1093 N NE2 . HIS A 1 128 ? 2.321   -13.515 1.055   1.00 12.64 ? 128 HIS A NE2 1 
ATOM   1094 N N   . TYR A 1 129 ? -2.172  -10.525 -3.116  1.00 9.41  ? 129 TYR A N   1 
ATOM   1095 C CA  . TYR A 1 129 ? -3.400  -10.164 -3.821  1.00 10.11 ? 129 TYR A CA  1 
ATOM   1096 C C   . TYR A 1 129 ? -3.500  -10.936 -5.124  1.00 11.63 ? 129 TYR A C   1 
ATOM   1097 O O   . TYR A 1 129 ? -2.501  -11.112 -5.830  1.00 13.63 ? 129 TYR A O   1 
ATOM   1098 C CB  . TYR A 1 129 ? -3.391  -8.676  -4.205  1.00 10.40 ? 129 TYR A CB  1 
ATOM   1099 C CG  . TYR A 1 129 ? -3.291  -7.701  -3.055  1.00 8.74  ? 129 TYR A CG  1 
ATOM   1100 C CD1 . TYR A 1 129 ? -2.074  -7.472  -2.414  1.00 10.26 ? 129 TYR A CD1 1 
ATOM   1101 C CD2 . TYR A 1 129 ? -4.403  -6.972  -2.634  1.00 9.13  ? 129 TYR A CD2 1 
ATOM   1102 C CE1 . TYR A 1 129 ? -1.975  -6.566  -1.378  1.00 11.66 ? 129 TYR A CE1 1 
ATOM   1103 C CE2 . TYR A 1 129 ? -4.310  -6.066  -1.587  1.00 11.16 ? 129 TYR A CE2 1 
ATOM   1104 C CZ  . TYR A 1 129 ? -3.092  -5.878  -0.961  1.00 11.18 ? 129 TYR A CZ  1 
ATOM   1105 O OH  . TYR A 1 129 ? -2.961  -4.970  0.073   1.00 16.33 ? 129 TYR A OH  1 
ATOM   1106 N N   . GLU A 1 130 ? -4.712  -11.359 -5.467  1.00 10.50 ? 130 GLU A N   1 
ATOM   1107 C CA  . GLU A 1 130 ? -4.956  -12.029 -6.736  1.00 11.14 ? 130 GLU A CA  1 
ATOM   1108 C C   . GLU A 1 130 ? -5.730  -11.115 -7.676  1.00 10.98 ? 130 GLU A C   1 
ATOM   1109 O O   . GLU A 1 130 ? -6.555  -10.304 -7.250  1.00 11.22 ? 130 GLU A O   1 
ATOM   1110 C CB  . GLU A 1 130 ? -5.701  -13.351 -6.515  1.00 18.96 ? 130 GLU A CB  1 
ATOM   1111 C CG  . GLU A 1 130 ? -7.140  -13.211 -6.118  1.00 22.79 ? 130 GLU A CG  1 
ATOM   1112 C CD  . GLU A 1 130 ? -7.845  -14.555 -6.024  1.00 38.15 ? 130 GLU A CD  1 
ATOM   1113 O OE1 . GLU A 1 130 ? -7.167  -15.560 -5.729  1.00 29.46 ? 130 GLU A OE1 1 
ATOM   1114 O OE2 . GLU A 1 130 ? -9.072  -14.601 -6.240  1.00 57.57 ? 130 GLU A OE2 1 
ATOM   1115 N N   . LYS A 1 131 ? -5.449  -11.239 -8.969  1.00 13.15 ? 131 LYS A N   1 
ATOM   1116 C CA  . LYS A 1 131 ? -6.132  -10.412 -9.954  1.00 13.94 ? 131 LYS A CA  1 
ATOM   1117 C C   . LYS A 1 131 ? -7.599  -10.814 -10.041 1.00 17.22 ? 131 LYS A C   1 
ATOM   1118 O O   . LYS A 1 131 ? -7.927  -12.002 -10.093 1.00 20.65 ? 131 LYS A O   1 
ATOM   1119 C CB  . LYS A 1 131 ? -5.447  -10.549 -11.314 1.00 19.01 ? 131 LYS A CB  1 
ATOM   1120 C CG  . LYS A 1 131 ? -5.870  -9.505  -12.328 1.00 21.14 ? 131 LYS A CG  1 
ATOM   1121 C CD  . LYS A 1 131 ? -5.081  -9.636  -13.621 1.00 23.87 ? 131 LYS A CD  1 
ATOM   1122 C CE  . LYS A 1 131 ? -3.705  -8.999  -13.497 1.00 29.70 ? 131 LYS A CE  1 
ATOM   1123 N NZ  . LYS A 1 131 ? -3.093  -8.698  -14.824 1.00 41.03 ? 131 LYS A NZ  1 
ATOM   1124 N N   . ALA A 1 132 ? -8.482  -9.823  -10.017 1.00 15.47 ? 132 ALA A N   1 
ATOM   1125 C CA  . ALA A 1 132 ? -9.909  -10.069 -10.129 1.00 20.23 ? 132 ALA A CA  1 
ATOM   1126 C C   . ALA A 1 132 ? -10.427 -9.521  -11.449 1.00 26.80 ? 132 ALA A C   1 
ATOM   1127 O O   . ALA A 1 132 ? -9.857  -8.583  -12.012 1.00 24.82 ? 132 ALA A O   1 
ATOM   1128 C CB  . ALA A 1 132 ? -10.648 -9.430  -8.973  1.00 25.50 ? 132 ALA A CB  1 
HETATM 1129 O O   . HOH B 2 .   ? 5.244   -13.970 4.994   1.00 43.98 ? 201 HOH A O   1 
HETATM 1130 O O   . HOH B 2 .   ? -9.968  -13.117 -4.811  1.00 39.31 ? 202 HOH A O   1 
HETATM 1131 O O   . HOH B 2 .   ? 6.525   17.543  -7.629  1.00 24.09 ? 203 HOH A O   1 
HETATM 1132 O O   . HOH B 2 .   ? -2.160  -6.602  -15.302 1.00 41.62 ? 204 HOH A O   1 
HETATM 1133 O O   . HOH B 2 .   ? -11.894 6.863   -4.611  1.00 27.57 ? 205 HOH A O   1 
HETATM 1134 O O   . HOH B 2 .   ? 12.923  9.338   7.083   1.00 41.65 ? 206 HOH A O   1 
HETATM 1135 O O   . HOH B 2 .   ? 9.793   12.623  -10.720 1.00 26.39 ? 207 HOH A O   1 
HETATM 1136 O O   . HOH B 2 .   ? 0.099   -3.546  -20.941 1.00 31.47 ? 208 HOH A O   1 
HETATM 1137 O O   . HOH B 2 .   ? 12.274  8.598   -6.343  1.00 42.52 ? 209 HOH A O   1 
HETATM 1138 O O   . HOH B 2 .   ? -7.543  -16.155 -8.169  1.00 46.14 ? 210 HOH A O   1 
HETATM 1139 O O   . HOH B 2 .   ? 13.564  4.375   -9.253  1.00 35.27 ? 211 HOH A O   1 
HETATM 1140 O O   . HOH B 2 .   ? -7.936  5.447   -13.446 1.00 22.43 ? 212 HOH A O   1 
HETATM 1141 O O   . HOH B 2 .   ? -2.569  14.651  3.654   1.00 35.88 ? 213 HOH A O   1 
HETATM 1142 O O   . HOH B 2 .   ? 10.505  16.657  -7.461  1.00 27.44 ? 214 HOH A O   1 
HETATM 1143 O O   . HOH B 2 .   ? 4.067   -17.203 -5.939  1.00 33.53 ? 215 HOH A O   1 
HETATM 1144 O O   . HOH B 2 .   ? 9.208   -7.285  -3.032  1.00 41.27 ? 216 HOH A O   1 
HETATM 1145 O O   . HOH B 2 .   ? 8.994   -3.206  2.621   1.00 9.80  ? 217 HOH A O   1 
HETATM 1146 O O   . HOH B 2 .   ? 12.212  0.064   -14.313 1.00 24.77 ? 218 HOH A O   1 
HETATM 1147 O O   . HOH B 2 .   ? -2.930  -15.000 -3.511  1.00 29.13 ? 219 HOH A O   1 
HETATM 1148 O O   . HOH B 2 .   ? -3.590  6.206   1.173   1.00 15.64 ? 220 HOH A O   1 
HETATM 1149 O O   . HOH B 2 .   ? -4.912  -3.524  1.092   1.00 29.22 ? 221 HOH A O   1 
HETATM 1150 O O   . HOH B 2 .   ? 15.756  -5.842  15.286  1.00 25.47 ? 222 HOH A O   1 
HETATM 1151 O O   . HOH B 2 .   ? -1.020  4.355   2.685   1.00 27.92 ? 223 HOH A O   1 
HETATM 1152 O O   . HOH B 2 .   ? 5.740   -10.940 14.813  1.00 35.25 ? 224 HOH A O   1 
HETATM 1153 O O   . HOH B 2 .   ? 2.112   14.581  10.078  1.00 30.57 ? 225 HOH A O   1 
HETATM 1154 O O   . HOH B 2 .   ? 2.558   16.766  -9.821  1.00 27.54 ? 226 HOH A O   1 
HETATM 1155 O O   . HOH B 2 .   ? -9.848  -13.002 -0.909  1.00 33.23 ? 227 HOH A O   1 
HETATM 1156 O O   . HOH B 2 .   ? -7.398  -9.919  15.052  1.00 32.24 ? 228 HOH A O   1 
HETATM 1157 O O   . HOH B 2 .   ? -4.965  11.197  -11.657 1.00 30.75 ? 229 HOH A O   1 
HETATM 1158 O O   . HOH B 2 .   ? 8.617   -10.431 -8.285  1.00 26.23 ? 230 HOH A O   1 
HETATM 1159 O O   . HOH B 2 .   ? -6.821  -5.852  5.774   1.00 17.85 ? 231 HOH A O   1 
HETATM 1160 O O   . HOH B 2 .   ? 13.322  -3.799  -7.600  1.00 16.95 ? 232 HOH A O   1 
HETATM 1161 O O   . HOH B 2 .   ? -1.256  4.729   13.089  1.00 23.70 ? 233 HOH A O   1 
HETATM 1162 O O   . HOH B 2 .   ? 5.230   3.901   16.228  1.00 25.97 ? 234 HOH A O   1 
HETATM 1163 O O   . HOH B 2 .   ? 1.107   15.719  4.306   1.00 25.52 ? 235 HOH A O   1 
HETATM 1164 O O   . HOH B 2 .   ? -7.368  12.054  9.265   1.00 40.94 ? 236 HOH A O   1 
HETATM 1165 O O   . HOH B 2 .   ? 0.473   -8.421  -14.256 1.00 28.22 ? 237 HOH A O   1 
HETATM 1166 O O   . HOH B 2 .   ? -12.813 -6.296  -1.297  1.00 26.72 ? 238 HOH A O   1 
HETATM 1167 O O   . HOH B 2 .   ? 2.206   20.357  0.850   1.00 13.92 ? 239 HOH A O   1 
HETATM 1168 O O   . HOH B 2 .   ? -0.699  0.388   18.255  1.00 21.07 ? 240 HOH A O   1 
HETATM 1169 O O   . HOH B 2 .   ? -5.149  8.471   1.051   1.00 16.45 ? 241 HOH A O   1 
HETATM 1170 O O   . HOH B 2 .   ? 8.304   -10.180 0.957   1.00 16.51 ? 242 HOH A O   1 
HETATM 1171 O O   . HOH B 2 .   ? -6.612  -17.041 2.092   1.00 17.29 ? 243 HOH A O   1 
HETATM 1172 O O   . HOH B 2 .   ? 6.746   -7.341  -2.208  1.00 15.09 ? 244 HOH A O   1 
HETATM 1173 O O   . HOH B 2 .   ? -6.887  -0.792  -13.659 1.00 17.10 ? 245 HOH A O   1 
HETATM 1174 O O   . HOH B 2 .   ? 1.403   -14.352 -3.597  1.00 20.70 ? 246 HOH A O   1 
HETATM 1175 O O   . HOH B 2 .   ? 15.280  0.927   -11.778 1.00 25.34 ? 247 HOH A O   1 
HETATM 1176 O O   . HOH B 2 .   ? 7.083   -14.038 -11.183 1.00 35.34 ? 248 HOH A O   1 
HETATM 1177 O O   . HOH B 2 .   ? 4.413   14.935  -17.417 1.00 31.97 ? 249 HOH A O   1 
HETATM 1178 O O   . HOH B 2 .   ? -7.012  3.170   -10.116 1.00 13.97 ? 250 HOH A O   1 
HETATM 1179 O O   . HOH B 2 .   ? -6.450  2.965   16.172  1.00 29.00 ? 251 HOH A O   1 
HETATM 1180 O O   . HOH B 2 .   ? -12.515 -2.579  -10.827 1.00 23.24 ? 252 HOH A O   1 
HETATM 1181 O O   . HOH B 2 .   ? -3.298  -12.954 -9.739  1.00 18.96 ? 253 HOH A O   1 
HETATM 1182 O O   . HOH B 2 .   ? -1.861  15.140  -2.333  1.00 32.72 ? 254 HOH A O   1 
HETATM 1183 O O   . HOH B 2 .   ? -15.091 -4.401  7.916   1.00 22.00 ? 255 HOH A O   1 
HETATM 1184 O O   . HOH B 2 .   ? -0.517  14.284  -6.991  1.00 34.36 ? 256 HOH A O   1 
HETATM 1185 O O   . HOH B 2 .   ? 2.827   16.616  -5.273  1.00 20.96 ? 257 HOH A O   1 
HETATM 1186 O O   . HOH B 2 .   ? 7.704   10.713  -13.220 1.00 30.56 ? 258 HOH A O   1 
HETATM 1187 O O   . HOH B 2 .   ? 7.299   -6.859  -10.133 1.00 16.38 ? 259 HOH A O   1 
HETATM 1188 O O   . HOH B 2 .   ? -14.488 6.340   -3.565  1.00 28.60 ? 260 HOH A O   1 
HETATM 1189 O O   . HOH B 2 .   ? 13.618  -0.838  8.133   1.00 33.90 ? 261 HOH A O   1 
HETATM 1190 O O   . HOH B 2 .   ? -2.612  11.558  -1.656  1.00 23.69 ? 262 HOH A O   1 
HETATM 1191 O O   . HOH B 2 .   ? -8.108  -6.816  -13.230 1.00 18.56 ? 263 HOH A O   1 
HETATM 1192 O O   . HOH B 2 .   ? 12.387  -4.141  4.441   1.00 15.31 ? 264 HOH A O   1 
HETATM 1193 O O   . HOH B 2 .   ? 6.809   17.327  -4.754  1.00 16.13 ? 265 HOH A O   1 
HETATM 1194 O O   . HOH B 2 .   ? 10.392  11.114  8.634   1.00 20.03 ? 266 HOH A O   1 
HETATM 1195 O O   . HOH B 2 .   ? -8.983  -2.739  -13.339 1.00 17.35 ? 267 HOH A O   1 
HETATM 1196 O O   . HOH B 2 .   ? 10.965  1.868   8.613   1.00 20.35 ? 268 HOH A O   1 
HETATM 1197 O O   . HOH B 2 .   ? -3.785  -0.520  -1.018  1.00 31.42 ? 269 HOH A O   1 
HETATM 1198 O O   . HOH B 2 .   ? 5.500   9.779   -6.030  1.00 10.40 ? 270 HOH A O   1 
HETATM 1199 O O   . HOH B 2 .   ? 3.559   10.377  16.232  1.00 24.21 ? 271 HOH A O   1 
HETATM 1200 O O   . HOH B 2 .   ? 1.386   -10.206 13.509  1.00 16.75 ? 272 HOH A O   1 
HETATM 1201 O O   . HOH B 2 .   ? 4.040   14.602  7.344   1.00 32.21 ? 273 HOH A O   1 
HETATM 1202 O O   . HOH B 2 .   ? -5.339  3.691   -2.105  1.00 12.01 ? 274 HOH A O   1 
HETATM 1203 O O   . HOH B 2 .   ? -7.352  -9.758  5.993   1.00 20.62 ? 275 HOH A O   1 
HETATM 1204 O O   . HOH B 2 .   ? -5.308  2.483   1.959   1.00 17.93 ? 276 HOH A O   1 
HETATM 1205 O O   . HOH B 2 .   ? -3.823  -9.908  9.242   1.00 18.69 ? 277 HOH A O   1 
HETATM 1206 O O   . HOH B 2 .   ? 10.271  5.669   -3.566  1.00 17.44 ? 278 HOH A O   1 
HETATM 1207 O O   . HOH B 2 .   ? -9.707  8.364   2.189   1.00 31.13 ? 279 HOH A O   1 
HETATM 1208 O O   . HOH B 2 .   ? -16.771 1.404   2.354   1.00 12.86 ? 280 HOH A O   1 
HETATM 1209 O O   . HOH B 2 .   ? 4.476   0.181   -3.332  1.00 14.05 ? 281 HOH A O   1 
HETATM 1210 O O   . HOH B 2 .   ? -15.404 -1.784  9.022   1.00 17.08 ? 282 HOH A O   1 
HETATM 1211 O O   . HOH B 2 .   ? -1.163  6.966   -18.868 1.00 29.57 ? 283 HOH A O   1 
HETATM 1212 O O   . HOH B 2 .   ? -1.532  13.844  -17.104 1.00 42.01 ? 284 HOH A O   1 
HETATM 1213 O O   . HOH B 2 .   ? 4.339   8.821   -13.226 1.00 16.02 ? 285 HOH A O   1 
HETATM 1214 O O   . HOH B 2 .   ? 6.921   -11.089 7.631   1.00 25.91 ? 286 HOH A O   1 
HETATM 1215 O O   . HOH B 2 .   ? -12.829 -4.454  17.138  1.00 25.81 ? 287 HOH A O   1 
HETATM 1216 O O   . HOH B 2 .   ? -5.149  -8.415  7.245   1.00 19.30 ? 288 HOH A O   1 
HETATM 1217 O O   . HOH B 2 .   ? -13.416 -7.642  3.496   1.00 19.01 ? 289 HOH A O   1 
HETATM 1218 O O   . HOH B 2 .   ? -5.445  -11.040 4.407   1.00 26.11 ? 290 HOH A O   1 
HETATM 1219 O O   . HOH B 2 .   ? 3.384   -14.716 -5.530  1.00 22.33 ? 291 HOH A O   1 
HETATM 1220 O O   . HOH B 2 .   ? -10.145 6.593   -9.665  1.00 27.62 ? 292 HOH A O   1 
HETATM 1221 O O   . HOH B 2 .   ? -14.373 5.177   3.416   1.00 29.38 ? 293 HOH A O   1 
HETATM 1222 O O   . HOH B 2 .   ? 11.093  2.620   5.669   1.00 32.95 ? 294 HOH A O   1 
HETATM 1223 O O   . HOH B 2 .   ? 8.833   10.060  16.186  1.00 32.34 ? 295 HOH A O   1 
HETATM 1224 O O   . HOH B 2 .   ? 1.217   7.237   -15.813 1.00 22.10 ? 296 HOH A O   1 
HETATM 1225 O O   . HOH B 2 .   ? -16.601 -6.949  5.276   1.00 31.79 ? 297 HOH A O   1 
HETATM 1226 O O   . HOH B 2 .   ? 3.210   12.892  -7.110  1.00 13.01 ? 298 HOH A O   1 
HETATM 1227 O O   . HOH B 2 .   ? -9.854  -10.036 14.188  1.00 33.95 ? 299 HOH A O   1 
HETATM 1228 O O   . HOH B 2 .   ? 4.574   -4.238  16.813  1.00 25.17 ? 300 HOH A O   1 
HETATM 1229 O O   . HOH B 2 .   ? 8.527   10.038  1.520   1.00 18.82 ? 301 HOH A O   1 
HETATM 1230 O O   . HOH B 2 .   ? 10.338  5.963   -10.776 1.00 21.01 ? 302 HOH A O   1 
HETATM 1231 O O   . HOH B 2 .   ? -0.331  12.460  11.312  1.00 23.54 ? 303 HOH A O   1 
HETATM 1232 O O   . HOH B 2 .   ? 9.606   -3.544  16.886  1.00 36.10 ? 304 HOH A O   1 
HETATM 1233 O O   . HOH B 2 .   ? -1.419  -10.982 9.029   1.00 16.44 ? 305 HOH A O   1 
HETATM 1234 O O   . HOH B 2 .   ? -3.988  12.367  -14.354 1.00 31.25 ? 306 HOH A O   1 
HETATM 1235 O O   . HOH B 2 .   ? -8.567  1.041   17.779  1.00 27.58 ? 307 HOH A O   1 
HETATM 1236 O O   . HOH B 2 .   ? -4.121  1.855   -16.619 1.00 17.38 ? 308 HOH A O   1 
HETATM 1237 O O   . HOH B 2 .   ? -3.833  4.408   3.290   1.00 15.89 ? 309 HOH A O   1 
HETATM 1238 O O   . HOH B 2 .   ? 9.228   15.922  -5.076  1.00 19.75 ? 310 HOH A O   1 
HETATM 1239 O O   . HOH B 2 .   ? 9.301   -8.767  13.896  1.00 33.74 ? 311 HOH A O   1 
HETATM 1240 O O   . HOH B 2 .   ? 2.907   8.121   14.713  1.00 29.94 ? 312 HOH A O   1 
HETATM 1241 O O   . HOH B 2 .   ? -2.075  -2.501  -1.830  1.00 21.74 ? 313 HOH A O   1 
HETATM 1242 O O   . HOH B 2 .   ? -3.856  0.843   0.332   1.00 33.17 ? 314 HOH A O   1 
HETATM 1243 O O   . HOH B 2 .   ? 9.064   -8.817  11.094  1.00 13.47 ? 315 HOH A O   1 
HETATM 1244 O O   . HOH B 2 .   ? -11.957 2.620   -9.975  1.00 21.70 ? 316 HOH A O   1 
HETATM 1245 O O   . HOH B 2 .   ? 12.328  2.595   -13.515 1.00 32.18 ? 317 HOH A O   1 
HETATM 1246 O O   . HOH B 2 .   ? 8.959   17.042  2.880   1.00 28.34 ? 318 HOH A O   1 
HETATM 1247 O O   . HOH B 2 .   ? -1.379  -11.048 -13.372 1.00 30.88 ? 319 HOH A O   1 
HETATM 1248 O O   . HOH B 2 .   ? -13.489 -4.896  2.367   1.00 18.84 ? 320 HOH A O   1 
HETATM 1249 O O   . HOH B 2 .   ? 4.826   14.998  9.912   1.00 25.43 ? 321 HOH A O   1 
HETATM 1250 O O   . HOH B 2 .   ? -9.157  -15.037 0.699   1.00 33.31 ? 322 HOH A O   1 
HETATM 1251 O O   . HOH B 2 .   ? 0.457   -13.888 10.057  1.00 29.97 ? 323 HOH A O   1 
HETATM 1252 O O   . HOH B 2 .   ? -3.155  11.813  -4.137  1.00 21.04 ? 324 HOH A O   1 
HETATM 1253 O O   . HOH B 2 .   ? 7.902   4.908   16.167  1.00 37.83 ? 325 HOH A O   1 
HETATM 1254 O O   . HOH B 2 .   ? -13.218 7.679   1.310   1.00 27.78 ? 326 HOH A O   1 
HETATM 1255 O O   . HOH B 2 .   ? -7.850  8.884   0.123   1.00 17.54 ? 327 HOH A O   1 
HETATM 1256 O O   . HOH B 2 .   ? 13.122  -5.464  -9.763  1.00 19.42 ? 328 HOH A O   1 
HETATM 1257 O O   . HOH B 2 .   ? 3.475   1.339   -18.067 1.00 29.95 ? 329 HOH A O   1 
HETATM 1258 O O   . HOH B 2 .   ? -3.859  4.952   13.804  1.00 34.66 ? 330 HOH A O   1 
HETATM 1259 O O   . HOH B 2 .   ? -8.680  -0.574  21.134  1.00 33.15 ? 331 HOH A O   1 
HETATM 1260 O O   . HOH B 2 .   ? -4.305  -0.731  21.545  1.00 31.03 ? 332 HOH A O   1 
HETATM 1261 O O   . HOH B 2 .   ? 13.566  11.533  13.259  1.00 41.37 ? 333 HOH A O   1 
HETATM 1262 O O   . HOH B 2 .   ? 6.241   2.291   -16.380 1.00 33.72 ? 334 HOH A O   1 
HETATM 1263 O O   . HOH B 2 .   ? 6.909   -4.569  -13.331 1.00 28.02 ? 335 HOH A O   1 
HETATM 1264 O O   . HOH B 2 .   ? 12.747  3.996   -3.547  1.00 30.76 ? 336 HOH A O   1 
HETATM 1265 O O   . HOH B 2 .   ? -0.941  -10.903 11.820  1.00 16.87 ? 337 HOH A O   1 
HETATM 1266 O O   . HOH B 2 .   ? 11.003  5.268   11.419  1.00 20.34 ? 338 HOH A O   1 
HETATM 1267 O O   . HOH B 2 .   ? -13.863 -7.447  -9.345  1.00 41.12 ? 339 HOH A O   1 
HETATM 1268 O O   . HOH B 2 .   ? -1.743  6.429   16.828  1.00 35.23 ? 340 HOH A O   1 
HETATM 1269 O O   . HOH B 2 .   ? -4.407  11.083  0.543   1.00 20.14 ? 341 HOH A O   1 
HETATM 1270 O O   . HOH B 2 .   ? 3.668   17.715  -14.086 1.00 38.03 ? 342 HOH A O   1 
HETATM 1271 O O   . HOH B 2 .   ? -7.833  8.660   4.300   1.00 34.73 ? 343 HOH A O   1 
HETATM 1272 O O   . HOH B 2 .   ? 8.721   13.491  9.041   1.00 25.15 ? 344 HOH A O   1 
HETATM 1273 O O   . HOH B 2 .   ? -15.579 6.538   0.670   1.00 17.88 ? 345 HOH A O   1 
HETATM 1274 O O   . HOH B 2 .   ? 4.680   -12.263 -12.302 1.00 24.76 ? 346 HOH A O   1 
HETATM 1275 O O   . HOH B 2 .   ? 7.119   14.142  6.788   1.00 23.72 ? 347 HOH A O   1 
HETATM 1276 O O   . HOH B 2 .   ? -12.300 -0.014  15.280  1.00 24.19 ? 348 HOH A O   1 
HETATM 1277 O O   . HOH B 2 .   ? -2.337  2.398   19.524  1.00 32.31 ? 349 HOH A O   1 
HETATM 1278 O O   . HOH B 2 .   ? 13.459  -3.521  -15.154 1.00 45.49 ? 350 HOH A O   1 
HETATM 1279 O O   . HOH B 2 .   ? 0.637   10.590  13.283  1.00 33.57 ? 351 HOH A O   1 
HETATM 1280 O O   . HOH B 2 .   ? 6.805   0.577   17.080  1.00 29.67 ? 352 HOH A O   1 
HETATM 1281 O O   . HOH B 2 .   ? -3.626  -1.843  0.425   1.00 32.50 ? 353 HOH A O   1 
HETATM 1282 O O   . HOH B 2 .   ? 4.113   -17.851 1.832   1.00 34.07 ? 354 HOH A O   1 
HETATM 1283 O O   . HOH B 2 .   ? -13.000 -7.799  -12.115 1.00 33.96 ? 355 HOH A O   1 
HETATM 1284 O O   . HOH B 2 .   ? 9.409   -1.287  14.767  1.00 38.44 ? 356 HOH A O   1 
HETATM 1285 O O   . HOH B 2 .   ? 10.994  8.106   -10.000 1.00 37.76 ? 357 HOH A O   1 
HETATM 1286 O O   . HOH B 2 .   ? 2.471   -13.563 11.737  1.00 40.29 ? 358 HOH A O   1 
HETATM 1287 O O   . HOH B 2 .   ? 10.050  -9.425  -1.069  1.00 33.08 ? 359 HOH A O   1 
HETATM 1288 O O   . HOH B 2 .   ? 10.596  -7.545  15.242  1.00 35.20 ? 360 HOH A O   1 
HETATM 1289 O O   . HOH B 2 .   ? 2.467   20.920  3.574   1.00 27.05 ? 361 HOH A O   1 
HETATM 1290 O O   . HOH B 2 .   ? 7.804   12.458  17.207  1.00 28.49 ? 362 HOH A O   1 
HETATM 1291 O O   . HOH B 2 .   ? 15.464  -1.792  12.234  1.00 34.11 ? 363 HOH A O   1 
HETATM 1292 O O   . HOH B 2 .   ? -3.086  4.294   -0.822  1.00 18.05 ? 364 HOH A O   1 
HETATM 1293 O O   . HOH B 2 .   ? -9.741  3.594   -12.949 1.00 29.68 ? 365 HOH A O   1 
HETATM 1294 O O   . HOH B 2 .   ? -9.558  3.811   -10.207 1.00 21.20 ? 366 HOH A O   1 
HETATM 1295 O O   . HOH B 2 .   ? -12.373 -5.363  -13.495 1.00 39.27 ? 367 HOH A O   1 
HETATM 1296 O O   . HOH B 2 .   ? 3.839   6.589   -14.678 1.00 35.99 ? 368 HOH A O   1 
HETATM 1297 O O   . HOH B 2 .   ? 8.559   -11.428 10.042  1.00 30.50 ? 369 HOH A O   1 
HETATM 1298 O O   . HOH B 2 .   ? -8.776  7.888   -11.719 1.00 37.37 ? 370 HOH A O   1 
HETATM 1299 O O   . HOH B 2 .   ? 14.432  -1.636  -15.057 1.00 29.58 ? 371 HOH A O   1 
HETATM 1300 O O   . HOH B 2 .   ? 9.698   -8.286  -9.500  1.00 29.83 ? 372 HOH A O   1 
HETATM 1301 O O   . HOH B 2 .   ? 14.584  5.220   -3.912  1.00 40.01 ? 373 HOH A O   1 
HETATM 1302 O O   . HOH B 2 .   ? 9.681   -12.427 -9.565  1.00 43.82 ? 374 HOH A O   1 
HETATM 1303 O O   . HOH B 2 .   ? 14.601  3.633   1.368   1.00 44.51 ? 375 HOH A O   1 
HETATM 1304 O O   . HOH B 2 .   ? 12.003  7.754   -2.462  1.00 35.62 ? 376 HOH A O   1 
HETATM 1305 O O   . HOH B 2 .   ? -11.088 -0.579  -13.653 1.00 33.30 ? 377 HOH A O   1 
HETATM 1306 O O   . HOH B 2 .   ? 6.581   -7.154  -13.355 1.00 34.55 ? 378 HOH A O   1 
HETATM 1307 O O   . HOH B 2 .   ? -8.932  1.125   -14.019 1.00 26.34 ? 379 HOH A O   1 
HETATM 1308 O O   . HOH B 2 .   ? -5.070  -18.365 -2.476  1.00 24.91 ? 380 HOH A O   1 
HETATM 1309 O O   . HOH B 2 .   ? 9.199   14.710  4.939   1.00 33.12 ? 381 HOH A O   1 
HETATM 1310 O O   . HOH B 2 .   ? -7.576  10.113  -11.752 1.00 44.77 ? 382 HOH A O   1 
HETATM 1311 O O   . HOH B 2 .   ? 6.911   9.235   -14.818 1.00 36.99 ? 383 HOH A O   1 
HETATM 1312 O O   . HOH B 2 .   ? -6.499  12.749  0.771   1.00 40.20 ? 384 HOH A O   1 
HETATM 1313 O O   . HOH B 2 .   ? 12.380  -7.983  -9.506  1.00 34.32 ? 385 HOH A O   1 
HETATM 1314 O O   . HOH B 2 .   ? 8.894   -11.235 5.855   1.00 27.72 ? 386 HOH A O   1 
HETATM 1315 O O   . HOH B 2 .   ? 10.511  5.089   14.436  1.00 39.98 ? 387 HOH A O   1 
HETATM 1316 O O   . HOH B 2 .   ? 10.024  6.127   -13.371 1.00 35.00 ? 388 HOH A O   1 
HETATM 1317 O O   . HOH B 2 .   ? 7.405   -12.739 0.521   1.00 26.59 ? 389 HOH A O   1 
HETATM 1318 O O   . HOH B 2 .   ? 5.290   16.427  7.087   1.00 33.26 ? 390 HOH A O   1 
HETATM 1319 O O   . HOH B 2 .   ? -8.997  10.783  -20.664 1.00 40.61 ? 391 HOH A O   1 
# 
loop_
_pdbx_poly_seq_scheme.asym_id 
_pdbx_poly_seq_scheme.entity_id 
_pdbx_poly_seq_scheme.seq_id 
_pdbx_poly_seq_scheme.mon_id 
_pdbx_poly_seq_scheme.ndb_seq_num 
_pdbx_poly_seq_scheme.pdb_seq_num 
_pdbx_poly_seq_scheme.auth_seq_num 
_pdbx_poly_seq_scheme.pdb_mon_id 
_pdbx_poly_seq_scheme.auth_mon_id 
_pdbx_poly_seq_scheme.pdb_strand_id 
_pdbx_poly_seq_scheme.pdb_ins_code 
_pdbx_poly_seq_scheme.hetero 
A 1 1   MET 1   1   1   MET ALA A . n 
A 1 2   VAL 2   2   2   VAL VAL A . n 
A 1 3   GLU 3   3   3   GLU GLU A . n 
A 1 4   ALA 4   4   4   ALA ALA A . n 
A 1 5   PHE 5   5   5   PHE PHE A . n 
A 1 6   CYS 6   6   6   CYS CYS A . n 
A 1 7   ALA 7   7   7   ALA ALA A . n 
A 1 8   THR 8   8   8   THR THR A . n 
A 1 9   TRP 9   9   9   TRP TRP A . n 
A 1 10  LYS 10  10  10  LYS LYS A . n 
A 1 11  LEU 11  11  11  LEU LEU A . n 
A 1 12  THR 12  12  12  THR THR A . n 
A 1 13  ASN 13  13  13  ASN ASN A . n 
A 1 14  SER 14  14  14  SER SER A . n 
A 1 15  GLN 15  15  15  GLN GLN A . n 
A 1 16  ASN 16  16  16  ASN ASN A . n 
A 1 17  PHE 17  17  17  PHE PHE A . n 
A 1 18  ASP 18  18  18  ASP ASP A . n 
A 1 19  GLU 19  19  19  GLU GLU A . n 
A 1 20  TYR 20  20  20  TYR TYR A . n 
A 1 21  MET 21  21  21  MET MET A . n 
A 1 22  LYS 22  22  22  LYS LYS A . n 
A 1 23  ALA 23  23  23  ALA ALA A . n 
A 1 24  LEU 24  24  24  LEU LEU A . n 
A 1 25  GLY 25  25  25  GLY GLY A . n 
A 1 26  VAL 26  26  26  VAL VAL A . n 
A 1 27  GLY 27  27  27  GLY GLY A . n 
A 1 28  PHE 28  28  28  PHE PHE A . n 
A 1 29  ALA 29  29  29  ALA ALA A . n 
A 1 30  THR 30  30  30  THR THR A . n 
A 1 31  ARG 31  31  31  ARG ARG A . n 
A 1 32  GLN 32  32  32  GLN GLN A . n 
A 1 33  VAL 33  33  33  VAL VAL A . n 
A 1 34  GLY 34  34  34  GLY GLY A . n 
A 1 35  ASN 35  35  35  ASN ASN A . n 
A 1 36  VAL 36  36  36  VAL VAL A . n 
A 1 37  THR 37  37  37  THR THR A . n 
A 1 38  LYS 38  38  38  LYS LYS A . n 
A 1 39  PRO 39  39  39  PRO PRO A . n 
A 1 40  THR 40  40  40  THR THR A . n 
A 1 41  VAL 41  41  41  VAL VAL A . n 
A 1 42  ILE 42  42  42  ILE ILE A . n 
A 1 43  ILE 43  43  43  ILE ILE A . n 
A 1 44  SER 44  44  44  SER SER A . n 
A 1 45  GLN 45  45  45  GLN GLN A . n 
A 1 46  GLU 46  46  46  GLU GLU A . n 
A 1 47  GLY 47  47  47  GLY GLY A . n 
A 1 48  ASP 48  48  48  ASP ASP A . n 
A 1 49  LYS 49  49  49  LYS LYS A . n 
A 1 50  VAL 50  50  50  VAL VAL A . n 
A 1 51  VAL 51  51  51  VAL VAL A . n 
A 1 52  ILE 52  52  52  ILE ILE A . n 
A 1 53  ARG 53  53  53  ARG ARG A . n 
A 1 54  THR 54  54  54  THR THR A . n 
A 1 55  LEU 55  55  55  LEU LEU A . n 
A 1 56  SER 56  56  56  SER SER A . n 
A 1 57  THR 57  57  57  THR THR A . n 
A 1 58  PHE 58  58  58  PHE PHE A . n 
A 1 59  LYS 59  59  59  LYS LYS A . n 
A 1 60  ASN 60  60  60  ASN ASN A . n 
A 1 61  THR 61  61  61  THR THR A . n 
A 1 62  GLU 62  62  62  GLU GLU A . n 
A 1 63  ILE 63  63  63  ILE ILE A . n 
A 1 64  SER 64  64  64  SER SER A . n 
A 1 65  PHE 65  65  65  PHE PHE A . n 
A 1 66  GLN 66  66  66  GLN GLN A . n 
A 1 67  LEU 67  67  67  LEU LEU A . n 
A 1 68  GLY 68  68  68  GLY GLY A . n 
A 1 69  GLU 69  69  69  GLU GLU A . n 
A 1 70  GLU 70  70  70  GLU GLU A . n 
A 1 71  PHE 71  71  71  PHE PHE A . n 
A 1 72  ASP 72  72  72  ASP ASP A . n 
A 1 73  GLU 73  73  73  GLU GLU A . n 
A 1 74  THR 74  74  74  THR THR A . n 
A 1 75  THR 75  75  75  THR THR A . n 
A 1 76  ALA 76  76  76  ALA ALA A . n 
A 1 77  ASP 77  77  77  ASP ASP A . n 
A 1 78  ASP 78  78  78  ASP ASP A . n 
A 1 79  ARG 79  79  79  ARG ARG A . n 
A 1 80  ASN 80  80  80  ASN ASN A . n 
A 1 81  CYS 81  81  81  CYS CYS A . n 
A 1 82  LYS 82  82  82  LYS LYS A . n 
A 1 83  SER 83  83  83  SER SER A . n 
A 1 84  VAL 84  84  84  VAL VAL A . n 
A 1 85  VAL 85  85  85  VAL VAL A . n 
A 1 86  SER 86  86  86  SER SER A . n 
A 1 87  LEU 87  87  87  LEU LEU A . n 
A 1 88  ASP 88  88  88  ASP ASP A . n 
A 1 89  GLY 89  89  89  GLY GLY A . n 
A 1 90  ASP 90  90  90  ASP ASP A . n 
A 1 91  LYS 91  91  91  LYS LYS A . n 
A 1 92  LEU 92  92  92  LEU LEU A . n 
A 1 93  VAL 93  93  93  VAL VAL A . n 
A 1 94  HIS 94  94  94  HIS HIS A . n 
A 1 95  ILE 95  95  95  ILE ILE A . n 
A 1 96  GLN 96  96  96  GLN GLN A . n 
A 1 97  LYS 97  97  97  LYS LYS A . n 
A 1 98  TRP 98  98  98  TRP TRP A . n 
A 1 99  ASP 99  99  99  ASP ASP A . n 
A 1 100 GLY 100 100 100 GLY GLY A . n 
A 1 101 LYS 101 101 101 LYS LYS A . n 
A 1 102 GLU 102 102 102 GLU GLU A . n 
A 1 103 THR 103 103 103 THR THR A . n 
A 1 104 ASN 104 104 104 ASN ASN A . n 
A 1 105 PHE 105 105 105 PHE PHE A . n 
A 1 106 VAL 106 106 106 VAL VAL A . n 
A 1 107 ARG 107 107 107 ARG ARG A . n 
A 1 108 GLU 108 108 108 GLU GLU A . n 
A 1 109 ILE 109 109 109 ILE ILE A . n 
A 1 110 LYS 110 110 110 LYS LYS A . n 
A 1 111 ASP 111 111 111 ASP ASP A . n 
A 1 112 GLY 112 112 112 GLY GLY A . n 
A 1 113 LYS 113 113 113 LYS LYS A . n 
A 1 114 MET 114 114 114 MET MET A . n 
A 1 115 VAL 115 115 115 VAL VAL A . n 
A 1 116 MET 116 116 116 MET MET A . n 
A 1 117 THR 117 117 117 THR THR A . n 
A 1 118 LEU 118 118 118 LEU LEU A . n 
A 1 119 THR 119 119 119 THR THR A . n 
A 1 120 PHE 120 120 120 PHE PHE A . n 
A 1 121 GLY 121 121 121 GLY GLY A . n 
A 1 122 ASP 122 122 122 ASP ASP A . n 
A 1 123 VAL 123 123 123 VAL VAL A . n 
A 1 124 VAL 124 124 124 VAL VAL A . n 
A 1 125 ALA 125 125 125 ALA ALA A . n 
A 1 126 VAL 126 126 126 VAL VAL A . n 
A 1 127 ARG 127 127 127 ARG ARG A . n 
A 1 128 HIS 128 128 128 HIS HIS A . n 
A 1 129 TYR 129 129 129 TYR TYR A . n 
A 1 130 GLU 130 130 130 GLU GLU A . n 
A 1 131 LYS 131 131 131 LYS LYS A . n 
A 1 132 ALA 132 132 132 ALA ALA A . n 
A 1 133 ALA 133 133 ?   ?   ?   A . n 
A 1 134 ALA 134 134 ?   ?   ?   A . n 
# 
loop_
_pdbx_nonpoly_scheme.asym_id 
_pdbx_nonpoly_scheme.entity_id 
_pdbx_nonpoly_scheme.mon_id 
_pdbx_nonpoly_scheme.ndb_seq_num 
_pdbx_nonpoly_scheme.pdb_seq_num 
_pdbx_nonpoly_scheme.auth_seq_num 
_pdbx_nonpoly_scheme.pdb_mon_id 
_pdbx_nonpoly_scheme.auth_mon_id 
_pdbx_nonpoly_scheme.pdb_strand_id 
_pdbx_nonpoly_scheme.pdb_ins_code 
B 2 HOH 1   201 178 HOH HOH A . 
B 2 HOH 2   202 180 HOH HOH A . 
B 2 HOH 3   203 131 HOH HOH A . 
B 2 HOH 4   204 188 HOH HOH A . 
B 2 HOH 5   205 136 HOH HOH A . 
B 2 HOH 6   206 185 HOH HOH A . 
B 2 HOH 7   207 90  HOH HOH A . 
B 2 HOH 8   208 117 HOH HOH A . 
B 2 HOH 9   209 181 HOH HOH A . 
B 2 HOH 10  210 182 HOH HOH A . 
B 2 HOH 11  211 114 HOH HOH A . 
B 2 HOH 12  212 72  HOH HOH A . 
B 2 HOH 13  213 153 HOH HOH A . 
B 2 HOH 14  214 118 HOH HOH A . 
B 2 HOH 15  215 101 HOH HOH A . 
B 2 HOH 16  216 167 HOH HOH A . 
B 2 HOH 17  217 1   HOH HOH A . 
B 2 HOH 18  218 71  HOH HOH A . 
B 2 HOH 19  219 97  HOH HOH A . 
B 2 HOH 20  220 15  HOH HOH A . 
B 2 HOH 21  221 60  HOH HOH A . 
B 2 HOH 22  222 84  HOH HOH A . 
B 2 HOH 23  223 116 HOH HOH A . 
B 2 HOH 24  224 66  HOH HOH A . 
B 2 HOH 25  225 95  HOH HOH A . 
B 2 HOH 26  226 112 HOH HOH A . 
B 2 HOH 27  227 159 HOH HOH A . 
B 2 HOH 28  228 162 HOH HOH A . 
B 2 HOH 29  229 123 HOH HOH A . 
B 2 HOH 30  230 82  HOH HOH A . 
B 2 HOH 31  231 28  HOH HOH A . 
B 2 HOH 32  232 20  HOH HOH A . 
B 2 HOH 33  233 88  HOH HOH A . 
B 2 HOH 34  234 143 HOH HOH A . 
B 2 HOH 35  235 92  HOH HOH A . 
B 2 HOH 36  236 129 HOH HOH A . 
B 2 HOH 37  237 78  HOH HOH A . 
B 2 HOH 38  238 53  HOH HOH A . 
B 2 HOH 39  239 4   HOH HOH A . 
B 2 HOH 40  240 87  HOH HOH A . 
B 2 HOH 41  241 29  HOH HOH A . 
B 2 HOH 42  242 18  HOH HOH A . 
B 2 HOH 43  243 25  HOH HOH A . 
B 2 HOH 44  244 13  HOH HOH A . 
B 2 HOH 45  245 14  HOH HOH A . 
B 2 HOH 46  246 42  HOH HOH A . 
B 2 HOH 47  247 73  HOH HOH A . 
B 2 HOH 48  248 147 HOH HOH A . 
B 2 HOH 49  249 146 HOH HOH A . 
B 2 HOH 50  250 6   HOH HOH A . 
B 2 HOH 51  251 113 HOH HOH A . 
B 2 HOH 52  252 43  HOH HOH A . 
B 2 HOH 53  253 27  HOH HOH A . 
B 2 HOH 54  254 108 HOH HOH A . 
B 2 HOH 55  255 56  HOH HOH A . 
B 2 HOH 56  256 104 HOH HOH A . 
B 2 HOH 57  257 26  HOH HOH A . 
B 2 HOH 58  258 98  HOH HOH A . 
B 2 HOH 59  259 9   HOH HOH A . 
B 2 HOH 60  260 63  HOH HOH A . 
B 2 HOH 61  261 144 HOH HOH A . 
B 2 HOH 62  262 59  HOH HOH A . 
B 2 HOH 63  263 19  HOH HOH A . 
B 2 HOH 64  264 12  HOH HOH A . 
B 2 HOH 65  265 37  HOH HOH A . 
B 2 HOH 66  266 49  HOH HOH A . 
B 2 HOH 67  267 36  HOH HOH A . 
B 2 HOH 68  268 54  HOH HOH A . 
B 2 HOH 69  269 81  HOH HOH A . 
B 2 HOH 70  270 2   HOH HOH A . 
B 2 HOH 71  271 61  HOH HOH A . 
B 2 HOH 72  272 24  HOH HOH A . 
B 2 HOH 73  273 152 HOH HOH A . 
B 2 HOH 74  274 5   HOH HOH A . 
B 2 HOH 75  275 52  HOH HOH A . 
B 2 HOH 76  276 33  HOH HOH A . 
B 2 HOH 77  277 38  HOH HOH A . 
B 2 HOH 78  278 22  HOH HOH A . 
B 2 HOH 79  279 140 HOH HOH A . 
B 2 HOH 80  280 10  HOH HOH A . 
B 2 HOH 81  281 16  HOH HOH A . 
B 2 HOH 82  282 46  HOH HOH A . 
B 2 HOH 83  283 163 HOH HOH A . 
B 2 HOH 84  284 156 HOH HOH A . 
B 2 HOH 85  285 17  HOH HOH A . 
B 2 HOH 86  286 70  HOH HOH A . 
B 2 HOH 87  287 65  HOH HOH A . 
B 2 HOH 88  288 39  HOH HOH A . 
B 2 HOH 89  289 58  HOH HOH A . 
B 2 HOH 90  290 122 HOH HOH A . 
B 2 HOH 91  291 62  HOH HOH A . 
B 2 HOH 92  292 106 HOH HOH A . 
B 2 HOH 93  293 99  HOH HOH A . 
B 2 HOH 94  294 107 HOH HOH A . 
B 2 HOH 95  295 177 HOH HOH A . 
B 2 HOH 96  296 75  HOH HOH A . 
B 2 HOH 97  297 165 HOH HOH A . 
B 2 HOH 98  298 7   HOH HOH A . 
B 2 HOH 99  299 96  HOH HOH A . 
B 2 HOH 100 300 100 HOH HOH A . 
B 2 HOH 101 301 64  HOH HOH A . 
B 2 HOH 102 302 47  HOH HOH A . 
B 2 HOH 103 303 74  HOH HOH A . 
B 2 HOH 104 304 190 HOH HOH A . 
B 2 HOH 105 305 11  HOH HOH A . 
B 2 HOH 106 306 86  HOH HOH A . 
B 2 HOH 107 307 69  HOH HOH A . 
B 2 HOH 108 308 32  HOH HOH A . 
B 2 HOH 109 309 8   HOH HOH A . 
B 2 HOH 110 310 45  HOH HOH A . 
B 2 HOH 111 311 119 HOH HOH A . 
B 2 HOH 112 312 102 HOH HOH A . 
B 2 HOH 113 313 40  HOH HOH A . 
B 2 HOH 114 314 93  HOH HOH A . 
B 2 HOH 115 315 3   HOH HOH A . 
B 2 HOH 116 316 55  HOH HOH A . 
B 2 HOH 117 317 109 HOH HOH A . 
B 2 HOH 118 318 149 HOH HOH A . 
B 2 HOH 119 319 150 HOH HOH A . 
B 2 HOH 120 320 31  HOH HOH A . 
B 2 HOH 121 321 67  HOH HOH A . 
B 2 HOH 122 322 155 HOH HOH A . 
B 2 HOH 123 323 77  HOH HOH A . 
B 2 HOH 124 324 48  HOH HOH A . 
B 2 HOH 125 325 168 HOH HOH A . 
B 2 HOH 126 326 94  HOH HOH A . 
B 2 HOH 127 327 51  HOH HOH A . 
B 2 HOH 128 328 35  HOH HOH A . 
B 2 HOH 129 329 85  HOH HOH A . 
B 2 HOH 130 330 141 HOH HOH A . 
B 2 HOH 131 331 176 HOH HOH A . 
B 2 HOH 132 332 133 HOH HOH A . 
B 2 HOH 133 333 187 HOH HOH A . 
B 2 HOH 134 334 173 HOH HOH A . 
B 2 HOH 135 335 115 HOH HOH A . 
B 2 HOH 136 336 76  HOH HOH A . 
B 2 HOH 137 337 34  HOH HOH A . 
B 2 HOH 138 338 44  HOH HOH A . 
B 2 HOH 139 339 175 HOH HOH A . 
B 2 HOH 140 340 164 HOH HOH A . 
B 2 HOH 141 341 21  HOH HOH A . 
B 2 HOH 142 342 186 HOH HOH A . 
B 2 HOH 143 343 128 HOH HOH A . 
B 2 HOH 144 344 135 HOH HOH A . 
B 2 HOH 145 345 23  HOH HOH A . 
B 2 HOH 146 346 80  HOH HOH A . 
B 2 HOH 147 347 134 HOH HOH A . 
B 2 HOH 148 348 138 HOH HOH A . 
B 2 HOH 149 349 157 HOH HOH A . 
B 2 HOH 150 350 166 HOH HOH A . 
B 2 HOH 151 351 103 HOH HOH A . 
B 2 HOH 152 352 132 HOH HOH A . 
B 2 HOH 153 353 145 HOH HOH A . 
B 2 HOH 154 354 154 HOH HOH A . 
B 2 HOH 155 355 142 HOH HOH A . 
B 2 HOH 156 356 172 HOH HOH A . 
B 2 HOH 157 357 130 HOH HOH A . 
B 2 HOH 158 358 160 HOH HOH A . 
B 2 HOH 159 359 151 HOH HOH A . 
B 2 HOH 160 360 126 HOH HOH A . 
B 2 HOH 161 361 137 HOH HOH A . 
B 2 HOH 162 362 120 HOH HOH A . 
B 2 HOH 163 363 179 HOH HOH A . 
B 2 HOH 164 364 41  HOH HOH A . 
B 2 HOH 165 365 89  HOH HOH A . 
B 2 HOH 166 366 30  HOH HOH A . 
B 2 HOH 167 367 169 HOH HOH A . 
B 2 HOH 168 368 111 HOH HOH A . 
B 2 HOH 169 369 121 HOH HOH A . 
B 2 HOH 170 370 161 HOH HOH A . 
B 2 HOH 171 371 110 HOH HOH A . 
B 2 HOH 172 372 91  HOH HOH A . 
B 2 HOH 173 373 158 HOH HOH A . 
B 2 HOH 174 374 124 HOH HOH A . 
B 2 HOH 175 375 189 HOH HOH A . 
B 2 HOH 176 376 171 HOH HOH A . 
B 2 HOH 177 377 105 HOH HOH A . 
B 2 HOH 178 378 127 HOH HOH A . 
B 2 HOH 179 379 83  HOH HOH A . 
B 2 HOH 180 380 57  HOH HOH A . 
B 2 HOH 181 381 68  HOH HOH A . 
B 2 HOH 182 382 184 HOH HOH A . 
B 2 HOH 183 383 139 HOH HOH A . 
B 2 HOH 184 384 191 HOH HOH A . 
B 2 HOH 185 385 148 HOH HOH A . 
B 2 HOH 186 386 50  HOH HOH A . 
B 2 HOH 187 387 183 HOH HOH A . 
B 2 HOH 188 388 174 HOH HOH A . 
B 2 HOH 189 389 79  HOH HOH A . 
B 2 HOH 190 390 125 HOH HOH A . 
B 2 HOH 191 391 170 HOH HOH A . 
# 
_pdbx_struct_assembly.id                   1 
_pdbx_struct_assembly.details              author_defined_assembly 
_pdbx_struct_assembly.method_details       ? 
_pdbx_struct_assembly.oligomeric_details   monomeric 
_pdbx_struct_assembly.oligomeric_count     1 
# 
_pdbx_struct_assembly_gen.assembly_id       1 
_pdbx_struct_assembly_gen.oper_expression   1 
_pdbx_struct_assembly_gen.asym_id_list      A,B 
# 
loop_
_pdbx_struct_assembly_prop.biol_id 
_pdbx_struct_assembly_prop.type 
_pdbx_struct_assembly_prop.value 
_pdbx_struct_assembly_prop.details 
1 'ABSA (A^2)' 0    ? 
1 MORE         0    ? 
1 'SSA (A^2)'  7150 ? 
# 
_pdbx_struct_oper_list.id                   1 
_pdbx_struct_oper_list.type                 'identity operation' 
_pdbx_struct_oper_list.name                 1_555 
_pdbx_struct_oper_list.symmetry_operation   x,y,z 
_pdbx_struct_oper_list.matrix[1][1]         1.0000000000 
_pdbx_struct_oper_list.matrix[1][2]         0.0000000000 
_pdbx_struct_oper_list.matrix[1][3]         0.0000000000 
_pdbx_struct_oper_list.vector[1]            0.0000000000 
_pdbx_struct_oper_list.matrix[2][1]         0.0000000000 
_pdbx_struct_oper_list.matrix[2][2]         1.0000000000 
_pdbx_struct_oper_list.matrix[2][3]         0.0000000000 
_pdbx_struct_oper_list.vector[2]            0.0000000000 
_pdbx_struct_oper_list.matrix[3][1]         0.0000000000 
_pdbx_struct_oper_list.matrix[3][2]         0.0000000000 
_pdbx_struct_oper_list.matrix[3][3]         1.0000000000 
_pdbx_struct_oper_list.vector[3]            0.0000000000 
# 
loop_
_pdbx_audit_revision_history.ordinal 
_pdbx_audit_revision_history.data_content_type 
_pdbx_audit_revision_history.major_revision 
_pdbx_audit_revision_history.minor_revision 
_pdbx_audit_revision_history.revision_date 
1 'Structure model' 1 0 2020-11-11 
2 'Structure model' 1 1 2023-11-22 
# 
_pdbx_audit_revision_details.ordinal             1 
_pdbx_audit_revision_details.revision_ordinal    1 
_pdbx_audit_revision_details.data_content_type   'Structure model' 
_pdbx_audit_revision_details.provider            repository 
_pdbx_audit_revision_details.type                'Initial release' 
_pdbx_audit_revision_details.description         ? 
_pdbx_audit_revision_details.details             ? 
# 
loop_
_pdbx_audit_revision_group.ordinal 
_pdbx_audit_revision_group.revision_ordinal 
_pdbx_audit_revision_group.data_content_type 
_pdbx_audit_revision_group.group 
1 2 'Structure model' Advisory                 
2 2 'Structure model' 'Data collection'        
3 2 'Structure model' 'Database references'    
4 2 'Structure model' 'Refinement description' 
# 
loop_
_pdbx_audit_revision_category.ordinal 
_pdbx_audit_revision_category.revision_ordinal 
_pdbx_audit_revision_category.data_content_type 
_pdbx_audit_revision_category.category 
1 2 'Structure model' chem_comp_atom                
2 2 'Structure model' chem_comp_bond                
3 2 'Structure model' database_2                    
4 2 'Structure model' pdbx_initial_refinement_model 
5 2 'Structure model' pdbx_unobs_or_zero_occ_atoms  
# 
loop_
_pdbx_audit_revision_item.ordinal 
_pdbx_audit_revision_item.revision_ordinal 
_pdbx_audit_revision_item.data_content_type 
_pdbx_audit_revision_item.item 
1 2 'Structure model' '_database_2.pdbx_DOI'                
2 2 'Structure model' '_database_2.pdbx_database_accession' 
# 
loop_
_software.citation_id 
_software.classification 
_software.compiler_name 
_software.compiler_version 
_software.contact_author 
_software.contact_author_email 
_software.date 
_software.description 
_software.dependencies 
_software.hardware 
_software.language 
_software.location 
_software.mods 
_software.name 
_software.os 
_software.os_version 
_software.type 
_software.version 
_software.pdbx_ordinal 
? refinement        ? ? ? ? ? ? ? ? ? ? ? PHENIX      ? ? ? 1.14_3260 1 
? 'data extraction' ? ? ? ? ? ? ? ? ? ? ? PDB_EXTRACT ? ? ? 3.25      2 
? 'data reduction'  ? ? ? ? ? ? ? ? ? ? ? iMOSFLM     ? ? ? .         3 
? 'data scaling'    ? ? ? ? ? ? ? ? ? ? ? Aimless     ? ? ? .         4 
? phasing           ? ? ? ? ? ? ? ? ? ? ? PHASER      ? ? ? .         5 
# 
loop_
_pdbx_validate_close_contact.id 
_pdbx_validate_close_contact.PDB_model_num 
_pdbx_validate_close_contact.auth_atom_id_1 
_pdbx_validate_close_contact.auth_asym_id_1 
_pdbx_validate_close_contact.auth_comp_id_1 
_pdbx_validate_close_contact.auth_seq_id_1 
_pdbx_validate_close_contact.PDB_ins_code_1 
_pdbx_validate_close_contact.label_alt_id_1 
_pdbx_validate_close_contact.auth_atom_id_2 
_pdbx_validate_close_contact.auth_asym_id_2 
_pdbx_validate_close_contact.auth_comp_id_2 
_pdbx_validate_close_contact.auth_seq_id_2 
_pdbx_validate_close_contact.PDB_ins_code_2 
_pdbx_validate_close_contact.label_alt_id_2 
_pdbx_validate_close_contact.dist 
1 1 O A HOH 269 ? ? O A HOH 314 ? ? 1.92 
2 1 O A HOH 269 ? ? O A HOH 353 ? ? 1.96 
3 1 O A HOH 350 ? ? O A HOH 371 ? ? 2.12 
# 
_pdbx_validate_symm_contact.id                1 
_pdbx_validate_symm_contact.PDB_model_num     1 
_pdbx_validate_symm_contact.auth_atom_id_1    O 
_pdbx_validate_symm_contact.auth_asym_id_1    A 
_pdbx_validate_symm_contact.auth_comp_id_1    HOH 
_pdbx_validate_symm_contact.auth_seq_id_1     293 
_pdbx_validate_symm_contact.PDB_ins_code_1    ? 
_pdbx_validate_symm_contact.label_alt_id_1    ? 
_pdbx_validate_symm_contact.site_symmetry_1   1_555 
_pdbx_validate_symm_contact.auth_atom_id_2    O 
_pdbx_validate_symm_contact.auth_asym_id_2    A 
_pdbx_validate_symm_contact.auth_comp_id_2    HOH 
_pdbx_validate_symm_contact.auth_seq_id_2     359 
_pdbx_validate_symm_contact.PDB_ins_code_2    ? 
_pdbx_validate_symm_contact.label_alt_id_2    ? 
_pdbx_validate_symm_contact.site_symmetry_2   3_554 
_pdbx_validate_symm_contact.dist              2.08 
# 
loop_
_pdbx_validate_torsion.id 
_pdbx_validate_torsion.PDB_model_num 
_pdbx_validate_torsion.auth_comp_id 
_pdbx_validate_torsion.auth_asym_id 
_pdbx_validate_torsion.auth_seq_id 
_pdbx_validate_torsion.PDB_ins_code 
_pdbx_validate_torsion.label_alt_id 
_pdbx_validate_torsion.phi 
_pdbx_validate_torsion.psi 
1 1 PHE A 58 ? ? -91.32 -70.90 
2 1 PHE A 58 ? ? -91.32 -70.37 
3 1 ASP A 78 ? ? 73.15  30.70  
# 
loop_
_pdbx_unobs_or_zero_occ_atoms.id 
_pdbx_unobs_or_zero_occ_atoms.PDB_model_num 
_pdbx_unobs_or_zero_occ_atoms.polymer_flag 
_pdbx_unobs_or_zero_occ_atoms.occupancy_flag 
_pdbx_unobs_or_zero_occ_atoms.auth_asym_id 
_pdbx_unobs_or_zero_occ_atoms.auth_comp_id 
_pdbx_unobs_or_zero_occ_atoms.auth_seq_id 
_pdbx_unobs_or_zero_occ_atoms.PDB_ins_code 
_pdbx_unobs_or_zero_occ_atoms.auth_atom_id 
_pdbx_unobs_or_zero_occ_atoms.label_alt_id 
_pdbx_unobs_or_zero_occ_atoms.label_asym_id 
_pdbx_unobs_or_zero_occ_atoms.label_comp_id 
_pdbx_unobs_or_zero_occ_atoms.label_seq_id 
_pdbx_unobs_or_zero_occ_atoms.label_atom_id 
1 1 Y 1 A MET 1 ? CG  ? A MET 1 CG  
2 1 Y 1 A MET 1 ? SD  ? A MET 1 SD  
3 1 Y 1 A MET 1 ? CE  ? A MET 1 CE  
4 1 Y 0 A GLU 3 ? CD  ? A GLU 3 CD  
5 1 Y 0 A GLU 3 ? OE1 ? A GLU 3 OE1 
6 1 Y 0 A GLU 3 ? OE2 ? A GLU 3 OE2 
# 
loop_
_pdbx_unobs_or_zero_occ_residues.id 
_pdbx_unobs_or_zero_occ_residues.PDB_model_num 
_pdbx_unobs_or_zero_occ_residues.polymer_flag 
_pdbx_unobs_or_zero_occ_residues.occupancy_flag 
_pdbx_unobs_or_zero_occ_residues.auth_asym_id 
_pdbx_unobs_or_zero_occ_residues.auth_comp_id 
_pdbx_unobs_or_zero_occ_residues.auth_seq_id 
_pdbx_unobs_or_zero_occ_residues.PDB_ins_code 
_pdbx_unobs_or_zero_occ_residues.label_asym_id 
_pdbx_unobs_or_zero_occ_residues.label_comp_id 
_pdbx_unobs_or_zero_occ_residues.label_seq_id 
1 1 Y 1 A ALA 133 ? A ALA 133 
2 1 Y 1 A ALA 134 ? A ALA 134 
# 
loop_
_chem_comp_atom.comp_id 
_chem_comp_atom.atom_id 
_chem_comp_atom.type_symbol 
_chem_comp_atom.pdbx_aromatic_flag 
_chem_comp_atom.pdbx_stereo_config 
_chem_comp_atom.pdbx_ordinal 
ALA N    N N N 1   
ALA CA   C N S 2   
ALA C    C N N 3   
ALA O    O N N 4   
ALA CB   C N N 5   
ALA OXT  O N N 6   
ALA H    H N N 7   
ALA H2   H N N 8   
ALA HA   H N N 9   
ALA HB1  H N N 10  
ALA HB2  H N N 11  
ALA HB3  H N N 12  
ALA HXT  H N N 13  
ARG N    N N N 14  
ARG CA   C N S 15  
ARG C    C N N 16  
ARG O    O N N 17  
ARG CB   C N N 18  
ARG CG   C N N 19  
ARG CD   C N N 20  
ARG NE   N N N 21  
ARG CZ   C N N 22  
ARG NH1  N N N 23  
ARG NH2  N N N 24  
ARG OXT  O N N 25  
ARG H    H N N 26  
ARG H2   H N N 27  
ARG HA   H N N 28  
ARG HB2  H N N 29  
ARG HB3  H N N 30  
ARG HG2  H N N 31  
ARG HG3  H N N 32  
ARG HD2  H N N 33  
ARG HD3  H N N 34  
ARG HE   H N N 35  
ARG HH11 H N N 36  
ARG HH12 H N N 37  
ARG HH21 H N N 38  
ARG HH22 H N N 39  
ARG HXT  H N N 40  
ASN N    N N N 41  
ASN CA   C N S 42  
ASN C    C N N 43  
ASN O    O N N 44  
ASN CB   C N N 45  
ASN CG   C N N 46  
ASN OD1  O N N 47  
ASN ND2  N N N 48  
ASN OXT  O N N 49  
ASN H    H N N 50  
ASN H2   H N N 51  
ASN HA   H N N 52  
ASN HB2  H N N 53  
ASN HB3  H N N 54  
ASN HD21 H N N 55  
ASN HD22 H N N 56  
ASN HXT  H N N 57  
ASP N    N N N 58  
ASP CA   C N S 59  
ASP C    C N N 60  
ASP O    O N N 61  
ASP CB   C N N 62  
ASP CG   C N N 63  
ASP OD1  O N N 64  
ASP OD2  O N N 65  
ASP OXT  O N N 66  
ASP H    H N N 67  
ASP H2   H N N 68  
ASP HA   H N N 69  
ASP HB2  H N N 70  
ASP HB3  H N N 71  
ASP HD2  H N N 72  
ASP HXT  H N N 73  
CYS N    N N N 74  
CYS CA   C N R 75  
CYS C    C N N 76  
CYS O    O N N 77  
CYS CB   C N N 78  
CYS SG   S N N 79  
CYS OXT  O N N 80  
CYS H    H N N 81  
CYS H2   H N N 82  
CYS HA   H N N 83  
CYS HB2  H N N 84  
CYS HB3  H N N 85  
CYS HG   H N N 86  
CYS HXT  H N N 87  
GLN N    N N N 88  
GLN CA   C N S 89  
GLN C    C N N 90  
GLN O    O N N 91  
GLN CB   C N N 92  
GLN CG   C N N 93  
GLN CD   C N N 94  
GLN OE1  O N N 95  
GLN NE2  N N N 96  
GLN OXT  O N N 97  
GLN H    H N N 98  
GLN H2   H N N 99  
GLN HA   H N N 100 
GLN HB2  H N N 101 
GLN HB3  H N N 102 
GLN HG2  H N N 103 
GLN HG3  H N N 104 
GLN HE21 H N N 105 
GLN HE22 H N N 106 
GLN HXT  H N N 107 
GLU N    N N N 108 
GLU CA   C N S 109 
GLU C    C N N 110 
GLU O    O N N 111 
GLU CB   C N N 112 
GLU CG   C N N 113 
GLU CD   C N N 114 
GLU OE1  O N N 115 
GLU OE2  O N N 116 
GLU OXT  O N N 117 
GLU H    H N N 118 
GLU H2   H N N 119 
GLU HA   H N N 120 
GLU HB2  H N N 121 
GLU HB3  H N N 122 
GLU HG2  H N N 123 
GLU HG3  H N N 124 
GLU HE2  H N N 125 
GLU HXT  H N N 126 
GLY N    N N N 127 
GLY CA   C N N 128 
GLY C    C N N 129 
GLY O    O N N 130 
GLY OXT  O N N 131 
GLY H    H N N 132 
GLY H2   H N N 133 
GLY HA2  H N N 134 
GLY HA3  H N N 135 
GLY HXT  H N N 136 
HIS N    N N N 137 
HIS CA   C N S 138 
HIS C    C N N 139 
HIS O    O N N 140 
HIS CB   C N N 141 
HIS CG   C Y N 142 
HIS ND1  N Y N 143 
HIS CD2  C Y N 144 
HIS CE1  C Y N 145 
HIS NE2  N Y N 146 
HIS OXT  O N N 147 
HIS H    H N N 148 
HIS H2   H N N 149 
HIS HA   H N N 150 
HIS HB2  H N N 151 
HIS HB3  H N N 152 
HIS HD1  H N N 153 
HIS HD2  H N N 154 
HIS HE1  H N N 155 
HIS HE2  H N N 156 
HIS HXT  H N N 157 
HOH O    O N N 158 
HOH H1   H N N 159 
HOH H2   H N N 160 
ILE N    N N N 161 
ILE CA   C N S 162 
ILE C    C N N 163 
ILE O    O N N 164 
ILE CB   C N S 165 
ILE CG1  C N N 166 
ILE CG2  C N N 167 
ILE CD1  C N N 168 
ILE OXT  O N N 169 
ILE H    H N N 170 
ILE H2   H N N 171 
ILE HA   H N N 172 
ILE HB   H N N 173 
ILE HG12 H N N 174 
ILE HG13 H N N 175 
ILE HG21 H N N 176 
ILE HG22 H N N 177 
ILE HG23 H N N 178 
ILE HD11 H N N 179 
ILE HD12 H N N 180 
ILE HD13 H N N 181 
ILE HXT  H N N 182 
LEU N    N N N 183 
LEU CA   C N S 184 
LEU C    C N N 185 
LEU O    O N N 186 
LEU CB   C N N 187 
LEU CG   C N N 188 
LEU CD1  C N N 189 
LEU CD2  C N N 190 
LEU OXT  O N N 191 
LEU H    H N N 192 
LEU H2   H N N 193 
LEU HA   H N N 194 
LEU HB2  H N N 195 
LEU HB3  H N N 196 
LEU HG   H N N 197 
LEU HD11 H N N 198 
LEU HD12 H N N 199 
LEU HD13 H N N 200 
LEU HD21 H N N 201 
LEU HD22 H N N 202 
LEU HD23 H N N 203 
LEU HXT  H N N 204 
LYS N    N N N 205 
LYS CA   C N S 206 
LYS C    C N N 207 
LYS O    O N N 208 
LYS CB   C N N 209 
LYS CG   C N N 210 
LYS CD   C N N 211 
LYS CE   C N N 212 
LYS NZ   N N N 213 
LYS OXT  O N N 214 
LYS H    H N N 215 
LYS H2   H N N 216 
LYS HA   H N N 217 
LYS HB2  H N N 218 
LYS HB3  H N N 219 
LYS HG2  H N N 220 
LYS HG3  H N N 221 
LYS HD2  H N N 222 
LYS HD3  H N N 223 
LYS HE2  H N N 224 
LYS HE3  H N N 225 
LYS HZ1  H N N 226 
LYS HZ2  H N N 227 
LYS HZ3  H N N 228 
LYS HXT  H N N 229 
MET N    N N N 230 
MET CA   C N S 231 
MET C    C N N 232 
MET O    O N N 233 
MET CB   C N N 234 
MET CG   C N N 235 
MET SD   S N N 236 
MET CE   C N N 237 
MET OXT  O N N 238 
MET H    H N N 239 
MET H2   H N N 240 
MET HA   H N N 241 
MET HB2  H N N 242 
MET HB3  H N N 243 
MET HG2  H N N 244 
MET HG3  H N N 245 
MET HE1  H N N 246 
MET HE2  H N N 247 
MET HE3  H N N 248 
MET HXT  H N N 249 
PHE N    N N N 250 
PHE CA   C N S 251 
PHE C    C N N 252 
PHE O    O N N 253 
PHE CB   C N N 254 
PHE CG   C Y N 255 
PHE CD1  C Y N 256 
PHE CD2  C Y N 257 
PHE CE1  C Y N 258 
PHE CE2  C Y N 259 
PHE CZ   C Y N 260 
PHE OXT  O N N 261 
PHE H    H N N 262 
PHE H2   H N N 263 
PHE HA   H N N 264 
PHE HB2  H N N 265 
PHE HB3  H N N 266 
PHE HD1  H N N 267 
PHE HD2  H N N 268 
PHE HE1  H N N 269 
PHE HE2  H N N 270 
PHE HZ   H N N 271 
PHE HXT  H N N 272 
PRO N    N N N 273 
PRO CA   C N S 274 
PRO C    C N N 275 
PRO O    O N N 276 
PRO CB   C N N 277 
PRO CG   C N N 278 
PRO CD   C N N 279 
PRO OXT  O N N 280 
PRO H    H N N 281 
PRO HA   H N N 282 
PRO HB2  H N N 283 
PRO HB3  H N N 284 
PRO HG2  H N N 285 
PRO HG3  H N N 286 
PRO HD2  H N N 287 
PRO HD3  H N N 288 
PRO HXT  H N N 289 
SER N    N N N 290 
SER CA   C N S 291 
SER C    C N N 292 
SER O    O N N 293 
SER CB   C N N 294 
SER OG   O N N 295 
SER OXT  O N N 296 
SER H    H N N 297 
SER H2   H N N 298 
SER HA   H N N 299 
SER HB2  H N N 300 
SER HB3  H N N 301 
SER HG   H N N 302 
SER HXT  H N N 303 
THR N    N N N 304 
THR CA   C N S 305 
THR C    C N N 306 
THR O    O N N 307 
THR CB   C N R 308 
THR OG1  O N N 309 
THR CG2  C N N 310 
THR OXT  O N N 311 
THR H    H N N 312 
THR H2   H N N 313 
THR HA   H N N 314 
THR HB   H N N 315 
THR HG1  H N N 316 
THR HG21 H N N 317 
THR HG22 H N N 318 
THR HG23 H N N 319 
THR HXT  H N N 320 
TRP N    N N N 321 
TRP CA   C N S 322 
TRP C    C N N 323 
TRP O    O N N 324 
TRP CB   C N N 325 
TRP CG   C Y N 326 
TRP CD1  C Y N 327 
TRP CD2  C Y N 328 
TRP NE1  N Y N 329 
TRP CE2  C Y N 330 
TRP CE3  C Y N 331 
TRP CZ2  C Y N 332 
TRP CZ3  C Y N 333 
TRP CH2  C Y N 334 
TRP OXT  O N N 335 
TRP H    H N N 336 
TRP H2   H N N 337 
TRP HA   H N N 338 
TRP HB2  H N N 339 
TRP HB3  H N N 340 
TRP HD1  H N N 341 
TRP HE1  H N N 342 
TRP HE3  H N N 343 
TRP HZ2  H N N 344 
TRP HZ3  H N N 345 
TRP HH2  H N N 346 
TRP HXT  H N N 347 
TYR N    N N N 348 
TYR CA   C N S 349 
TYR C    C N N 350 
TYR O    O N N 351 
TYR CB   C N N 352 
TYR CG   C Y N 353 
TYR CD1  C Y N 354 
TYR CD2  C Y N 355 
TYR CE1  C Y N 356 
TYR CE2  C Y N 357 
TYR CZ   C Y N 358 
TYR OH   O N N 359 
TYR OXT  O N N 360 
TYR H    H N N 361 
TYR H2   H N N 362 
TYR HA   H N N 363 
TYR HB2  H N N 364 
TYR HB3  H N N 365 
TYR HD1  H N N 366 
TYR HD2  H N N 367 
TYR HE1  H N N 368 
TYR HE2  H N N 369 
TYR HH   H N N 370 
TYR HXT  H N N 371 
VAL N    N N N 372 
VAL CA   C N S 373 
VAL C    C N N 374 
VAL O    O N N 375 
VAL CB   C N N 376 
VAL CG1  C N N 377 
VAL CG2  C N N 378 
VAL OXT  O N N 379 
VAL H    H N N 380 
VAL H2   H N N 381 
VAL HA   H N N 382 
VAL HB   H N N 383 
VAL HG11 H N N 384 
VAL HG12 H N N 385 
VAL HG13 H N N 386 
VAL HG21 H N N 387 
VAL HG22 H N N 388 
VAL HG23 H N N 389 
VAL HXT  H N N 390 
# 
loop_
_chem_comp_bond.comp_id 
_chem_comp_bond.atom_id_1 
_chem_comp_bond.atom_id_2 
_chem_comp_bond.value_order 
_chem_comp_bond.pdbx_aromatic_flag 
_chem_comp_bond.pdbx_stereo_config 
_chem_comp_bond.pdbx_ordinal 
ALA N   CA   sing N N 1   
ALA N   H    sing N N 2   
ALA N   H2   sing N N 3   
ALA CA  C    sing N N 4   
ALA CA  CB   sing N N 5   
ALA CA  HA   sing N N 6   
ALA C   O    doub N N 7   
ALA C   OXT  sing N N 8   
ALA CB  HB1  sing N N 9   
ALA CB  HB2  sing N N 10  
ALA CB  HB3  sing N N 11  
ALA OXT HXT  sing N N 12  
ARG N   CA   sing N N 13  
ARG N   H    sing N N 14  
ARG N   H2   sing N N 15  
ARG CA  C    sing N N 16  
ARG CA  CB   sing N N 17  
ARG CA  HA   sing N N 18  
ARG C   O    doub N N 19  
ARG C   OXT  sing N N 20  
ARG CB  CG   sing N N 21  
ARG CB  HB2  sing N N 22  
ARG CB  HB3  sing N N 23  
ARG CG  CD   sing N N 24  
ARG CG  HG2  sing N N 25  
ARG CG  HG3  sing N N 26  
ARG CD  NE   sing N N 27  
ARG CD  HD2  sing N N 28  
ARG CD  HD3  sing N N 29  
ARG NE  CZ   sing N N 30  
ARG NE  HE   sing N N 31  
ARG CZ  NH1  sing N N 32  
ARG CZ  NH2  doub N N 33  
ARG NH1 HH11 sing N N 34  
ARG NH1 HH12 sing N N 35  
ARG NH2 HH21 sing N N 36  
ARG NH2 HH22 sing N N 37  
ARG OXT HXT  sing N N 38  
ASN N   CA   sing N N 39  
ASN N   H    sing N N 40  
ASN N   H2   sing N N 41  
ASN CA  C    sing N N 42  
ASN CA  CB   sing N N 43  
ASN CA  HA   sing N N 44  
ASN C   O    doub N N 45  
ASN C   OXT  sing N N 46  
ASN CB  CG   sing N N 47  
ASN CB  HB2  sing N N 48  
ASN CB  HB3  sing N N 49  
ASN CG  OD1  doub N N 50  
ASN CG  ND2  sing N N 51  
ASN ND2 HD21 sing N N 52  
ASN ND2 HD22 sing N N 53  
ASN OXT HXT  sing N N 54  
ASP N   CA   sing N N 55  
ASP N   H    sing N N 56  
ASP N   H2   sing N N 57  
ASP CA  C    sing N N 58  
ASP CA  CB   sing N N 59  
ASP CA  HA   sing N N 60  
ASP C   O    doub N N 61  
ASP C   OXT  sing N N 62  
ASP CB  CG   sing N N 63  
ASP CB  HB2  sing N N 64  
ASP CB  HB3  sing N N 65  
ASP CG  OD1  doub N N 66  
ASP CG  OD2  sing N N 67  
ASP OD2 HD2  sing N N 68  
ASP OXT HXT  sing N N 69  
CYS N   CA   sing N N 70  
CYS N   H    sing N N 71  
CYS N   H2   sing N N 72  
CYS CA  C    sing N N 73  
CYS CA  CB   sing N N 74  
CYS CA  HA   sing N N 75  
CYS C   O    doub N N 76  
CYS C   OXT  sing N N 77  
CYS CB  SG   sing N N 78  
CYS CB  HB2  sing N N 79  
CYS CB  HB3  sing N N 80  
CYS SG  HG   sing N N 81  
CYS OXT HXT  sing N N 82  
GLN N   CA   sing N N 83  
GLN N   H    sing N N 84  
GLN N   H2   sing N N 85  
GLN CA  C    sing N N 86  
GLN CA  CB   sing N N 87  
GLN CA  HA   sing N N 88  
GLN C   O    doub N N 89  
GLN C   OXT  sing N N 90  
GLN CB  CG   sing N N 91  
GLN CB  HB2  sing N N 92  
GLN CB  HB3  sing N N 93  
GLN CG  CD   sing N N 94  
GLN CG  HG2  sing N N 95  
GLN CG  HG3  sing N N 96  
GLN CD  OE1  doub N N 97  
GLN CD  NE2  sing N N 98  
GLN NE2 HE21 sing N N 99  
GLN NE2 HE22 sing N N 100 
GLN OXT HXT  sing N N 101 
GLU N   CA   sing N N 102 
GLU N   H    sing N N 103 
GLU N   H2   sing N N 104 
GLU CA  C    sing N N 105 
GLU CA  CB   sing N N 106 
GLU CA  HA   sing N N 107 
GLU C   O    doub N N 108 
GLU C   OXT  sing N N 109 
GLU CB  CG   sing N N 110 
GLU CB  HB2  sing N N 111 
GLU CB  HB3  sing N N 112 
GLU CG  CD   sing N N 113 
GLU CG  HG2  sing N N 114 
GLU CG  HG3  sing N N 115 
GLU CD  OE1  doub N N 116 
GLU CD  OE2  sing N N 117 
GLU OE2 HE2  sing N N 118 
GLU OXT HXT  sing N N 119 
GLY N   CA   sing N N 120 
GLY N   H    sing N N 121 
GLY N   H2   sing N N 122 
GLY CA  C    sing N N 123 
GLY CA  HA2  sing N N 124 
GLY CA  HA3  sing N N 125 
GLY C   O    doub N N 126 
GLY C   OXT  sing N N 127 
GLY OXT HXT  sing N N 128 
HIS N   CA   sing N N 129 
HIS N   H    sing N N 130 
HIS N   H2   sing N N 131 
HIS CA  C    sing N N 132 
HIS CA  CB   sing N N 133 
HIS CA  HA   sing N N 134 
HIS C   O    doub N N 135 
HIS C   OXT  sing N N 136 
HIS CB  CG   sing N N 137 
HIS CB  HB2  sing N N 138 
HIS CB  HB3  sing N N 139 
HIS CG  ND1  sing Y N 140 
HIS CG  CD2  doub Y N 141 
HIS ND1 CE1  doub Y N 142 
HIS ND1 HD1  sing N N 143 
HIS CD2 NE2  sing Y N 144 
HIS CD2 HD2  sing N N 145 
HIS CE1 NE2  sing Y N 146 
HIS CE1 HE1  sing N N 147 
HIS NE2 HE2  sing N N 148 
HIS OXT HXT  sing N N 149 
HOH O   H1   sing N N 150 
HOH O   H2   sing N N 151 
ILE N   CA   sing N N 152 
ILE N   H    sing N N 153 
ILE N   H2   sing N N 154 
ILE CA  C    sing N N 155 
ILE CA  CB   sing N N 156 
ILE CA  HA   sing N N 157 
ILE C   O    doub N N 158 
ILE C   OXT  sing N N 159 
ILE CB  CG1  sing N N 160 
ILE CB  CG2  sing N N 161 
ILE CB  HB   sing N N 162 
ILE CG1 CD1  sing N N 163 
ILE CG1 HG12 sing N N 164 
ILE CG1 HG13 sing N N 165 
ILE CG2 HG21 sing N N 166 
ILE CG2 HG22 sing N N 167 
ILE CG2 HG23 sing N N 168 
ILE CD1 HD11 sing N N 169 
ILE CD1 HD12 sing N N 170 
ILE CD1 HD13 sing N N 171 
ILE OXT HXT  sing N N 172 
LEU N   CA   sing N N 173 
LEU N   H    sing N N 174 
LEU N   H2   sing N N 175 
LEU CA  C    sing N N 176 
LEU CA  CB   sing N N 177 
LEU CA  HA   sing N N 178 
LEU C   O    doub N N 179 
LEU C   OXT  sing N N 180 
LEU CB  CG   sing N N 181 
LEU CB  HB2  sing N N 182 
LEU CB  HB3  sing N N 183 
LEU CG  CD1  sing N N 184 
LEU CG  CD2  sing N N 185 
LEU CG  HG   sing N N 186 
LEU CD1 HD11 sing N N 187 
LEU CD1 HD12 sing N N 188 
LEU CD1 HD13 sing N N 189 
LEU CD2 HD21 sing N N 190 
LEU CD2 HD22 sing N N 191 
LEU CD2 HD23 sing N N 192 
LEU OXT HXT  sing N N 193 
LYS N   CA   sing N N 194 
LYS N   H    sing N N 195 
LYS N   H2   sing N N 196 
LYS CA  C    sing N N 197 
LYS CA  CB   sing N N 198 
LYS CA  HA   sing N N 199 
LYS C   O    doub N N 200 
LYS C   OXT  sing N N 201 
LYS CB  CG   sing N N 202 
LYS CB  HB2  sing N N 203 
LYS CB  HB3  sing N N 204 
LYS CG  CD   sing N N 205 
LYS CG  HG2  sing N N 206 
LYS CG  HG3  sing N N 207 
LYS CD  CE   sing N N 208 
LYS CD  HD2  sing N N 209 
LYS CD  HD3  sing N N 210 
LYS CE  NZ   sing N N 211 
LYS CE  HE2  sing N N 212 
LYS CE  HE3  sing N N 213 
LYS NZ  HZ1  sing N N 214 
LYS NZ  HZ2  sing N N 215 
LYS NZ  HZ3  sing N N 216 
LYS OXT HXT  sing N N 217 
MET N   CA   sing N N 218 
MET N   H    sing N N 219 
MET N   H2   sing N N 220 
MET CA  C    sing N N 221 
MET CA  CB   sing N N 222 
MET CA  HA   sing N N 223 
MET C   O    doub N N 224 
MET C   OXT  sing N N 225 
MET CB  CG   sing N N 226 
MET CB  HB2  sing N N 227 
MET CB  HB3  sing N N 228 
MET CG  SD   sing N N 229 
MET CG  HG2  sing N N 230 
MET CG  HG3  sing N N 231 
MET SD  CE   sing N N 232 
MET CE  HE1  sing N N 233 
MET CE  HE2  sing N N 234 
MET CE  HE3  sing N N 235 
MET OXT HXT  sing N N 236 
PHE N   CA   sing N N 237 
PHE N   H    sing N N 238 
PHE N   H2   sing N N 239 
PHE CA  C    sing N N 240 
PHE CA  CB   sing N N 241 
PHE CA  HA   sing N N 242 
PHE C   O    doub N N 243 
PHE C   OXT  sing N N 244 
PHE CB  CG   sing N N 245 
PHE CB  HB2  sing N N 246 
PHE CB  HB3  sing N N 247 
PHE CG  CD1  doub Y N 248 
PHE CG  CD2  sing Y N 249 
PHE CD1 CE1  sing Y N 250 
PHE CD1 HD1  sing N N 251 
PHE CD2 CE2  doub Y N 252 
PHE CD2 HD2  sing N N 253 
PHE CE1 CZ   doub Y N 254 
PHE CE1 HE1  sing N N 255 
PHE CE2 CZ   sing Y N 256 
PHE CE2 HE2  sing N N 257 
PHE CZ  HZ   sing N N 258 
PHE OXT HXT  sing N N 259 
PRO N   CA   sing N N 260 
PRO N   CD   sing N N 261 
PRO N   H    sing N N 262 
PRO CA  C    sing N N 263 
PRO CA  CB   sing N N 264 
PRO CA  HA   sing N N 265 
PRO C   O    doub N N 266 
PRO C   OXT  sing N N 267 
PRO CB  CG   sing N N 268 
PRO CB  HB2  sing N N 269 
PRO CB  HB3  sing N N 270 
PRO CG  CD   sing N N 271 
PRO CG  HG2  sing N N 272 
PRO CG  HG3  sing N N 273 
PRO CD  HD2  sing N N 274 
PRO CD  HD3  sing N N 275 
PRO OXT HXT  sing N N 276 
SER N   CA   sing N N 277 
SER N   H    sing N N 278 
SER N   H2   sing N N 279 
SER CA  C    sing N N 280 
SER CA  CB   sing N N 281 
SER CA  HA   sing N N 282 
SER C   O    doub N N 283 
SER C   OXT  sing N N 284 
SER CB  OG   sing N N 285 
SER CB  HB2  sing N N 286 
SER CB  HB3  sing N N 287 
SER OG  HG   sing N N 288 
SER OXT HXT  sing N N 289 
THR N   CA   sing N N 290 
THR N   H    sing N N 291 
THR N   H2   sing N N 292 
THR CA  C    sing N N 293 
THR CA  CB   sing N N 294 
THR CA  HA   sing N N 295 
THR C   O    doub N N 296 
THR C   OXT  sing N N 297 
THR CB  OG1  sing N N 298 
THR CB  CG2  sing N N 299 
THR CB  HB   sing N N 300 
THR OG1 HG1  sing N N 301 
THR CG2 HG21 sing N N 302 
THR CG2 HG22 sing N N 303 
THR CG2 HG23 sing N N 304 
THR OXT HXT  sing N N 305 
TRP N   CA   sing N N 306 
TRP N   H    sing N N 307 
TRP N   H2   sing N N 308 
TRP CA  C    sing N N 309 
TRP CA  CB   sing N N 310 
TRP CA  HA   sing N N 311 
TRP C   O    doub N N 312 
TRP C   OXT  sing N N 313 
TRP CB  CG   sing N N 314 
TRP CB  HB2  sing N N 315 
TRP CB  HB3  sing N N 316 
TRP CG  CD1  doub Y N 317 
TRP CG  CD2  sing Y N 318 
TRP CD1 NE1  sing Y N 319 
TRP CD1 HD1  sing N N 320 
TRP CD2 CE2  doub Y N 321 
TRP CD2 CE3  sing Y N 322 
TRP NE1 CE2  sing Y N 323 
TRP NE1 HE1  sing N N 324 
TRP CE2 CZ2  sing Y N 325 
TRP CE3 CZ3  doub Y N 326 
TRP CE3 HE3  sing N N 327 
TRP CZ2 CH2  doub Y N 328 
TRP CZ2 HZ2  sing N N 329 
TRP CZ3 CH2  sing Y N 330 
TRP CZ3 HZ3  sing N N 331 
TRP CH2 HH2  sing N N 332 
TRP OXT HXT  sing N N 333 
TYR N   CA   sing N N 334 
TYR N   H    sing N N 335 
TYR N   H2   sing N N 336 
TYR CA  C    sing N N 337 
TYR CA  CB   sing N N 338 
TYR CA  HA   sing N N 339 
TYR C   O    doub N N 340 
TYR C   OXT  sing N N 341 
TYR CB  CG   sing N N 342 
TYR CB  HB2  sing N N 343 
TYR CB  HB3  sing N N 344 
TYR CG  CD1  doub Y N 345 
TYR CG  CD2  sing Y N 346 
TYR CD1 CE1  sing Y N 347 
TYR CD1 HD1  sing N N 348 
TYR CD2 CE2  doub Y N 349 
TYR CD2 HD2  sing N N 350 
TYR CE1 CZ   doub Y N 351 
TYR CE1 HE1  sing N N 352 
TYR CE2 CZ   sing Y N 353 
TYR CE2 HE2  sing N N 354 
TYR CZ  OH   sing N N 355 
TYR OH  HH   sing N N 356 
TYR OXT HXT  sing N N 357 
VAL N   CA   sing N N 358 
VAL N   H    sing N N 359 
VAL N   H2   sing N N 360 
VAL CA  C    sing N N 361 
VAL CA  CB   sing N N 362 
VAL CA  HA   sing N N 363 
VAL C   O    doub N N 364 
VAL C   OXT  sing N N 365 
VAL CB  CG1  sing N N 366 
VAL CB  CG2  sing N N 367 
VAL CB  HB   sing N N 368 
VAL CG1 HG11 sing N N 369 
VAL CG1 HG12 sing N N 370 
VAL CG1 HG13 sing N N 371 
VAL CG2 HG21 sing N N 372 
VAL CG2 HG22 sing N N 373 
VAL CG2 HG23 sing N N 374 
VAL OXT HXT  sing N N 375 
# 
loop_
_pdbx_audit_support.funding_organization 
_pdbx_audit_support.country 
_pdbx_audit_support.grant_number 
_pdbx_audit_support.ordinal 
'National Natural Science Foundation of China'           China 3187072      1 
'National Natural Science Foundation of China'           China 31470738     2 
'National Basic Research Program of China (973 Program)' China 2014CB910103 3 
# 
_pdbx_entity_nonpoly.entity_id   2 
_pdbx_entity_nonpoly.name        water 
_pdbx_entity_nonpoly.comp_id     HOH 
# 
_pdbx_initial_refinement_model.id               1 
_pdbx_initial_refinement_model.entity_id_list   ? 
_pdbx_initial_refinement_model.type             'experimental model' 
_pdbx_initial_refinement_model.source_name      PDB 
_pdbx_initial_refinement_model.accession_code   1FE3 
_pdbx_initial_refinement_model.details          ? 
# 
_pdbx_struct_assembly_auth_evidence.id                     1 
_pdbx_struct_assembly_auth_evidence.assembly_id            1 
_pdbx_struct_assembly_auth_evidence.experimental_support   'native gel electrophoresis' 
_pdbx_struct_assembly_auth_evidence.details                ? 
# 
